data_8EFL
#
_entry.id   8EFL
#
_cell.length_a   1.00
_cell.length_b   1.00
_cell.length_c   1.00
_cell.angle_alpha   90.00
_cell.angle_beta   90.00
_cell.angle_gamma   90.00
#
_symmetry.space_group_name_H-M   'P 1'
#
loop_
_entity.id
_entity.type
_entity.pdbx_description
1 polymer 'Mu-type opioid receptor'
2 polymer 'Guanine nucleotide-binding protein G(i) subunit alpha-1'
3 polymer 'Guanine nucleotide-binding protein G(I)/G(S)/G(T) subunit beta-1'
4 polymer 'Guanine nucleotide-binding protein G(I)/G(S)/G(O) subunit gamma-2'
5 polymer scFv16
6 non-polymer 5,6-dichloro-1-{1-[(4-chlorophenyl)methyl]piperidin-4-yl}-1,3-dihydro-2H-benzimidazol-2-one
7 non-polymer CHOLESTEROL
#
loop_
_entity_poly.entity_id
_entity_poly.type
_entity_poly.pdbx_seq_one_letter_code
_entity_poly.pdbx_strand_id
1 'polypeptide(L)'
;DSSAAPTNASNCTDALAYSSCSPAPSPGSWVNLSHLDGNLSDPCGPNRTDLGGRDSLCPPTGSPSMITAITIMALYSIVC
VVGLFGNFLVMYVIVRYTKMKTATNIYIFNLALADALATSTLPFQSVNYLMGTWPFGTILCKIVISIDYYNMFTSIFTLC
TMSVDRYIAVCHPVKALDFRTPRNAKIINVCNWILSSAIGLPVMFMATTKYRQGSIDCTLTFSHPTWYWENLLKICVFIF
AFIMPVLIITVCYGLMILRLKSVRMLSGSKEKDRNLRRITRMVLVVVAVFIVCWTPIHIYVIIKALVTIPETTFQTVSWH
FCIALGYTNSCLNPVLYAFLDENFKRCFREFCIPTSSNIEQQNSTRI
;
R,M
2 'polypeptide(L)'
;MGCTLSAEDKAAVERSKMIDRNLREDGEKAAREVKLLLLGAGESGKSTIVKQMKIIHEAGYSEEECKQYKAVVYSNTIQS
IIAIIRAMGRLKIDFGDSARADDARQLFVLAGAAEEGFMTAELAGVIKRLWKDSGVQACFNRSREYQLNDSAAYYLNDLD
RIAQPNYIPTQQDVLRTRVKTTGIVETHFTFKDLHFKMFDVGAQRSERKKWIHCFEGVTAIIFCVALSDYDLVLAEDEEM
NRMHESMKLFDSICNNKWFTDTSIILFLNKKDLFEEKIKKSPLTICYPEYAGSNTYEEAAAYIQCQFEDLNKRKDTKEIY
THFTCSTDTKNVQFVFDAVTDVIIKNNLKDCGLF
;
A,F
3 'polypeptide(L)'
;MHHHHHHHHGSLLQSELDQLRQEAEQLKNQIRDARKACADATLSQITNNIDPVGRIQMRTRRTLRGHLAKIYAMHWGTDS
RLLVSASQDGKLIIWDSYTTNKVHAIPLRSSWVMTCAYAPSGNYVACGGLDNICSIYNLKTREGNVRVSRELAGHTGYLS
CCRFLDDNQIVTSSGDTTCALWDIETGQQTTTFTGHTGDVMSLSLAPDTRLFVSGACDASAKLWDVREGMCRQTFTGHES
DINAICFFPNGNAFATGSDDATCRLFDLRADQELMTYSHDNIICGITSVSFSKSGRLLLAGYDDFNCNVWDALKADRAGV
LAGHDNRVSCLGVTDDGMAVATGSWDSFLKIWN
;
B
4 'polypeptide(L)' MASNNTASIAQARKLVEQLKMEANIDRIKVSKAAADLMAYCEAHAKEDPLLTPVPASENPFREKKFFC C
5 'polypeptide(L)'
;MVQLVESGGGLVQPGGSRKLSCSASGFAFSSFGMHWVRQAPEKGLEWVAYISSGSGTIYYADTVKGRFTISRDDPKNTLF
LQMTSLRSEDTAMYYCVRSIYYYGSSPFDFWGQGTTLTVSAGGGGSGGGGSGGGGSADIVMTQATSSVPVTPGESVSISC
RSSKSLLHSNGNTYLYWFLQRPGQSPQLLIYRMSNLASGVPDRFSGSGSGTAFTLTISRLEAEDVGVYYCMQHLEYPLTF
GAGTKLEL
;
E
#
# COMPACT_ATOMS: atom_id res chain seq x y z
N SER A 65 48.78 34.35 -7.67
CA SER A 65 48.21 33.91 -8.93
C SER A 65 48.17 32.38 -9.02
N MET A 66 49.35 31.77 -9.00
CA MET A 66 49.44 30.31 -9.04
C MET A 66 48.91 29.69 -7.75
N ILE A 67 49.22 30.30 -6.60
CA ILE A 67 48.75 29.80 -5.30
C ILE A 67 47.24 29.88 -5.20
N THR A 68 46.65 30.95 -5.74
CA THR A 68 45.19 31.10 -5.76
C THR A 68 44.54 30.03 -6.63
N ALA A 69 45.12 29.76 -7.80
CA ALA A 69 44.59 28.72 -8.69
C ALA A 69 44.68 27.34 -8.08
N ILE A 70 45.81 27.03 -7.42
CA ILE A 70 45.98 25.75 -6.72
C ILE A 70 44.97 25.62 -5.58
N THR A 71 44.72 26.71 -4.85
CA THR A 71 43.75 26.71 -3.77
C THR A 71 42.33 26.46 -4.28
N ILE A 72 41.96 27.13 -5.37
CA ILE A 72 40.63 26.97 -5.96
C ILE A 72 40.44 25.55 -6.51
N MET A 73 41.45 25.02 -7.21
CA MET A 73 41.38 23.65 -7.74
C MET A 73 41.29 22.62 -6.62
N ALA A 74 42.08 22.80 -5.55
CA ALA A 74 42.03 21.90 -4.41
C ALA A 74 40.68 21.96 -3.70
N LEU A 75 40.11 23.16 -3.57
CA LEU A 75 38.79 23.33 -2.96
C LEU A 75 37.71 22.59 -3.73
N TYR A 76 37.63 22.83 -5.05
CA TYR A 76 36.65 22.13 -5.88
C TYR A 76 36.87 20.62 -5.88
N SER A 77 38.14 20.18 -5.92
CA SER A 77 38.44 18.75 -5.94
C SER A 77 38.03 18.07 -4.63
N ILE A 78 38.33 18.69 -3.48
CA ILE A 78 37.97 18.10 -2.19
C ILE A 78 36.44 18.04 -2.03
N VAL A 79 35.74 19.13 -2.39
CA VAL A 79 34.28 19.15 -2.27
C VAL A 79 33.64 18.09 -3.18
N CYS A 80 34.13 17.97 -4.42
CA CYS A 80 33.58 16.99 -5.35
C CYS A 80 33.85 15.55 -4.90
N VAL A 81 35.08 15.26 -4.46
CA VAL A 81 35.43 13.90 -4.06
C VAL A 81 34.65 13.45 -2.83
N VAL A 82 34.56 14.32 -1.80
CA VAL A 82 33.82 13.96 -0.60
C VAL A 82 32.33 13.84 -0.88
N GLY A 83 31.78 14.73 -1.72
CA GLY A 83 30.37 14.65 -2.06
C GLY A 83 30.01 13.40 -2.84
N LEU A 84 30.82 13.05 -3.85
CA LEU A 84 30.57 11.83 -4.62
C LEU A 84 30.74 10.58 -3.77
N PHE A 85 31.77 10.55 -2.91
CA PHE A 85 31.99 9.38 -2.05
C PHE A 85 30.83 9.17 -1.08
N GLY A 86 30.35 10.26 -0.46
CA GLY A 86 29.22 10.15 0.44
C GLY A 86 27.93 9.76 -0.26
N ASN A 87 27.67 10.35 -1.43
CA ASN A 87 26.44 10.06 -2.17
C ASN A 87 26.39 8.63 -2.67
N PHE A 88 27.49 8.15 -3.29
CA PHE A 88 27.53 6.77 -3.76
C PHE A 88 27.54 5.77 -2.61
N LEU A 89 28.17 6.11 -1.46
CA LEU A 89 28.09 5.23 -0.29
C LEU A 89 26.66 5.09 0.22
N VAL A 90 25.93 6.21 0.30
CA VAL A 90 24.53 6.17 0.72
C VAL A 90 23.68 5.39 -0.28
N MET A 91 23.97 5.55 -1.59
CA MET A 91 23.29 4.75 -2.62
C MET A 91 23.52 3.26 -2.44
N TYR A 92 24.78 2.88 -2.17
CA TYR A 92 25.10 1.46 -1.99
C TYR A 92 24.43 0.88 -0.75
N VAL A 93 24.41 1.65 0.35
CA VAL A 93 23.78 1.18 1.58
C VAL A 93 22.27 1.03 1.42
N ILE A 94 21.62 1.98 0.72
CA ILE A 94 20.18 1.91 0.52
C ILE A 94 19.81 0.77 -0.43
N VAL A 95 20.43 0.75 -1.63
CA VAL A 95 20.06 -0.23 -2.65
C VAL A 95 20.44 -1.65 -2.23
N ARG A 96 21.67 -1.82 -1.72
CA ARG A 96 22.17 -3.16 -1.39
C ARG A 96 21.40 -3.80 -0.24
N TYR A 97 21.14 -3.05 0.84
CA TYR A 97 20.61 -3.62 2.07
C TYR A 97 19.15 -3.25 2.31
N THR A 98 18.83 -1.95 2.34
CA THR A 98 17.51 -1.50 2.76
C THR A 98 16.47 -1.71 1.66
N LYS A 99 16.86 -1.49 0.40
CA LYS A 99 16.08 -1.79 -0.81
C LYS A 99 14.77 -0.99 -0.89
N MET A 100 14.78 0.22 -0.31
CA MET A 100 13.71 1.22 -0.38
C MET A 100 12.32 0.66 -0.03
N LYS A 101 12.18 0.21 1.21
CA LYS A 101 10.90 -0.31 1.69
C LYS A 101 10.09 0.70 2.48
N THR A 102 10.68 1.83 2.85
CA THR A 102 9.98 2.86 3.62
C THR A 102 10.12 4.17 2.86
N ALA A 103 9.27 5.14 3.20
CA ALA A 103 9.25 6.43 2.51
C ALA A 103 10.50 7.24 2.78
N THR A 104 11.00 7.21 4.02
CA THR A 104 12.19 7.97 4.41
C THR A 104 13.41 7.52 3.62
N ASN A 105 13.50 6.22 3.35
CA ASN A 105 14.59 5.68 2.54
C ASN A 105 14.49 6.18 1.09
N ILE A 106 13.27 6.33 0.58
CA ILE A 106 13.07 6.87 -0.76
C ILE A 106 13.51 8.33 -0.82
N TYR A 107 13.18 9.12 0.21
CA TYR A 107 13.60 10.53 0.23
C TYR A 107 15.12 10.67 0.35
N ILE A 108 15.75 9.83 1.18
CA ILE A 108 17.20 9.88 1.33
C ILE A 108 17.90 9.44 0.04
N PHE A 109 17.32 8.45 -0.67
CA PHE A 109 17.86 8.03 -1.96
C PHE A 109 17.73 9.13 -3.01
N ASN A 110 16.62 9.86 -3.00
CA ASN A 110 16.44 10.96 -3.94
C ASN A 110 17.40 12.12 -3.65
N LEU A 111 17.63 12.41 -2.36
CA LEU A 111 18.66 13.38 -1.99
C LEU A 111 20.04 12.93 -2.45
N ALA A 112 20.35 11.64 -2.27
CA ALA A 112 21.63 11.09 -2.72
C ALA A 112 21.81 11.24 -4.22
N LEU A 113 20.76 10.97 -5.00
CA LEU A 113 20.85 11.08 -6.45
C LEU A 113 21.02 12.53 -6.89
N ALA A 114 20.23 13.45 -6.33
CA ALA A 114 20.32 14.86 -6.71
C ALA A 114 21.67 15.47 -6.31
N ASP A 115 22.15 15.16 -5.10
CA ASP A 115 23.45 15.65 -4.66
C ASP A 115 24.59 15.04 -5.46
N ALA A 116 24.45 13.75 -5.84
CA ALA A 116 25.46 13.11 -6.67
C ALA A 116 25.57 13.76 -8.04
N LEU A 117 24.44 14.07 -8.67
CA LEU A 117 24.48 14.72 -9.97
C LEU A 117 25.01 16.16 -9.86
N ALA A 118 24.63 16.87 -8.79
CA ALA A 118 25.11 18.24 -8.59
C ALA A 118 26.62 18.28 -8.35
N THR A 119 27.14 17.34 -7.57
CA THR A 119 28.59 17.26 -7.40
C THR A 119 29.30 16.72 -8.64
N SER A 120 28.61 15.90 -9.45
CA SER A 120 29.22 15.40 -10.67
C SER A 120 29.40 16.49 -11.71
N THR A 121 28.53 17.50 -11.70
CA THR A 121 28.70 18.61 -12.65
C THR A 121 29.82 19.57 -12.27
N LEU A 122 30.42 19.43 -11.10
CA LEU A 122 31.45 20.32 -10.56
C LEU A 122 32.84 20.25 -11.21
N PRO A 123 33.41 19.06 -11.55
CA PRO A 123 34.73 19.08 -12.23
C PRO A 123 34.72 19.75 -13.59
N PHE A 124 33.59 19.76 -14.30
CA PHE A 124 33.52 20.52 -15.54
C PHE A 124 33.63 22.02 -15.28
N GLN A 125 33.07 22.50 -14.18
CA GLN A 125 33.28 23.88 -13.76
C GLN A 125 34.74 24.13 -13.41
N SER A 126 35.38 23.15 -12.77
CA SER A 126 36.81 23.28 -12.43
C SER A 126 37.68 23.35 -13.67
N VAL A 127 37.41 22.50 -14.67
CA VAL A 127 38.13 22.53 -15.94
C VAL A 127 37.88 23.82 -16.69
N ASN A 128 36.62 24.31 -16.66
CA ASN A 128 36.28 25.61 -17.25
C ASN A 128 37.09 26.74 -16.63
N TYR A 129 37.17 26.79 -15.30
CA TYR A 129 37.98 27.83 -14.64
C TYR A 129 39.46 27.67 -14.93
N LEU A 130 39.99 26.44 -14.88
CA LEU A 130 41.42 26.22 -15.05
C LEU A 130 41.89 26.54 -16.47
N MET A 131 41.18 26.04 -17.48
CA MET A 131 41.55 26.28 -18.87
C MET A 131 41.32 27.74 -19.25
N GLY A 132 40.24 28.34 -18.76
CA GLY A 132 39.84 29.67 -19.17
C GLY A 132 38.93 29.72 -20.36
N THR A 133 38.48 28.57 -20.86
CA THR A 133 37.59 28.50 -22.01
C THR A 133 36.77 27.23 -21.89
N TRP A 134 35.86 27.03 -22.83
CA TRP A 134 34.98 25.86 -22.84
C TRP A 134 35.23 25.03 -24.09
N PRO A 135 36.00 23.96 -24.02
CA PRO A 135 36.27 23.13 -25.20
C PRO A 135 35.32 21.95 -25.37
N PHE A 136 34.41 21.73 -24.43
CA PHE A 136 33.57 20.54 -24.45
C PHE A 136 32.52 20.59 -25.56
N GLY A 137 31.94 21.76 -25.81
CA GLY A 137 30.95 21.92 -26.85
C GLY A 137 29.63 22.46 -26.30
N THR A 138 28.77 22.84 -27.24
CA THR A 138 27.50 23.49 -26.91
C THR A 138 26.52 22.52 -26.27
N ILE A 139 26.43 21.29 -26.81
CA ILE A 139 25.46 20.31 -26.33
C ILE A 139 25.75 19.88 -24.91
N LEU A 140 27.02 19.59 -24.61
CA LEU A 140 27.40 19.23 -23.25
C LEU A 140 27.27 20.41 -22.30
N CYS A 141 27.48 21.63 -22.79
CA CYS A 141 27.21 22.84 -22.01
C CYS A 141 25.75 22.90 -21.58
N LYS A 142 24.83 22.63 -22.53
CA LYS A 142 23.40 22.62 -22.23
C LYS A 142 23.06 21.54 -21.22
N ILE A 143 23.60 20.34 -21.42
CA ILE A 143 23.32 19.19 -20.55
C ILE A 143 23.79 19.47 -19.12
N VAL A 144 25.02 19.98 -18.98
CA VAL A 144 25.59 20.18 -17.65
C VAL A 144 24.89 21.32 -16.90
N ILE A 145 24.62 22.44 -17.59
CA ILE A 145 23.93 23.56 -16.92
C ILE A 145 22.50 23.17 -16.52
N SER A 146 21.80 22.45 -17.40
CA SER A 146 20.44 22.01 -17.10
C SER A 146 20.41 21.03 -15.93
N ILE A 147 21.34 20.07 -15.91
CA ILE A 147 21.43 19.12 -14.80
C ILE A 147 21.81 19.83 -13.50
N ASP A 148 22.65 20.87 -13.57
CA ASP A 148 23.06 21.62 -12.39
C ASP A 148 21.87 22.33 -11.74
N TYR A 149 21.14 23.13 -12.53
CA TYR A 149 19.96 23.83 -11.99
C TYR A 149 18.86 22.85 -11.57
N TYR A 150 18.66 21.80 -12.37
CA TYR A 150 17.61 20.81 -12.13
C TYR A 150 17.84 20.08 -10.82
N ASN A 151 19.05 19.58 -10.58
CA ASN A 151 19.33 18.86 -9.35
C ASN A 151 19.51 19.78 -8.16
N MET A 152 19.89 21.05 -8.35
CA MET A 152 19.88 22.01 -7.24
C MET A 152 18.46 22.19 -6.71
N PHE A 153 17.51 22.49 -7.59
CA PHE A 153 16.13 22.63 -7.13
C PHE A 153 15.54 21.31 -6.67
N THR A 154 15.97 20.19 -7.26
CA THR A 154 15.50 18.88 -6.81
C THR A 154 15.93 18.60 -5.37
N SER A 155 17.20 18.88 -5.05
CA SER A 155 17.70 18.68 -3.70
C SER A 155 17.00 19.60 -2.69
N ILE A 156 16.81 20.88 -3.07
CA ILE A 156 16.18 21.82 -2.15
C ILE A 156 14.71 21.46 -1.91
N PHE A 157 13.99 21.07 -2.96
CA PHE A 157 12.60 20.67 -2.81
C PHE A 157 12.46 19.34 -2.07
N THR A 158 13.46 18.46 -2.17
CA THR A 158 13.42 17.21 -1.42
C THR A 158 13.67 17.47 0.07
N LEU A 159 14.55 18.44 0.39
CA LEU A 159 14.73 18.86 1.78
C LEU A 159 13.45 19.45 2.35
N CYS A 160 12.75 20.28 1.55
CA CYS A 160 11.47 20.85 1.98
C CYS A 160 10.42 19.77 2.18
N THR A 161 10.41 18.76 1.30
CA THR A 161 9.44 17.67 1.41
C THR A 161 9.72 16.81 2.64
N MET A 162 10.98 16.59 2.98
CA MET A 162 11.30 15.87 4.21
C MET A 162 10.92 16.66 5.45
N SER A 163 11.08 17.99 5.40
CA SER A 163 10.63 18.84 6.51
C SER A 163 9.11 18.75 6.69
N VAL A 164 8.36 18.79 5.59
CA VAL A 164 6.89 18.63 5.64
C VAL A 164 6.53 17.23 6.14
N ASP A 165 7.28 16.22 5.72
CA ASP A 165 7.03 14.84 6.15
C ASP A 165 7.20 14.69 7.66
N ARG A 166 8.30 15.21 8.21
CA ARG A 166 8.52 15.12 9.65
C ARG A 166 7.51 15.96 10.43
N TYR A 167 7.08 17.10 9.86
CA TYR A 167 6.04 17.91 10.48
C TYR A 167 4.72 17.17 10.58
N ILE A 168 4.30 16.53 9.48
CA ILE A 168 3.05 15.76 9.49
C ILE A 168 3.18 14.52 10.38
N ALA A 169 4.37 13.91 10.43
CA ALA A 169 4.61 12.76 11.28
C ALA A 169 4.47 13.11 12.76
N VAL A 170 5.03 14.24 13.19
CA VAL A 170 4.96 14.59 14.61
C VAL A 170 3.61 15.20 14.96
N CYS A 171 3.20 16.25 14.25
CA CYS A 171 2.07 17.05 14.71
C CYS A 171 0.71 16.43 14.41
N HIS A 172 0.55 15.75 13.26
CA HIS A 172 -0.74 15.21 12.84
C HIS A 172 -0.60 13.70 12.60
N PRO A 173 -0.64 12.89 13.66
CA PRO A 173 -0.34 11.45 13.50
C PRO A 173 -1.40 10.66 12.73
N VAL A 174 -2.68 10.99 12.94
CA VAL A 174 -3.77 10.28 12.27
C VAL A 174 -3.71 10.53 10.77
N LYS A 175 -3.42 11.76 10.38
CA LYS A 175 -3.21 12.06 8.97
C LYS A 175 -1.83 11.64 8.49
N ALA A 176 -0.88 11.43 9.41
CA ALA A 176 0.41 10.88 9.02
C ALA A 176 0.29 9.41 8.63
N LEU A 177 -0.69 8.71 9.21
CA LEU A 177 -0.95 7.32 8.82
C LEU A 177 -1.32 7.23 7.34
N ASP A 178 -2.21 8.10 6.88
CA ASP A 178 -2.55 8.15 5.46
C ASP A 178 -1.40 8.72 4.64
N PHE A 179 -0.73 9.76 5.15
CA PHE A 179 0.26 10.49 4.38
C PHE A 179 1.55 9.69 4.18
N ARG A 180 2.04 9.04 5.23
CA ARG A 180 3.34 8.37 5.17
C ARG A 180 3.14 6.95 4.68
N THR A 181 3.21 6.78 3.37
CA THR A 181 3.14 5.51 2.68
C THR A 181 4.17 5.56 1.57
N PRO A 182 4.66 4.41 1.08
CA PRO A 182 5.60 4.45 -0.05
C PRO A 182 5.00 5.01 -1.34
N ARG A 183 3.73 4.70 -1.63
CA ARG A 183 3.08 5.19 -2.85
C ARG A 183 2.98 6.71 -2.87
N ASN A 184 2.52 7.30 -1.76
CA ASN A 184 2.38 8.76 -1.68
C ASN A 184 3.75 9.45 -1.76
N ALA A 185 4.77 8.84 -1.16
CA ALA A 185 6.13 9.37 -1.24
C ALA A 185 6.65 9.35 -2.68
N LYS A 186 6.37 8.26 -3.40
CA LYS A 186 6.75 8.18 -4.82
C LYS A 186 6.03 9.25 -5.64
N ILE A 187 4.74 9.47 -5.37
CA ILE A 187 3.96 10.46 -6.11
C ILE A 187 4.49 11.87 -5.87
N ILE A 188 4.74 12.22 -4.59
CA ILE A 188 5.24 13.54 -4.25
C ILE A 188 6.66 13.76 -4.79
N ASN A 189 7.49 12.72 -4.76
CA ASN A 189 8.84 12.82 -5.32
C ASN A 189 8.80 13.04 -6.83
N VAL A 190 7.95 12.30 -7.55
CA VAL A 190 7.79 12.50 -9.00
C VAL A 190 7.29 13.91 -9.29
N CYS A 191 6.38 14.42 -8.45
CA CYS A 191 5.93 15.82 -8.59
C CYS A 191 7.08 16.81 -8.38
N ASN A 192 7.97 16.51 -7.42
CA ASN A 192 9.14 17.36 -7.18
C ASN A 192 10.09 17.38 -8.38
N TRP A 193 10.36 16.20 -8.95
CA TRP A 193 11.22 16.11 -10.13
C TRP A 193 10.60 16.83 -11.33
N ILE A 194 9.27 16.74 -11.50
CA ILE A 194 8.58 17.45 -12.58
C ILE A 194 8.65 18.97 -12.38
N LEU A 195 8.45 19.44 -11.14
CA LEU A 195 8.57 20.87 -10.85
C LEU A 195 10.00 21.36 -11.05
N SER A 196 10.99 20.51 -10.81
CA SER A 196 12.36 20.86 -11.17
C SER A 196 12.56 20.90 -12.69
N SER A 197 11.89 20.00 -13.41
CA SER A 197 11.99 20.00 -14.87
C SER A 197 11.37 21.24 -15.49
N ALA A 198 10.39 21.83 -14.81
CA ALA A 198 9.76 23.09 -15.22
C ALA A 198 10.77 24.22 -15.42
N ILE A 199 11.86 24.23 -14.64
CA ILE A 199 12.94 25.18 -14.89
C ILE A 199 14.13 24.51 -15.59
N GLY A 200 14.23 23.18 -15.54
CA GLY A 200 15.31 22.49 -16.23
C GLY A 200 15.24 22.61 -17.74
N LEU A 201 14.02 22.56 -18.31
CA LEU A 201 13.89 22.67 -19.76
C LEU A 201 14.22 24.06 -20.32
N PRO A 202 13.70 25.20 -19.80
CA PRO A 202 14.09 26.49 -20.40
C PRO A 202 15.56 26.85 -20.24
N VAL A 203 16.17 26.49 -19.11
CA VAL A 203 17.60 26.70 -18.92
C VAL A 203 18.40 25.87 -19.92
N MET A 204 17.94 24.65 -20.20
CA MET A 204 18.52 23.82 -21.27
C MET A 204 18.46 24.52 -22.62
N PHE A 205 17.30 25.10 -22.97
CA PHE A 205 17.19 25.82 -24.24
C PHE A 205 18.06 27.07 -24.29
N MET A 206 18.14 27.82 -23.18
CA MET A 206 18.86 29.10 -23.20
C MET A 206 20.38 28.92 -23.31
N ALA A 207 20.94 27.89 -22.66
CA ALA A 207 22.38 27.72 -22.52
C ALA A 207 23.08 27.58 -23.87
N THR A 208 23.98 28.51 -24.18
CA THR A 208 24.72 28.47 -25.43
C THR A 208 26.20 28.70 -25.11
N THR A 209 27.04 28.83 -26.14
CA THR A 209 28.46 29.16 -26.00
C THR A 209 28.74 30.44 -26.78
N LYS A 210 29.42 31.38 -26.13
CA LYS A 210 29.71 32.68 -26.71
C LYS A 210 31.22 32.89 -26.84
N TYR A 211 31.65 33.43 -27.97
CA TYR A 211 33.06 33.70 -28.21
C TYR A 211 33.37 35.09 -27.67
N ARG A 212 34.05 35.14 -26.52
CA ARG A 212 34.40 36.40 -25.88
C ARG A 212 35.89 36.40 -25.57
N GLN A 213 36.59 37.41 -26.12
CA GLN A 213 38.02 37.66 -25.89
C GLN A 213 38.87 36.44 -26.30
N GLY A 214 38.47 35.80 -27.39
CA GLY A 214 39.17 34.62 -27.85
C GLY A 214 38.87 33.36 -27.07
N SER A 215 37.92 33.39 -26.15
CA SER A 215 37.62 32.27 -25.27
C SER A 215 36.16 31.89 -25.40
N ILE A 216 35.90 30.58 -25.50
CA ILE A 216 34.53 30.08 -25.50
C ILE A 216 33.99 30.13 -24.08
N ASP A 217 32.78 30.66 -23.92
CA ASP A 217 32.12 30.77 -22.63
C ASP A 217 30.81 30.00 -22.66
N CYS A 218 30.65 29.10 -21.69
CA CYS A 218 29.47 28.26 -21.55
C CYS A 218 28.47 28.99 -20.65
N THR A 219 27.50 29.67 -21.25
CA THR A 219 26.69 30.59 -20.46
C THR A 219 25.26 30.66 -20.99
N LEU A 220 24.37 31.18 -20.16
CA LEU A 220 22.98 31.36 -20.55
C LEU A 220 22.84 32.52 -21.54
N THR A 221 21.96 32.34 -22.52
CA THR A 221 21.64 33.36 -23.50
C THR A 221 20.18 33.77 -23.35
N PHE A 222 19.94 35.07 -23.23
CA PHE A 222 18.61 35.60 -22.98
C PHE A 222 18.13 36.39 -24.18
N SER A 223 16.85 36.24 -24.52
CA SER A 223 16.25 36.99 -25.61
C SER A 223 16.13 38.46 -25.22
N HIS A 224 16.06 39.32 -26.25
CA HIS A 224 15.98 40.76 -26.02
C HIS A 224 14.64 41.13 -25.40
N PRO A 225 14.62 41.97 -24.35
CA PRO A 225 15.75 42.57 -23.62
C PRO A 225 16.44 41.59 -22.66
N THR A 226 17.78 41.57 -22.70
CA THR A 226 18.55 40.61 -21.92
C THR A 226 18.44 40.88 -20.42
N TRP A 227 18.46 42.15 -20.03
CA TRP A 227 18.46 42.54 -18.62
C TRP A 227 17.17 42.11 -17.91
N TYR A 228 16.03 42.21 -18.58
CA TYR A 228 14.75 41.90 -17.95
C TYR A 228 14.63 40.41 -17.65
N TRP A 229 14.89 39.56 -18.64
CA TRP A 229 14.75 38.12 -18.44
C TRP A 229 15.86 37.58 -17.54
N GLU A 230 17.07 38.15 -17.65
CA GLU A 230 18.19 37.72 -16.80
C GLU A 230 17.93 38.03 -15.34
N ASN A 231 17.49 39.25 -15.03
CA ASN A 231 17.23 39.58 -13.64
C ASN A 231 15.93 38.95 -13.14
N LEU A 232 14.96 38.70 -14.02
CA LEU A 232 13.78 37.94 -13.61
C LEU A 232 14.15 36.51 -13.23
N LEU A 233 15.08 35.90 -13.97
CA LEU A 233 15.54 34.56 -13.62
C LEU A 233 16.34 34.56 -12.32
N LYS A 234 17.18 35.59 -12.11
CA LYS A 234 17.92 35.69 -10.86
C LYS A 234 17.00 35.88 -9.66
N ILE A 235 15.96 36.72 -9.81
CA ILE A 235 15.01 36.97 -8.73
C ILE A 235 14.18 35.73 -8.43
N CYS A 236 13.75 35.00 -9.47
CA CYS A 236 12.96 33.79 -9.25
C CYS A 236 13.80 32.68 -8.61
N VAL A 237 15.06 32.51 -9.03
CA VAL A 237 15.94 31.54 -8.42
C VAL A 237 16.22 31.90 -6.96
N PHE A 238 16.42 33.19 -6.68
CA PHE A 238 16.65 33.65 -5.31
C PHE A 238 15.45 33.40 -4.41
N ILE A 239 14.24 33.76 -4.88
CA ILE A 239 13.04 33.59 -4.08
C ILE A 239 12.74 32.12 -3.83
N PHE A 240 12.60 31.33 -4.90
CA PHE A 240 12.20 29.95 -4.75
C PHE A 240 13.30 29.06 -4.16
N ALA A 241 14.56 29.49 -4.18
CA ALA A 241 15.62 28.72 -3.54
C ALA A 241 15.95 29.18 -2.13
N PHE A 242 15.58 30.39 -1.74
CA PHE A 242 15.96 30.88 -0.41
C PHE A 242 14.77 31.24 0.46
N ILE A 243 13.84 32.06 -0.03
CA ILE A 243 12.83 32.66 0.84
C ILE A 243 11.82 31.62 1.30
N MET A 244 11.20 30.92 0.35
CA MET A 244 10.25 29.86 0.67
C MET A 244 10.87 28.63 1.38
N PRO A 245 12.05 28.09 0.99
CA PRO A 245 12.56 26.93 1.75
C PRO A 245 12.93 27.22 3.20
N VAL A 246 13.53 28.38 3.48
CA VAL A 246 13.86 28.75 4.86
C VAL A 246 12.61 28.90 5.70
N LEU A 247 11.55 29.51 5.13
CA LEU A 247 10.28 29.63 5.85
C LEU A 247 9.64 28.27 6.12
N ILE A 248 9.63 27.38 5.12
CA ILE A 248 9.02 26.05 5.28
C ILE A 248 9.76 25.25 6.33
N ILE A 249 11.10 25.19 6.22
CA ILE A 249 11.91 24.41 7.15
C ILE A 249 11.83 24.98 8.56
N THR A 250 11.92 26.31 8.71
CA THR A 250 11.92 26.93 10.02
C THR A 250 10.57 26.78 10.72
N VAL A 251 9.47 27.02 10.00
CA VAL A 251 8.14 26.92 10.60
C VAL A 251 7.81 25.46 10.96
N CYS A 252 8.08 24.53 10.03
CA CYS A 252 7.75 23.13 10.27
C CYS A 252 8.59 22.53 11.40
N TYR A 253 9.90 22.79 11.42
CA TYR A 253 10.71 22.26 12.51
C TYR A 253 10.47 22.99 13.83
N GLY A 254 10.09 24.27 13.81
CA GLY A 254 9.74 24.94 15.06
C GLY A 254 8.48 24.38 15.69
N LEU A 255 7.44 24.17 14.86
CA LEU A 255 6.22 23.51 15.33
C LEU A 255 6.51 22.09 15.80
N MET A 256 7.42 21.39 15.09
CA MET A 256 7.83 20.05 15.49
C MET A 256 8.50 20.04 16.85
N ILE A 257 9.40 21.00 17.11
CA ILE A 257 10.08 21.08 18.41
C ILE A 257 9.08 21.40 19.52
N LEU A 258 8.12 22.30 19.26
CA LEU A 258 7.10 22.63 20.25
C LEU A 258 6.21 21.42 20.57
N ARG A 259 5.82 20.67 19.52
CA ARG A 259 5.00 19.48 19.75
C ARG A 259 5.77 18.39 20.49
N LEU A 260 7.06 18.21 20.18
CA LEU A 260 7.89 17.24 20.89
C LEU A 260 8.05 17.62 22.35
N LYS A 261 8.21 18.91 22.64
CA LYS A 261 8.24 19.38 24.03
C LYS A 261 6.92 19.09 24.73
N SER A 262 5.80 19.24 24.00
CA SER A 262 4.49 18.95 24.57
C SER A 262 4.30 17.47 24.92
N VAL A 263 4.99 16.57 24.20
CA VAL A 263 4.85 15.12 24.40
C VAL A 263 5.25 14.71 25.81
N ARG A 264 4.34 13.99 26.49
CA ARG A 264 4.57 13.50 27.84
C ARG A 264 5.70 12.47 27.88
N MET A 265 5.85 11.67 26.82
CA MET A 265 6.85 10.60 26.76
C MET A 265 8.27 11.16 26.80
N LEU A 266 8.54 12.20 26.02
CA LEU A 266 9.88 12.78 25.98
C LEU A 266 10.27 13.45 27.30
N SER A 267 9.30 14.02 28.01
CA SER A 267 9.57 14.67 29.28
C SER A 267 9.63 13.63 30.39
N GLY A 268 9.93 14.09 31.61
CA GLY A 268 10.03 13.20 32.75
C GLY A 268 11.43 12.80 33.16
N SER A 269 11.79 11.54 32.94
CA SER A 269 13.10 11.02 33.34
C SER A 269 14.23 11.69 32.57
N LYS A 270 15.42 11.71 33.22
CA LYS A 270 16.60 12.38 32.68
C LYS A 270 17.03 11.80 31.34
N GLU A 271 16.93 10.48 31.17
CA GLU A 271 17.34 9.84 29.92
C GLU A 271 16.46 10.27 28.74
N LYS A 272 15.15 10.28 28.94
CA LYS A 272 14.22 10.71 27.89
C LYS A 272 14.38 12.21 27.59
N ASP A 273 14.62 13.01 28.64
CA ASP A 273 14.95 14.43 28.47
C ASP A 273 16.20 14.62 27.60
N ARG A 274 17.26 13.89 27.92
CA ARG A 274 18.49 13.86 27.11
C ARG A 274 18.21 13.48 25.66
N ASN A 275 17.33 12.50 25.45
CA ASN A 275 16.97 12.10 24.09
C ASN A 275 16.26 13.23 23.34
N LEU A 276 15.33 13.92 24.03
CA LEU A 276 14.67 15.10 23.44
C LEU A 276 15.67 16.21 23.12
N ARG A 277 16.64 16.41 24.02
CA ARG A 277 17.74 17.34 23.81
C ARG A 277 18.50 17.03 22.53
N ARG A 278 19.03 15.79 22.44
CA ARG A 278 19.65 15.26 21.23
C ARG A 278 18.84 15.51 19.95
N ILE A 279 17.52 15.25 19.99
CA ILE A 279 16.67 15.47 18.82
C ILE A 279 16.59 16.94 18.44
N THR A 280 16.40 17.82 19.43
CA THR A 280 16.35 19.25 19.18
C THR A 280 17.69 19.78 18.65
N ARG A 281 18.79 19.25 19.17
CA ARG A 281 20.13 19.59 18.69
C ARG A 281 20.30 19.17 17.23
N MET A 282 19.83 17.97 16.87
CA MET A 282 19.86 17.51 15.47
C MET A 282 19.08 18.45 14.55
N VAL A 283 17.88 18.86 14.99
CA VAL A 283 17.05 19.78 14.21
C VAL A 283 17.76 21.11 13.99
N LEU A 284 18.34 21.66 15.06
CA LEU A 284 19.05 22.94 14.96
C LEU A 284 20.29 22.83 14.08
N VAL A 285 20.99 21.69 14.13
CA VAL A 285 22.14 21.46 13.26
C VAL A 285 21.72 21.43 11.79
N VAL A 286 20.60 20.76 11.49
CA VAL A 286 20.10 20.69 10.11
C VAL A 286 19.74 22.09 9.58
N VAL A 287 18.96 22.84 10.36
CA VAL A 287 18.54 24.18 9.96
C VAL A 287 19.74 25.12 9.80
N ALA A 288 20.69 25.04 10.74
CA ALA A 288 21.88 25.90 10.70
C ALA A 288 22.77 25.58 9.51
N VAL A 289 22.95 24.28 9.18
CA VAL A 289 23.76 23.90 8.03
C VAL A 289 23.12 24.39 6.73
N PHE A 290 21.79 24.26 6.62
CA PHE A 290 21.09 24.74 5.43
C PHE A 290 21.23 26.25 5.26
N ILE A 291 21.04 27.02 6.34
CA ILE A 291 21.10 28.48 6.27
C ILE A 291 22.53 28.94 5.96
N VAL A 292 23.52 28.42 6.71
CA VAL A 292 24.91 28.83 6.55
C VAL A 292 25.46 28.43 5.17
N CYS A 293 24.96 27.34 4.59
CA CYS A 293 25.42 27.00 3.25
C CYS A 293 24.78 27.85 2.18
N TRP A 294 23.44 27.95 2.15
CA TRP A 294 22.81 28.61 1.01
C TRP A 294 22.69 30.13 1.12
N THR A 295 22.93 30.71 2.30
CA THR A 295 22.75 32.17 2.44
C THR A 295 23.83 33.02 1.73
N PRO A 296 25.15 32.76 1.87
CA PRO A 296 26.12 33.73 1.30
C PRO A 296 26.15 33.78 -0.22
N ILE A 297 25.96 32.65 -0.91
CA ILE A 297 25.99 32.66 -2.37
C ILE A 297 24.80 33.45 -2.93
N HIS A 298 23.63 33.34 -2.29
CA HIS A 298 22.47 34.11 -2.74
C HIS A 298 22.65 35.60 -2.48
N ILE A 299 23.14 35.95 -1.29
CA ILE A 299 23.37 37.38 -0.98
C ILE A 299 24.46 37.95 -1.89
N TYR A 300 25.47 37.14 -2.22
CA TYR A 300 26.57 37.61 -3.06
C TYR A 300 26.11 37.80 -4.51
N VAL A 301 25.24 36.92 -5.00
CA VAL A 301 24.67 37.09 -6.34
C VAL A 301 23.79 38.34 -6.40
N ILE A 302 23.00 38.60 -5.34
CA ILE A 302 22.18 39.81 -5.30
C ILE A 302 23.04 41.07 -5.28
N ILE A 303 24.12 41.07 -4.49
CA ILE A 303 25.02 42.22 -4.42
C ILE A 303 25.75 42.43 -5.74
N LYS A 304 26.21 41.34 -6.38
CA LYS A 304 26.90 41.43 -7.67
C LYS A 304 25.97 41.96 -8.76
N ALA A 305 24.72 41.50 -8.77
CA ALA A 305 23.76 41.99 -9.77
C ALA A 305 23.40 43.45 -9.54
N LEU A 306 23.16 43.84 -8.28
CA LEU A 306 22.74 45.21 -8.01
C LEU A 306 23.90 46.20 -8.14
N VAL A 307 25.05 45.87 -7.57
CA VAL A 307 26.16 46.82 -7.45
C VAL A 307 27.38 46.25 -8.18
N THR A 308 27.84 46.97 -9.20
CA THR A 308 29.07 46.64 -9.91
C THR A 308 30.27 47.02 -9.05
N ILE A 309 30.92 46.02 -8.47
CA ILE A 309 32.10 46.24 -7.62
C ILE A 309 33.34 45.87 -8.42
N PRO A 310 34.45 46.63 -8.31
CA PRO A 310 35.61 46.41 -9.18
C PRO A 310 36.27 45.05 -9.00
N GLU A 311 36.79 44.53 -10.12
CA GLU A 311 37.38 43.19 -10.15
C GLU A 311 38.70 43.15 -9.37
N THR A 312 38.81 42.20 -8.45
CA THR A 312 40.00 41.95 -7.66
C THR A 312 40.20 40.45 -7.53
N THR A 313 41.36 40.06 -7.02
CA THR A 313 41.62 38.66 -6.70
C THR A 313 40.70 38.18 -5.57
N PHE A 314 40.44 39.07 -4.60
CA PHE A 314 39.55 38.75 -3.48
C PHE A 314 38.13 38.47 -3.95
N GLN A 315 37.67 39.15 -5.01
CA GLN A 315 36.37 38.85 -5.60
C GLN A 315 36.32 37.43 -6.17
N THR A 316 37.38 37.01 -6.86
CA THR A 316 37.45 35.66 -7.42
C THR A 316 37.47 34.61 -6.32
N VAL A 317 38.29 34.83 -5.29
CA VAL A 317 38.38 33.91 -4.15
C VAL A 317 37.04 33.82 -3.41
N SER A 318 36.38 34.96 -3.21
CA SER A 318 35.09 34.96 -2.52
C SER A 318 33.99 34.30 -3.35
N TRP A 319 34.00 34.53 -4.67
CA TRP A 319 33.01 33.93 -5.56
C TRP A 319 33.14 32.41 -5.60
N HIS A 320 34.36 31.89 -5.77
CA HIS A 320 34.52 30.44 -5.78
C HIS A 320 34.33 29.84 -4.40
N PHE A 321 34.66 30.56 -3.32
CA PHE A 321 34.41 30.05 -1.98
C PHE A 321 32.92 30.00 -1.67
N CYS A 322 32.15 30.98 -2.15
CA CYS A 322 30.70 30.94 -1.97
C CYS A 322 30.05 29.82 -2.79
N ILE A 323 30.57 29.57 -4.00
CA ILE A 323 30.07 28.44 -4.80
C ILE A 323 30.37 27.12 -4.09
N ALA A 324 31.60 26.96 -3.57
CA ALA A 324 31.96 25.74 -2.85
C ALA A 324 31.14 25.59 -1.56
N LEU A 325 30.85 26.70 -0.87
CA LEU A 325 30.01 26.64 0.31
C LEU A 325 28.56 26.30 -0.04
N GLY A 326 28.09 26.72 -1.22
CA GLY A 326 26.79 26.29 -1.69
C GLY A 326 26.72 24.80 -1.98
N TYR A 327 27.77 24.26 -2.63
CA TYR A 327 27.82 22.83 -2.87
C TYR A 327 28.18 22.02 -1.62
N THR A 328 28.64 22.67 -0.55
CA THR A 328 28.95 21.99 0.70
C THR A 328 27.70 21.38 1.34
N ASN A 329 26.53 21.99 1.14
CA ASN A 329 25.29 21.38 1.64
C ASN A 329 24.97 20.09 0.90
N SER A 330 25.11 20.08 -0.43
CA SER A 330 24.93 18.85 -1.21
C SER A 330 25.98 17.81 -0.84
N CYS A 331 27.17 18.26 -0.46
CA CYS A 331 28.21 17.33 -0.01
C CYS A 331 27.90 16.74 1.36
N LEU A 332 27.34 17.54 2.27
CA LEU A 332 27.18 17.19 3.67
C LEU A 332 25.80 16.61 3.99
N ASN A 333 24.86 16.64 3.05
CA ASN A 333 23.56 15.99 3.26
C ASN A 333 23.62 14.48 3.52
N PRO A 334 24.51 13.65 2.92
CA PRO A 334 24.62 12.26 3.39
C PRO A 334 25.00 12.13 4.87
N VAL A 335 26.07 12.80 5.30
CA VAL A 335 26.50 12.76 6.70
C VAL A 335 25.43 13.30 7.63
N LEU A 336 24.73 14.37 7.20
CA LEU A 336 23.73 15.00 8.04
C LEU A 336 22.48 14.14 8.18
N TYR A 337 21.98 13.58 7.08
CA TYR A 337 20.72 12.84 7.11
C TYR A 337 20.91 11.33 7.29
N ALA A 338 21.59 10.68 6.34
CA ALA A 338 21.59 9.22 6.30
C ALA A 338 22.38 8.60 7.45
N PHE A 339 23.61 9.07 7.66
CA PHE A 339 24.51 8.45 8.64
C PHE A 339 24.03 8.66 10.07
N LEU A 340 23.53 9.86 10.37
CA LEU A 340 23.08 10.19 11.73
C LEU A 340 21.79 9.44 12.10
N ASP A 341 20.96 9.07 11.12
CA ASP A 341 19.74 8.29 11.39
C ASP A 341 20.06 6.96 12.07
N GLU A 342 19.30 6.68 13.13
CA GLU A 342 19.49 5.48 13.96
C GLU A 342 19.37 4.19 13.16
N ASN A 343 18.38 4.10 12.26
CA ASN A 343 18.16 2.86 11.50
C ASN A 343 19.36 2.52 10.63
N PHE A 344 19.89 3.51 9.91
CA PHE A 344 21.12 3.32 9.15
C PHE A 344 22.31 3.07 10.06
N LYS A 345 22.33 3.69 11.25
CA LYS A 345 23.39 3.44 12.22
C LYS A 345 23.39 1.98 12.66
N ARG A 346 22.20 1.39 12.87
CA ARG A 346 22.09 -0.02 13.16
C ARG A 346 22.51 -0.88 11.96
N CYS A 347 22.19 -0.42 10.75
CA CYS A 347 22.63 -1.14 9.55
C CYS A 347 24.15 -1.16 9.41
N PHE A 348 24.81 -0.04 9.70
CA PHE A 348 26.28 -0.01 9.73
C PHE A 348 26.84 -0.85 10.87
N ARG A 349 26.16 -0.85 12.02
CA ARG A 349 26.60 -1.64 13.17
C ARG A 349 26.56 -3.13 12.87
N GLU A 350 25.47 -3.61 12.26
CA GLU A 350 25.35 -5.03 11.94
C GLU A 350 26.27 -5.42 10.79
N PHE A 351 26.04 -4.85 9.61
CA PHE A 351 26.84 -5.17 8.44
C PHE A 351 28.08 -4.27 8.34
N THR B 4 5.18 -17.67 -25.54
CA THR B 4 5.61 -18.84 -24.77
C THR B 4 4.43 -19.43 -23.99
N LEU B 5 3.88 -18.63 -23.08
CA LEU B 5 2.74 -19.06 -22.28
C LEU B 5 1.48 -19.18 -23.12
N SER B 6 0.67 -20.18 -22.81
CA SER B 6 -0.61 -20.36 -23.48
C SER B 6 -1.63 -19.34 -22.98
N ALA B 7 -2.79 -19.32 -23.63
CA ALA B 7 -3.85 -18.36 -23.31
C ALA B 7 -4.40 -18.58 -21.89
N GLU B 8 -4.55 -19.85 -21.49
CA GLU B 8 -5.01 -20.16 -20.14
C GLU B 8 -3.98 -19.74 -19.10
N ASP B 9 -2.69 -19.88 -19.43
CA ASP B 9 -1.64 -19.43 -18.52
C ASP B 9 -1.63 -17.92 -18.37
N LYS B 10 -1.86 -17.19 -19.48
CA LYS B 10 -1.94 -15.73 -19.42
C LYS B 10 -3.16 -15.27 -18.62
N ALA B 11 -4.29 -15.96 -18.77
CA ALA B 11 -5.46 -15.64 -17.97
C ALA B 11 -5.24 -15.95 -16.50
N ALA B 12 -4.49 -17.01 -16.20
CA ALA B 12 -4.13 -17.31 -14.81
C ALA B 12 -3.21 -16.24 -14.22
N VAL B 13 -2.27 -15.72 -15.03
CA VAL B 13 -1.41 -14.63 -14.59
C VAL B 13 -2.23 -13.37 -14.34
N GLU B 14 -3.21 -13.09 -15.19
CA GLU B 14 -4.10 -11.95 -14.99
C GLU B 14 -4.94 -12.10 -13.72
N ARG B 15 -5.42 -13.32 -13.46
CA ARG B 15 -6.13 -13.60 -12.20
C ARG B 15 -5.22 -13.40 -11.00
N SER B 16 -3.96 -13.82 -11.10
CA SER B 16 -3.00 -13.63 -10.02
C SER B 16 -2.72 -12.16 -9.78
N LYS B 17 -2.65 -11.35 -10.85
CA LYS B 17 -2.46 -9.91 -10.69
C LYS B 17 -3.66 -9.24 -10.03
N MET B 18 -4.88 -9.66 -10.39
CA MET B 18 -6.07 -9.13 -9.74
C MET B 18 -6.12 -9.49 -8.25
N ILE B 19 -5.74 -10.73 -7.92
CA ILE B 19 -5.64 -11.16 -6.53
C ILE B 19 -4.56 -10.36 -5.79
N ASP B 20 -3.45 -10.05 -6.47
CA ASP B 20 -2.40 -9.22 -5.87
C ASP B 20 -2.90 -7.81 -5.57
N ARG B 21 -3.70 -7.23 -6.48
CA ARG B 21 -4.27 -5.91 -6.25
C ARG B 21 -5.23 -5.91 -5.07
N ASN B 22 -6.08 -6.96 -4.98
CA ASN B 22 -7.01 -7.07 -3.86
C ASN B 22 -6.29 -7.26 -2.53
N LEU B 23 -5.22 -8.07 -2.52
CA LEU B 23 -4.44 -8.28 -1.31
C LEU B 23 -3.69 -7.03 -0.88
N ARG B 24 -3.18 -6.24 -1.84
CA ARG B 24 -2.52 -4.98 -1.48
C ARG B 24 -3.52 -3.98 -0.91
N GLU B 25 -4.72 -3.89 -1.49
CA GLU B 25 -5.74 -2.99 -0.94
C GLU B 25 -6.18 -3.42 0.46
N ASP B 26 -6.37 -4.72 0.67
CA ASP B 26 -6.72 -5.23 1.99
C ASP B 26 -5.58 -5.03 2.99
N GLY B 27 -4.34 -5.16 2.53
CA GLY B 27 -3.21 -4.91 3.42
C GLY B 27 -3.09 -3.46 3.85
N GLU B 28 -3.35 -2.53 2.93
CA GLU B 28 -3.36 -1.11 3.30
C GLU B 28 -4.49 -0.79 4.27
N LYS B 29 -5.69 -1.34 4.01
CA LYS B 29 -6.82 -1.12 4.92
C LYS B 29 -6.57 -1.72 6.30
N ALA B 30 -5.92 -2.88 6.36
CA ALA B 30 -5.53 -3.44 7.66
C ALA B 30 -4.42 -2.64 8.32
N ALA B 31 -3.50 -2.08 7.53
CA ALA B 31 -2.41 -1.29 8.07
C ALA B 31 -2.89 0.00 8.71
N ARG B 32 -3.97 0.59 8.20
CA ARG B 32 -4.50 1.81 8.83
C ARG B 32 -5.15 1.53 10.18
N GLU B 33 -5.70 0.32 10.36
CA GLU B 33 -6.42 -0.05 11.57
C GLU B 33 -5.51 -0.12 12.80
N VAL B 34 -5.97 0.45 13.90
CA VAL B 34 -5.24 0.40 15.18
C VAL B 34 -5.76 -0.76 16.01
N LYS B 35 -4.83 -1.64 16.43
CA LYS B 35 -5.15 -2.83 17.20
C LYS B 35 -4.83 -2.62 18.68
N LEU B 36 -5.79 -2.92 19.55
CA LEU B 36 -5.64 -2.82 21.00
C LEU B 36 -5.96 -4.16 21.64
N LEU B 37 -5.09 -4.64 22.51
CA LEU B 37 -5.30 -5.90 23.24
C LEU B 37 -5.84 -5.62 24.63
N LEU B 38 -6.97 -6.23 24.98
CA LEU B 38 -7.64 -6.00 26.25
C LEU B 38 -7.33 -7.13 27.22
N LEU B 39 -6.87 -6.78 28.42
CA LEU B 39 -6.49 -7.77 29.42
C LEU B 39 -7.01 -7.35 30.79
N GLY B 40 -7.03 -8.31 31.69
CA GLY B 40 -7.46 -8.07 33.06
C GLY B 40 -8.15 -9.30 33.61
N ALA B 41 -8.64 -9.16 34.84
CA ALA B 41 -9.38 -10.24 35.48
C ALA B 41 -10.83 -10.23 35.04
N GLY B 42 -11.55 -11.28 35.43
CA GLY B 42 -12.96 -11.39 35.08
C GLY B 42 -13.84 -10.40 35.82
N GLU B 43 -13.49 -10.07 37.06
CA GLU B 43 -14.27 -9.18 37.91
C GLU B 43 -13.91 -7.71 37.69
N SER B 44 -13.04 -7.41 36.73
CA SER B 44 -12.56 -6.05 36.53
C SER B 44 -13.66 -5.13 35.99
N GLY B 45 -14.52 -5.65 35.13
CA GLY B 45 -15.52 -4.79 34.52
C GLY B 45 -15.25 -4.54 33.04
N LYS B 46 -14.73 -5.56 32.35
CA LYS B 46 -14.40 -5.44 30.93
C LYS B 46 -15.65 -5.16 30.10
N SER B 47 -16.74 -5.89 30.37
CA SER B 47 -17.97 -5.76 29.58
C SER B 47 -18.58 -4.37 29.73
N THR B 48 -18.53 -3.81 30.93
CA THR B 48 -19.09 -2.48 31.19
C THR B 48 -18.35 -1.39 30.41
N ILE B 49 -17.01 -1.42 30.47
CA ILE B 49 -16.25 -0.39 29.76
C ILE B 49 -16.28 -0.61 28.25
N VAL B 50 -16.43 -1.86 27.79
CA VAL B 50 -16.61 -2.09 26.35
C VAL B 50 -17.97 -1.55 25.88
N LYS B 51 -19.01 -1.73 26.69
CA LYS B 51 -20.31 -1.12 26.38
C LYS B 51 -20.26 0.40 26.42
N GLN B 52 -19.45 0.97 27.32
CA GLN B 52 -19.26 2.42 27.34
C GLN B 52 -18.55 2.92 26.09
N MET B 53 -17.50 2.20 25.66
CA MET B 53 -16.75 2.63 24.48
C MET B 53 -17.53 2.44 23.19
N LYS B 54 -18.35 1.39 23.10
CA LYS B 54 -19.19 1.19 21.91
C LYS B 54 -20.21 2.32 21.75
N ILE B 55 -20.94 2.63 22.81
CA ILE B 55 -21.96 3.68 22.78
C ILE B 55 -21.32 5.06 22.68
N THR B 182 -16.88 -17.39 23.18
CA THR B 182 -15.76 -18.32 23.26
C THR B 182 -14.66 -17.95 22.27
N GLY B 183 -13.48 -17.64 22.79
CA GLY B 183 -12.35 -17.30 21.95
C GLY B 183 -11.97 -15.83 22.02
N ILE B 184 -12.05 -15.15 20.88
CA ILE B 184 -11.65 -13.75 20.77
C ILE B 184 -12.91 -12.92 20.55
N VAL B 185 -13.08 -11.89 21.37
CA VAL B 185 -14.18 -10.94 21.20
C VAL B 185 -13.59 -9.68 20.55
N GLU B 186 -14.08 -9.33 19.38
CA GLU B 186 -13.54 -8.23 18.60
C GLU B 186 -14.51 -7.07 18.62
N THR B 187 -14.05 -5.91 19.06
CA THR B 187 -14.85 -4.69 19.14
C THR B 187 -14.32 -3.68 18.13
N HIS B 188 -15.22 -3.18 17.28
CA HIS B 188 -14.87 -2.23 16.22
C HIS B 188 -15.48 -0.88 16.55
N PHE B 189 -14.65 0.15 16.71
CA PHE B 189 -15.21 1.50 16.85
C PHE B 189 -14.31 2.51 16.16
N THR B 190 -14.92 3.65 15.80
CA THR B 190 -14.26 4.71 15.04
C THR B 190 -14.31 5.99 15.85
N PHE B 191 -13.15 6.44 16.34
CA PHE B 191 -13.07 7.70 17.09
C PHE B 191 -12.13 8.65 16.39
N LYS B 192 -12.63 9.86 16.10
CA LYS B 192 -11.91 10.96 15.43
C LYS B 192 -11.24 10.51 14.14
N ASP B 193 -12.02 9.78 13.32
CA ASP B 193 -11.57 9.18 12.05
C ASP B 193 -10.38 8.24 12.25
N LEU B 194 -10.37 7.53 13.38
CA LEU B 194 -9.33 6.55 13.67
C LEU B 194 -10.01 5.24 14.07
N HIS B 195 -9.67 4.17 13.35
CA HIS B 195 -10.29 2.86 13.55
C HIS B 195 -9.59 2.09 14.67
N PHE B 196 -10.38 1.61 15.62
CA PHE B 196 -9.88 0.80 16.73
C PHE B 196 -10.54 -0.57 16.69
N LYS B 197 -9.71 -1.61 16.76
CA LYS B 197 -10.15 -2.99 16.97
C LYS B 197 -9.61 -3.46 18.31
N MET B 198 -10.51 -3.82 19.22
CA MET B 198 -10.16 -4.23 20.57
C MET B 198 -10.40 -5.73 20.70
N PHE B 199 -9.37 -6.46 21.13
CA PHE B 199 -9.41 -7.91 21.20
C PHE B 199 -9.46 -8.33 22.65
N ASP B 200 -10.60 -8.89 23.07
CA ASP B 200 -10.81 -9.43 24.41
C ASP B 200 -10.55 -10.93 24.37
N VAL B 201 -9.55 -11.38 25.12
CA VAL B 201 -9.11 -12.77 25.13
C VAL B 201 -9.56 -13.50 26.40
N GLY B 202 -10.49 -12.92 27.17
CA GLY B 202 -10.86 -13.44 28.48
C GLY B 202 -11.53 -14.80 28.48
N ALA B 203 -12.17 -15.17 27.36
CA ALA B 203 -12.92 -16.42 27.31
C ALA B 203 -12.02 -17.65 27.38
N GLN B 204 -10.83 -17.58 26.79
CA GLN B 204 -9.93 -18.73 26.73
C GLN B 204 -9.37 -19.10 28.10
N ARG B 205 -9.37 -20.39 28.40
CA ARG B 205 -8.85 -20.94 29.64
C ARG B 205 -7.48 -21.58 29.44
N SER B 206 -6.98 -21.62 28.20
CA SER B 206 -5.73 -22.28 27.86
C SER B 206 -4.53 -21.51 28.40
N GLU B 207 -3.37 -22.17 28.36
CA GLU B 207 -2.12 -21.56 28.82
C GLU B 207 -1.72 -20.39 27.94
N ARG B 208 -1.49 -19.24 28.57
CA ARG B 208 -1.32 -17.97 27.87
C ARG B 208 0.00 -17.91 27.10
N LYS B 209 1.02 -18.66 27.56
CA LYS B 209 2.37 -18.61 27.00
C LYS B 209 2.39 -18.99 25.51
N LYS B 210 1.58 -19.97 25.12
CA LYS B 210 1.63 -20.45 23.75
C LYS B 210 0.97 -19.50 22.76
N TRP B 211 -0.17 -18.90 23.11
CA TRP B 211 -0.87 -18.04 22.18
C TRP B 211 -0.63 -16.55 22.41
N ILE B 212 0.23 -16.20 23.37
CA ILE B 212 0.50 -14.78 23.62
C ILE B 212 1.36 -14.16 22.53
N HIS B 213 2.14 -14.97 21.79
CA HIS B 213 3.04 -14.44 20.79
C HIS B 213 2.32 -13.91 19.55
N CYS B 214 1.06 -14.33 19.35
CA CYS B 214 0.25 -13.85 18.23
C CYS B 214 0.04 -12.34 18.30
N PHE B 215 -0.09 -11.80 19.50
CA PHE B 215 -0.39 -10.39 19.72
C PHE B 215 0.87 -9.52 19.79
N GLU B 216 1.96 -9.92 19.13
CA GLU B 216 3.20 -9.16 19.16
C GLU B 216 3.03 -7.81 18.48
N GLY B 217 2.39 -7.78 17.32
CA GLY B 217 2.17 -6.53 16.61
C GLY B 217 0.93 -5.80 17.07
N VAL B 218 0.95 -5.29 18.30
CA VAL B 218 -0.18 -4.58 18.88
C VAL B 218 0.28 -3.17 19.25
N THR B 219 -0.61 -2.19 19.09
CA THR B 219 -0.26 -0.83 19.44
C THR B 219 -0.19 -0.64 20.95
N ALA B 220 -1.22 -1.10 21.67
CA ALA B 220 -1.25 -0.93 23.12
C ALA B 220 -2.06 -2.04 23.76
N ILE B 221 -1.79 -2.25 25.04
CA ILE B 221 -2.53 -3.20 25.87
C ILE B 221 -3.32 -2.41 26.90
N ILE B 222 -4.64 -2.53 26.85
CA ILE B 222 -5.51 -1.90 27.84
C ILE B 222 -5.76 -2.92 28.93
N PHE B 223 -5.22 -2.66 30.11
CA PHE B 223 -5.25 -3.60 31.22
C PHE B 223 -6.16 -3.02 32.30
N CYS B 224 -7.25 -3.72 32.59
CA CYS B 224 -8.28 -3.24 33.51
C CYS B 224 -8.27 -4.09 34.77
N VAL B 225 -8.21 -3.44 35.93
CA VAL B 225 -8.39 -4.09 37.22
C VAL B 225 -9.29 -3.22 38.08
N ALA B 226 -9.85 -3.84 39.12
CA ALA B 226 -10.79 -3.17 40.01
C ALA B 226 -10.11 -2.85 41.34
N LEU B 227 -10.29 -1.61 41.81
CA LEU B 227 -9.68 -1.17 43.05
C LEU B 227 -10.25 -1.90 44.26
N SER B 228 -11.52 -2.30 44.20
CA SER B 228 -12.19 -2.96 45.32
C SER B 228 -11.85 -4.44 45.45
N ASP B 229 -10.89 -4.96 44.67
CA ASP B 229 -10.57 -6.38 44.69
C ASP B 229 -9.83 -6.81 45.96
N TYR B 230 -9.23 -5.88 46.71
CA TYR B 230 -8.35 -6.27 47.82
C TYR B 230 -9.14 -6.89 48.97
N ASP B 231 -10.36 -6.41 49.22
CA ASP B 231 -11.18 -7.00 50.27
C ASP B 231 -11.74 -8.35 49.82
N LEU B 232 -12.05 -8.49 48.54
CA LEU B 232 -12.59 -9.74 48.01
C LEU B 232 -11.51 -10.82 48.01
N VAL B 233 -11.88 -12.01 48.46
CA VAL B 233 -10.95 -13.13 48.63
C VAL B 233 -11.57 -14.35 47.98
N LEU B 234 -10.81 -15.00 47.08
CA LEU B 234 -11.24 -16.24 46.44
C LEU B 234 -11.46 -17.34 47.47
N ALA B 235 -12.43 -18.21 47.19
CA ALA B 235 -12.82 -19.29 48.10
C ALA B 235 -11.80 -20.42 47.98
N GLU B 236 -10.69 -20.25 48.69
CA GLU B 236 -9.60 -21.23 48.69
C GLU B 236 -9.23 -21.53 50.14
N ASP B 237 -8.59 -22.67 50.36
CA ASP B 237 -8.13 -23.04 51.70
C ASP B 237 -7.04 -22.09 52.19
N GLU B 238 -6.17 -21.65 51.28
CA GLU B 238 -5.14 -20.65 51.59
C GLU B 238 -5.68 -19.29 51.18
N GLU B 239 -6.03 -18.48 52.18
CA GLU B 239 -6.64 -17.17 51.94
C GLU B 239 -5.66 -16.24 51.23
N MET B 240 -6.01 -15.85 50.01
CA MET B 240 -5.14 -15.03 49.17
C MET B 240 -5.89 -13.80 48.70
N ASN B 241 -5.15 -12.69 48.56
CA ASN B 241 -5.72 -11.42 48.13
C ASN B 241 -5.75 -11.36 46.61
N ARG B 242 -6.94 -11.10 46.05
CA ARG B 242 -7.13 -11.02 44.61
C ARG B 242 -6.37 -9.83 44.02
N MET B 243 -6.16 -8.77 44.80
CA MET B 243 -5.35 -7.64 44.35
C MET B 243 -3.91 -8.05 44.08
N HIS B 244 -3.34 -8.89 44.93
CA HIS B 244 -2.01 -9.42 44.67
C HIS B 244 -1.98 -10.35 43.45
N GLU B 245 -3.09 -11.04 43.18
CA GLU B 245 -3.19 -11.82 41.94
C GLU B 245 -3.20 -10.91 40.72
N SER B 246 -3.88 -9.76 40.81
CA SER B 246 -3.84 -8.77 39.74
C SER B 246 -2.45 -8.17 39.58
N MET B 247 -1.74 -7.98 40.69
CA MET B 247 -0.34 -7.51 40.64
C MET B 247 0.56 -8.53 39.95
N LYS B 248 0.36 -9.82 40.25
CA LYS B 248 1.12 -10.88 39.58
C LYS B 248 0.80 -10.93 38.09
N LEU B 249 -0.47 -10.76 37.73
CA LEU B 249 -0.89 -10.74 36.33
C LEU B 249 -0.25 -9.57 35.58
N PHE B 250 -0.27 -8.37 36.18
CA PHE B 250 0.34 -7.21 35.55
C PHE B 250 1.86 -7.35 35.45
N ASP B 251 2.49 -7.96 36.45
CA ASP B 251 3.92 -8.20 36.40
C ASP B 251 4.28 -9.21 35.32
N SER B 252 3.43 -10.24 35.14
CA SER B 252 3.65 -11.24 34.10
C SER B 252 3.50 -10.64 32.71
N ILE B 253 2.49 -9.79 32.52
CA ILE B 253 2.27 -9.17 31.21
C ILE B 253 3.35 -8.14 30.90
N CYS B 254 3.72 -7.32 31.89
CA CYS B 254 4.68 -6.25 31.68
C CYS B 254 6.09 -6.79 31.42
N ASN B 255 6.49 -7.85 32.11
CA ASN B 255 7.83 -8.42 31.97
C ASN B 255 7.90 -9.47 30.86
N ASN B 256 6.84 -9.60 30.06
CA ASN B 256 6.83 -10.54 28.94
C ASN B 256 7.84 -10.10 27.87
N LYS B 257 8.54 -11.08 27.30
CA LYS B 257 9.56 -10.79 26.30
C LYS B 257 8.96 -10.29 24.99
N TRP B 258 7.72 -10.70 24.68
CA TRP B 258 7.08 -10.22 23.45
C TRP B 258 6.61 -8.78 23.58
N PHE B 259 6.42 -8.27 24.79
CA PHE B 259 5.93 -6.92 25.03
C PHE B 259 7.01 -6.15 25.77
N THR B 260 7.95 -5.58 25.02
CA THR B 260 8.98 -4.71 25.58
C THR B 260 8.78 -3.25 25.27
N ASP B 261 8.30 -2.92 24.07
CA ASP B 261 8.02 -1.55 23.68
C ASP B 261 6.52 -1.25 23.61
N THR B 262 5.68 -2.17 24.08
CA THR B 262 4.23 -2.02 23.99
C THR B 262 3.74 -1.27 25.22
N SER B 263 3.04 -0.16 24.99
CA SER B 263 2.50 0.63 26.09
C SER B 263 1.30 -0.07 26.72
N ILE B 264 1.09 0.20 28.01
CA ILE B 264 -0.02 -0.34 28.76
C ILE B 264 -0.88 0.83 29.24
N ILE B 265 -2.16 0.79 28.91
CA ILE B 265 -3.14 1.74 29.40
C ILE B 265 -3.82 1.08 30.58
N LEU B 266 -3.55 1.58 31.79
CA LEU B 266 -4.03 0.95 33.00
C LEU B 266 -5.34 1.61 33.44
N PHE B 267 -6.37 0.79 33.64
CA PHE B 267 -7.67 1.27 34.08
C PHE B 267 -7.99 0.70 35.45
N LEU B 268 -8.34 1.59 36.37
CA LEU B 268 -8.73 1.23 37.74
C LEU B 268 -10.24 1.44 37.85
N ASN B 269 -10.96 0.40 38.23
CA ASN B 269 -12.41 0.37 38.15
C ASN B 269 -13.02 0.48 39.54
N LYS B 270 -14.31 0.80 39.55
CA LYS B 270 -15.16 0.87 40.75
C LYS B 270 -14.60 1.84 41.78
N LYS B 271 -14.42 3.10 41.34
CA LYS B 271 -13.83 4.12 42.20
C LYS B 271 -14.76 4.50 43.36
N ASP B 272 -16.08 4.57 43.12
CA ASP B 272 -17.00 4.94 44.18
C ASP B 272 -17.12 3.86 45.25
N LEU B 273 -17.16 2.59 44.84
CA LEU B 273 -17.16 1.48 45.79
C LEU B 273 -15.83 1.39 46.52
N PHE B 274 -14.72 1.72 45.85
CA PHE B 274 -13.44 1.78 46.53
C PHE B 274 -13.39 2.91 47.56
N GLU B 275 -14.02 4.05 47.26
CA GLU B 275 -14.07 5.16 48.21
C GLU B 275 -14.91 4.79 49.42
N GLU B 276 -16.07 4.15 49.20
CA GLU B 276 -16.91 3.70 50.31
C GLU B 276 -16.19 2.63 51.14
N LYS B 277 -15.43 1.75 50.48
CA LYS B 277 -14.74 0.69 51.19
C LYS B 277 -13.56 1.23 52.01
N ILE B 278 -12.79 2.15 51.43
CA ILE B 278 -11.67 2.75 52.17
C ILE B 278 -12.17 3.65 53.28
N LYS B 279 -13.38 4.21 53.14
CA LYS B 279 -14.02 4.89 54.27
C LYS B 279 -14.42 3.88 55.34
N LYS B 280 -14.92 2.72 54.95
CA LYS B 280 -15.42 1.73 55.90
C LYS B 280 -14.31 0.81 56.43
N SER B 281 -13.33 0.46 55.61
CA SER B 281 -12.28 -0.48 56.02
C SER B 281 -10.90 0.06 55.63
N PRO B 282 -9.93 0.01 56.53
CA PRO B 282 -8.58 0.50 56.20
C PRO B 282 -7.84 -0.45 55.26
N LEU B 283 -6.86 0.10 54.56
CA LEU B 283 -6.03 -0.63 53.62
C LEU B 283 -4.85 -1.33 54.31
N THR B 284 -4.64 -1.07 55.60
CA THR B 284 -3.54 -1.69 56.34
C THR B 284 -3.69 -3.20 56.48
N ILE B 285 -4.94 -3.69 56.54
CA ILE B 285 -5.20 -5.11 56.83
C ILE B 285 -4.65 -6.04 55.74
N CYS B 286 -4.78 -5.66 54.46
CA CYS B 286 -4.33 -6.55 53.38
C CYS B 286 -2.80 -6.68 53.36
N TYR B 287 -2.07 -5.57 53.47
CA TYR B 287 -0.61 -5.66 53.61
C TYR B 287 -0.11 -4.61 54.58
N PRO B 288 0.77 -4.99 55.53
CA PRO B 288 1.25 -4.04 56.54
C PRO B 288 2.11 -2.91 56.02
N GLU B 289 2.66 -3.02 54.80
CA GLU B 289 3.61 -2.03 54.26
C GLU B 289 3.01 -0.63 54.19
N TYR B 290 1.73 -0.52 53.83
CA TYR B 290 1.07 0.78 53.74
C TYR B 290 0.78 1.30 55.14
N ALA B 291 1.37 2.45 55.49
CA ALA B 291 1.14 3.09 56.77
C ALA B 291 0.49 4.45 56.63
N GLY B 292 0.06 4.82 55.43
CA GLY B 292 -0.58 6.11 55.22
C GLY B 292 -1.94 6.21 55.88
N SER B 293 -2.28 7.43 56.27
CA SER B 293 -3.59 7.70 56.86
C SER B 293 -4.69 7.48 55.84
N ASN B 294 -5.85 7.01 56.33
CA ASN B 294 -7.01 6.70 55.50
C ASN B 294 -7.49 7.89 54.68
N THR B 295 -7.22 7.86 53.37
CA THR B 295 -7.58 8.91 52.43
C THR B 295 -7.76 8.25 51.07
N TYR B 296 -8.85 8.59 50.38
CA TYR B 296 -9.10 8.05 49.04
C TYR B 296 -7.99 8.44 48.06
N GLU B 297 -7.58 9.72 48.09
CA GLU B 297 -6.53 10.19 47.18
C GLU B 297 -5.18 9.53 47.49
N GLU B 298 -4.83 9.42 48.77
CA GLU B 298 -3.55 8.82 49.15
C GLU B 298 -3.50 7.33 48.83
N ALA B 299 -4.58 6.60 49.13
CA ALA B 299 -4.64 5.17 48.81
C ALA B 299 -4.63 4.93 47.30
N ALA B 300 -5.33 5.77 46.55
CA ALA B 300 -5.36 5.62 45.10
C ALA B 300 -4.00 5.92 44.48
N ALA B 301 -3.35 7.00 44.93
CA ALA B 301 -1.99 7.32 44.51
C ALA B 301 -1.01 6.21 44.87
N TYR B 302 -1.19 5.59 46.04
CA TYR B 302 -0.27 4.53 46.44
C TYR B 302 -0.44 3.28 45.60
N ILE B 303 -1.69 2.90 45.29
CA ILE B 303 -1.94 1.77 44.39
C ILE B 303 -1.40 2.06 43.00
N GLN B 304 -1.58 3.30 42.52
CA GLN B 304 -1.05 3.71 41.22
C GLN B 304 0.47 3.66 41.17
N CYS B 305 1.14 4.14 42.22
CA CYS B 305 2.61 4.14 42.19
C CYS B 305 3.18 2.74 42.38
N GLN B 306 2.49 1.87 43.13
CA GLN B 306 2.91 0.47 43.19
C GLN B 306 2.78 -0.22 41.83
N PHE B 307 1.66 0.03 41.13
CA PHE B 307 1.50 -0.51 39.77
C PHE B 307 2.55 0.03 38.80
N GLU B 308 2.93 1.30 38.96
CA GLU B 308 4.00 1.84 38.12
C GLU B 308 5.36 1.25 38.51
N ASP B 309 5.57 0.98 39.80
CA ASP B 309 6.80 0.34 40.26
C ASP B 309 6.92 -1.12 39.83
N LEU B 310 5.80 -1.77 39.49
CA LEU B 310 5.86 -3.11 38.93
C LEU B 310 6.59 -3.16 37.60
N ASN B 311 6.59 -2.05 36.85
CA ASN B 311 7.36 -1.96 35.60
C ASN B 311 8.85 -2.07 35.87
N LYS B 312 9.53 -2.90 35.07
CA LYS B 312 10.96 -3.09 35.20
C LYS B 312 11.77 -2.41 34.09
N ARG B 313 11.11 -1.91 33.05
CA ARG B 313 11.77 -1.20 31.95
C ARG B 313 11.00 0.10 31.73
N LYS B 314 11.34 1.13 32.50
CA LYS B 314 10.60 2.37 32.49
C LYS B 314 10.87 3.23 31.24
N ASP B 315 12.10 3.16 30.71
CA ASP B 315 12.48 4.03 29.61
C ASP B 315 11.77 3.67 28.30
N THR B 316 11.51 2.39 28.07
CA THR B 316 11.00 1.92 26.78
C THR B 316 9.54 1.50 26.88
N LYS B 317 8.85 1.84 27.97
CA LYS B 317 7.47 1.41 28.15
C LYS B 317 6.76 2.42 29.03
N GLU B 318 5.82 3.16 28.44
CA GLU B 318 4.97 4.09 29.17
C GLU B 318 3.75 3.36 29.72
N ILE B 319 3.32 3.75 30.92
CA ILE B 319 2.11 3.21 31.53
C ILE B 319 1.16 4.37 31.79
N TYR B 320 -0.02 4.29 31.17
CA TYR B 320 -1.04 5.34 31.27
C TYR B 320 -2.13 4.89 32.23
N THR B 321 -2.20 5.55 33.39
CA THR B 321 -3.12 5.19 34.46
C THR B 321 -4.27 6.19 34.49
N HIS B 322 -5.49 5.69 34.33
CA HIS B 322 -6.69 6.52 34.34
C HIS B 322 -7.76 5.86 35.20
N PHE B 323 -8.30 6.62 36.16
CA PHE B 323 -9.39 6.13 36.98
C PHE B 323 -10.67 6.09 36.16
N THR B 324 -11.28 4.92 36.07
CA THR B 324 -12.49 4.74 35.27
C THR B 324 -13.67 5.48 35.91
N CYS B 325 -14.42 6.20 35.07
CA CYS B 325 -15.59 6.93 35.48
C CYS B 325 -16.73 6.64 34.51
N SER B 326 -17.96 6.95 34.94
CA SER B 326 -19.15 6.68 34.14
C SER B 326 -19.41 7.80 33.13
N THR B 327 -18.41 8.01 32.26
CA THR B 327 -18.50 8.98 31.18
C THR B 327 -17.90 8.34 29.93
N ASP B 328 -18.69 8.30 28.85
CA ASP B 328 -18.21 7.71 27.60
C ASP B 328 -17.08 8.54 26.98
N THR B 329 -17.18 9.86 27.08
CA THR B 329 -16.21 10.75 26.43
C THR B 329 -14.83 10.66 27.06
N LYS B 330 -14.76 10.65 28.40
CA LYS B 330 -13.49 10.77 29.11
C LYS B 330 -12.57 9.56 28.92
N ASN B 331 -13.13 8.35 28.81
CA ASN B 331 -12.32 7.15 28.66
C ASN B 331 -11.74 7.04 27.26
N VAL B 332 -12.62 7.10 26.25
CA VAL B 332 -12.24 6.99 24.84
C VAL B 332 -11.23 8.08 24.45
N GLN B 333 -11.38 9.28 25.02
CA GLN B 333 -10.42 10.36 24.74
C GLN B 333 -9.05 10.04 25.33
N PHE B 334 -9.01 9.43 26.51
CA PHE B 334 -7.73 9.04 27.11
C PHE B 334 -7.06 7.93 26.30
N VAL B 335 -7.86 6.96 25.83
CA VAL B 335 -7.34 5.91 24.97
C VAL B 335 -6.81 6.49 23.66
N PHE B 336 -7.53 7.47 23.10
CA PHE B 336 -7.10 8.14 21.88
C PHE B 336 -5.80 8.91 22.08
N ASP B 337 -5.64 9.54 23.25
CA ASP B 337 -4.41 10.28 23.54
C ASP B 337 -3.23 9.33 23.69
N ALA B 338 -3.42 8.20 24.37
CA ALA B 338 -2.34 7.23 24.52
C ALA B 338 -1.97 6.59 23.17
N VAL B 339 -2.97 6.28 22.34
CA VAL B 339 -2.72 5.73 21.01
C VAL B 339 -2.02 6.78 20.14
N THR B 340 -2.38 8.06 20.30
CA THR B 340 -1.72 9.14 19.56
C THR B 340 -0.25 9.24 19.96
N ASP B 341 0.05 9.11 21.25
CA ASP B 341 1.44 9.10 21.70
C ASP B 341 2.21 7.90 21.16
N VAL B 342 1.55 6.74 21.07
CA VAL B 342 2.18 5.55 20.50
C VAL B 342 2.47 5.73 19.01
N ILE B 343 1.54 6.36 18.28
CA ILE B 343 1.76 6.63 16.86
C ILE B 343 2.86 7.66 16.66
N ILE B 344 2.96 8.65 17.55
CA ILE B 344 4.07 9.61 17.52
C ILE B 344 5.40 8.89 17.73
N LYS B 345 5.45 7.98 18.71
CA LYS B 345 6.66 7.20 18.97
C LYS B 345 7.05 6.33 17.78
N ASN B 346 6.06 5.70 17.15
CA ASN B 346 6.31 4.84 16.00
C ASN B 346 6.77 5.65 14.79
N ASN B 347 6.19 6.84 14.57
CA ASN B 347 6.62 7.68 13.46
C ASN B 347 8.02 8.23 13.68
N LEU B 348 8.37 8.56 14.93
CA LEU B 348 9.72 9.04 15.22
C LEU B 348 10.74 7.91 15.09
N LYS B 349 10.38 6.68 15.48
CA LYS B 349 11.26 5.55 15.23
C LYS B 349 11.39 5.24 13.74
N ASP B 350 10.31 5.45 12.98
CA ASP B 350 10.35 5.18 11.54
C ASP B 350 11.22 6.21 10.82
N CYS B 351 11.11 7.49 11.20
CA CYS B 351 11.98 8.52 10.63
C CYS B 351 13.43 8.32 11.05
N GLY B 352 13.67 7.78 12.24
CA GLY B 352 15.01 7.46 12.68
C GLY B 352 15.58 8.30 13.80
N LEU B 353 14.76 9.10 14.48
CA LEU B 353 15.27 9.91 15.58
C LEU B 353 15.57 9.07 16.81
N PHE B 354 14.58 8.29 17.27
CA PHE B 354 14.81 7.30 18.34
C PHE B 354 15.79 6.21 17.92
N GLN C 19 -1.99 -44.79 48.00
CA GLN C 19 -2.14 -46.18 47.62
C GLN C 19 -2.19 -46.32 46.10
N LEU C 20 -3.13 -45.60 45.48
CA LEU C 20 -3.23 -45.60 44.02
C LEU C 20 -2.02 -44.92 43.38
N ARG C 21 -1.53 -43.84 43.99
CA ARG C 21 -0.32 -43.18 43.49
C ARG C 21 0.90 -44.07 43.61
N GLN C 22 1.01 -44.80 44.73
CA GLN C 22 2.10 -45.76 44.89
C GLN C 22 2.00 -46.90 43.87
N GLU C 23 0.79 -47.33 43.56
CA GLU C 23 0.57 -48.34 42.53
C GLU C 23 0.99 -47.81 41.15
N ALA C 24 0.69 -46.54 40.87
CA ALA C 24 1.11 -45.93 39.61
C ALA C 24 2.62 -45.81 39.52
N GLU C 25 3.27 -45.45 40.64
CA GLU C 25 4.73 -45.40 40.68
C GLU C 25 5.35 -46.77 40.45
N GLN C 26 4.77 -47.81 41.06
CA GLN C 26 5.26 -49.17 40.87
C GLN C 26 5.10 -49.64 39.43
N LEU C 27 3.92 -49.38 38.83
CA LEU C 27 3.68 -49.76 37.44
C LEU C 27 4.60 -49.03 36.48
N LYS C 28 4.81 -47.72 36.68
CA LYS C 28 5.69 -46.99 35.77
C LYS C 28 7.15 -47.39 35.98
N ASN C 29 7.54 -47.78 37.20
CA ASN C 29 8.87 -48.33 37.43
C ASN C 29 9.05 -49.67 36.73
N GLN C 30 8.00 -50.50 36.73
CA GLN C 30 8.04 -51.77 36.00
C GLN C 30 8.14 -51.55 34.48
N ILE C 31 7.41 -50.55 33.97
CA ILE C 31 7.49 -50.22 32.55
C ILE C 31 8.88 -49.69 32.19
N ARG C 32 9.47 -48.86 33.06
CA ARG C 32 10.83 -48.36 32.85
C ARG C 32 11.85 -49.50 32.88
N ASP C 33 11.66 -50.46 33.79
CA ASP C 33 12.55 -51.63 33.85
C ASP C 33 12.41 -52.48 32.59
N ALA C 34 11.18 -52.62 32.07
CA ALA C 34 10.97 -53.35 30.83
C ALA C 34 11.61 -52.65 29.64
N ARG C 35 11.53 -51.32 29.61
CA ARG C 35 12.20 -50.55 28.55
C ARG C 35 13.72 -50.68 28.65
N LYS C 36 14.26 -50.72 29.88
CA LYS C 36 15.70 -50.87 30.07
C LYS C 36 16.17 -52.25 29.64
N ALA C 37 15.45 -53.30 30.05
CA ALA C 37 15.82 -54.67 29.69
C ALA C 37 15.62 -54.95 28.21
N CYS C 38 14.62 -54.33 27.58
CA CYS C 38 14.34 -54.58 26.16
C CYS C 38 15.45 -54.02 25.28
N ALA C 39 15.96 -52.83 25.60
CA ALA C 39 17.05 -52.24 24.82
C ALA C 39 18.35 -53.00 25.04
N ASP C 40 18.99 -53.40 23.95
CA ASP C 40 20.26 -54.11 24.00
C ASP C 40 21.38 -53.38 23.27
N ALA C 41 21.12 -52.87 22.06
CA ALA C 41 22.14 -52.22 21.26
C ALA C 41 21.67 -50.82 20.87
N THR C 42 22.58 -49.85 20.99
CA THR C 42 22.28 -48.48 20.63
C THR C 42 22.11 -48.36 19.11
N LEU C 43 21.13 -47.55 18.69
CA LEU C 43 20.87 -47.34 17.27
C LEU C 43 22.06 -46.69 16.56
N SER C 44 22.74 -45.76 17.24
CA SER C 44 23.90 -45.09 16.64
C SER C 44 25.05 -46.07 16.42
N GLN C 45 25.24 -47.02 17.33
CA GLN C 45 26.28 -48.03 17.18
C GLN C 45 25.99 -48.94 15.99
N ILE C 46 24.74 -49.32 15.80
CA ILE C 46 24.37 -50.18 14.67
C ILE C 46 24.49 -49.42 13.36
N THR C 47 23.99 -48.18 13.32
CA THR C 47 23.99 -47.38 12.11
C THR C 47 25.28 -46.57 11.91
N ASN C 48 26.32 -46.84 12.69
CA ASN C 48 27.61 -46.19 12.47
C ASN C 48 28.32 -46.74 11.24
N ASN C 49 27.98 -47.96 10.82
CA ASN C 49 28.66 -48.61 9.70
C ASN C 49 28.40 -47.90 8.37
N ILE C 50 27.18 -47.41 8.15
CA ILE C 50 26.79 -46.82 6.87
C ILE C 50 27.56 -45.53 6.62
N ASP C 51 27.96 -45.32 5.37
CA ASP C 51 28.71 -44.13 4.99
C ASP C 51 27.84 -42.87 5.06
N PRO C 52 28.43 -41.73 5.40
CA PRO C 52 27.64 -40.48 5.47
C PRO C 52 27.20 -40.00 4.08
N VAL C 53 26.02 -39.38 4.06
CA VAL C 53 25.48 -38.84 2.81
C VAL C 53 26.30 -37.66 2.31
N GLY C 54 26.87 -36.85 3.20
CA GLY C 54 27.65 -35.70 2.81
C GLY C 54 26.84 -34.41 2.82
N ARG C 55 27.52 -33.34 2.42
CA ARG C 55 26.93 -32.00 2.36
C ARG C 55 25.78 -31.96 1.35
N ILE C 56 24.61 -31.53 1.83
CA ILE C 56 23.41 -31.43 1.01
C ILE C 56 23.04 -29.95 0.91
N GLN C 57 23.19 -29.38 -0.28
CA GLN C 57 22.89 -27.98 -0.52
C GLN C 57 21.61 -27.87 -1.34
N MET C 58 20.64 -27.13 -0.81
CA MET C 58 19.33 -26.95 -1.43
C MET C 58 19.16 -25.48 -1.79
N ARG C 59 18.94 -25.20 -3.08
CA ARG C 59 18.81 -23.85 -3.58
C ARG C 59 17.35 -23.45 -3.70
N THR C 60 17.05 -22.21 -3.33
CA THR C 60 15.72 -21.65 -3.53
C THR C 60 15.35 -21.63 -5.02
N ARG C 61 14.13 -22.09 -5.33
CA ARG C 61 13.58 -22.05 -6.67
C ARG C 61 12.52 -20.98 -6.84
N ARG C 62 11.58 -20.89 -5.91
CA ARG C 62 10.46 -19.96 -5.99
C ARG C 62 10.37 -19.17 -4.70
N THR C 63 9.98 -17.90 -4.83
CA THR C 63 9.69 -17.03 -3.70
C THR C 63 8.27 -16.53 -3.83
N LEU C 64 7.45 -16.79 -2.83
CA LEU C 64 6.04 -16.42 -2.85
C LEU C 64 5.83 -15.17 -2.00
N ARG C 65 5.09 -14.20 -2.54
CA ARG C 65 4.90 -12.90 -1.91
C ARG C 65 3.43 -12.51 -1.94
N GLY C 66 3.09 -11.48 -1.17
CA GLY C 66 1.74 -10.96 -1.12
C GLY C 66 0.94 -11.28 0.12
N HIS C 67 1.52 -12.03 1.08
CA HIS C 67 0.81 -12.30 2.33
C HIS C 67 0.66 -11.05 3.18
N LEU C 68 1.73 -10.25 3.31
CA LEU C 68 1.78 -8.98 4.06
C LEU C 68 1.46 -9.15 5.54
N ALA C 69 1.61 -10.35 6.08
CA ALA C 69 1.35 -10.63 7.48
C ALA C 69 2.03 -11.95 7.86
N LYS C 70 2.06 -12.21 9.17
CA LYS C 70 2.78 -13.34 9.75
C LYS C 70 2.14 -14.66 9.36
N ILE C 71 2.83 -15.44 8.52
CA ILE C 71 2.36 -16.75 8.10
C ILE C 71 2.52 -17.75 9.26
N TYR C 72 1.49 -18.57 9.50
CA TYR C 72 1.61 -19.60 10.53
C TYR C 72 1.59 -21.04 10.02
N ALA C 73 0.88 -21.34 8.94
CA ALA C 73 0.71 -22.74 8.57
C ALA C 73 0.64 -22.90 7.05
N MET C 74 1.31 -23.94 6.55
CA MET C 74 1.18 -24.39 5.17
C MET C 74 0.96 -25.89 5.13
N HIS C 75 0.28 -26.34 4.07
CA HIS C 75 0.05 -27.76 3.85
C HIS C 75 0.13 -28.07 2.37
N TRP C 76 0.92 -29.08 2.01
CA TRP C 76 1.02 -29.52 0.63
C TRP C 76 -0.20 -30.35 0.21
N GLY C 77 -0.56 -30.22 -1.07
CA GLY C 77 -1.53 -31.11 -1.65
C GLY C 77 -0.92 -32.43 -2.10
N THR C 78 -1.79 -33.38 -2.43
CA THR C 78 -1.33 -34.68 -2.90
C THR C 78 -1.00 -34.70 -4.38
N ASP C 79 -1.35 -33.64 -5.12
CA ASP C 79 -0.95 -33.53 -6.52
C ASP C 79 0.44 -32.93 -6.68
N SER C 80 1.10 -32.57 -5.57
CA SER C 80 2.46 -32.06 -5.47
C SER C 80 2.66 -30.71 -6.15
N ARG C 81 1.58 -30.00 -6.47
CA ARG C 81 1.68 -28.72 -7.14
C ARG C 81 1.00 -27.58 -6.39
N LEU C 82 -0.18 -27.81 -5.84
CA LEU C 82 -0.90 -26.78 -5.09
C LEU C 82 -0.52 -26.85 -3.62
N LEU C 83 -0.48 -25.68 -2.98
CA LEU C 83 -0.28 -25.65 -1.53
C LEU C 83 -1.06 -24.50 -0.91
N VAL C 84 -1.60 -24.74 0.28
CA VAL C 84 -2.39 -23.73 1.00
C VAL C 84 -1.49 -23.06 2.02
N SER C 85 -1.79 -21.81 2.34
CA SER C 85 -1.02 -21.05 3.33
C SER C 85 -1.95 -20.15 4.13
N ALA C 86 -1.69 -20.03 5.43
CA ALA C 86 -2.54 -19.30 6.36
C ALA C 86 -1.77 -18.11 6.92
N SER C 87 -2.37 -16.91 6.82
CA SER C 87 -1.71 -15.70 7.25
C SER C 87 -2.57 -14.96 8.27
N GLN C 88 -1.95 -14.02 8.97
CA GLN C 88 -2.63 -13.28 10.03
C GLN C 88 -3.52 -12.15 9.54
N ASP C 89 -3.43 -11.76 8.28
CA ASP C 89 -4.33 -10.72 7.77
C ASP C 89 -5.74 -11.23 7.51
N GLY C 90 -6.02 -12.51 7.77
CA GLY C 90 -7.31 -13.08 7.48
C GLY C 90 -7.40 -13.76 6.13
N LYS C 91 -6.27 -14.25 5.62
CA LYS C 91 -6.23 -14.83 4.28
C LYS C 91 -5.71 -16.27 4.31
N LEU C 92 -6.40 -17.13 3.58
CA LEU C 92 -5.84 -18.40 3.12
C LEU C 92 -5.52 -18.23 1.65
N ILE C 93 -4.26 -18.45 1.27
CA ILE C 93 -3.87 -18.33 -0.12
C ILE C 93 -3.49 -19.72 -0.62
N ILE C 94 -4.14 -20.15 -1.70
CA ILE C 94 -3.86 -21.42 -2.35
C ILE C 94 -3.01 -21.13 -3.58
N TRP C 95 -1.83 -21.74 -3.63
CA TRP C 95 -0.74 -21.38 -4.51
C TRP C 95 -0.49 -22.47 -5.54
N ASP C 96 -0.22 -22.03 -6.78
CA ASP C 96 0.41 -22.85 -7.79
C ASP C 96 1.92 -22.69 -7.62
N SER C 97 2.59 -23.76 -7.20
CA SER C 97 4.02 -23.67 -6.88
C SER C 97 4.90 -23.65 -8.13
N TYR C 98 4.44 -24.23 -9.24
CA TYR C 98 5.30 -24.30 -10.43
C TYR C 98 5.34 -22.98 -11.17
N THR C 99 4.22 -22.28 -11.30
CA THR C 99 4.12 -21.08 -12.11
C THR C 99 4.12 -19.79 -11.30
N THR C 100 4.13 -19.90 -9.97
CA THR C 100 4.18 -18.84 -8.94
C THR C 100 2.84 -18.08 -8.85
N ASN C 101 1.87 -18.38 -9.71
CA ASN C 101 0.59 -17.71 -9.69
C ASN C 101 -0.25 -18.13 -8.49
N LYS C 102 -1.09 -17.20 -8.03
CA LYS C 102 -2.04 -17.48 -6.96
C LYS C 102 -3.31 -18.08 -7.55
N VAL C 103 -3.74 -19.20 -6.99
CA VAL C 103 -4.94 -19.88 -7.48
C VAL C 103 -6.18 -19.42 -6.72
N HIS C 104 -6.11 -19.36 -5.39
CA HIS C 104 -7.25 -18.92 -4.60
C HIS C 104 -6.80 -17.98 -3.49
N ALA C 105 -7.72 -17.08 -3.11
CA ALA C 105 -7.52 -16.17 -1.98
C ALA C 105 -8.83 -16.15 -1.19
N ILE C 106 -8.85 -16.83 -0.06
CA ILE C 106 -10.04 -17.02 0.77
C ILE C 106 -9.96 -16.01 1.91
N PRO C 107 -10.83 -15.00 1.96
CA PRO C 107 -10.90 -14.15 3.15
C PRO C 107 -11.54 -14.89 4.31
N LEU C 108 -10.96 -14.70 5.49
CA LEU C 108 -11.38 -15.44 6.67
C LEU C 108 -12.21 -14.57 7.59
N ARG C 109 -13.15 -15.21 8.29
CA ARG C 109 -14.02 -14.50 9.22
C ARG C 109 -13.24 -14.02 10.44
N SER C 110 -12.39 -14.88 10.99
CA SER C 110 -11.53 -14.54 12.12
C SER C 110 -10.09 -14.43 11.64
N SER C 111 -9.46 -13.30 11.93
CA SER C 111 -8.08 -13.06 11.48
C SER C 111 -7.10 -13.98 12.18
N TRP C 112 -7.30 -14.24 13.47
CA TRP C 112 -6.35 -15.02 14.25
C TRP C 112 -6.51 -16.49 13.89
N VAL C 113 -5.51 -17.04 13.18
CA VAL C 113 -5.54 -18.38 12.61
C VAL C 113 -4.21 -19.05 12.94
N MET C 114 -4.26 -20.33 13.32
CA MET C 114 -3.05 -21.05 13.69
C MET C 114 -2.82 -22.36 12.93
N THR C 115 -3.78 -22.82 12.12
CA THR C 115 -3.59 -24.04 11.36
C THR C 115 -4.48 -24.04 10.13
N CYS C 116 -4.04 -24.80 9.11
CA CYS C 116 -4.80 -24.97 7.88
C CYS C 116 -4.43 -26.30 7.25
N ALA C 117 -5.44 -27.03 6.81
CA ALA C 117 -5.29 -28.35 6.19
C ALA C 117 -5.80 -28.33 4.76
N TYR C 118 -5.09 -29.01 3.87
CA TYR C 118 -5.53 -29.21 2.49
C TYR C 118 -5.94 -30.67 2.33
N ALA C 119 -7.13 -30.90 1.78
CA ALA C 119 -7.69 -32.24 1.67
C ALA C 119 -6.89 -33.07 0.66
N PRO C 120 -6.86 -34.40 0.84
CA PRO C 120 -6.18 -35.26 -0.16
C PRO C 120 -6.85 -35.24 -1.53
N SER C 121 -8.18 -35.21 -1.57
CA SER C 121 -8.87 -35.06 -2.84
C SER C 121 -8.68 -33.68 -3.43
N GLY C 122 -8.51 -32.66 -2.58
CA GLY C 122 -8.42 -31.29 -3.04
C GLY C 122 -9.72 -30.53 -3.06
N ASN C 123 -10.82 -31.15 -2.61
CA ASN C 123 -12.11 -30.49 -2.63
C ASN C 123 -12.23 -29.43 -1.54
N TYR C 124 -11.64 -29.69 -0.37
CA TYR C 124 -11.90 -28.88 0.81
C TYR C 124 -10.60 -28.33 1.39
N VAL C 125 -10.72 -27.23 2.13
CA VAL C 125 -9.64 -26.63 2.89
C VAL C 125 -10.15 -26.31 4.30
N ALA C 126 -9.42 -26.77 5.31
CA ALA C 126 -9.76 -26.45 6.69
C ALA C 126 -8.84 -25.36 7.22
N CYS C 127 -9.35 -24.60 8.18
CA CYS C 127 -8.54 -23.61 8.87
C CYS C 127 -9.07 -23.45 10.29
N GLY C 128 -8.20 -22.96 11.17
CA GLY C 128 -8.60 -22.77 12.55
C GLY C 128 -7.55 -21.98 13.31
N GLY C 129 -7.98 -21.47 14.47
CA GLY C 129 -7.11 -20.66 15.30
C GLY C 129 -7.71 -20.33 16.65
N LEU C 130 -7.59 -19.06 17.06
CA LEU C 130 -8.03 -18.61 18.37
C LEU C 130 -9.53 -18.41 18.48
N ASP C 131 -10.29 -18.58 17.39
CA ASP C 131 -11.74 -18.39 17.42
C ASP C 131 -12.50 -19.62 17.87
N ASN C 132 -11.80 -20.74 18.15
CA ASN C 132 -12.32 -22.01 18.61
C ASN C 132 -13.25 -22.69 17.60
N ILE C 133 -13.20 -22.26 16.33
CA ILE C 133 -14.07 -22.74 15.28
C ILE C 133 -13.18 -23.27 14.16
N CYS C 134 -13.54 -24.42 13.60
CA CYS C 134 -12.83 -24.99 12.45
C CYS C 134 -13.66 -24.76 11.19
N SER C 135 -13.10 -24.03 10.24
CA SER C 135 -13.84 -23.68 9.03
C SER C 135 -13.43 -24.60 7.88
N ILE C 136 -14.41 -25.22 7.25
CA ILE C 136 -14.24 -26.11 6.10
C ILE C 136 -14.80 -25.37 4.89
N TYR C 137 -13.95 -25.18 3.88
CA TYR C 137 -14.27 -24.44 2.67
C TYR C 137 -14.26 -25.39 1.48
N ASN C 138 -15.35 -25.39 0.71
CA ASN C 138 -15.43 -26.15 -0.52
C ASN C 138 -14.82 -25.35 -1.66
N LEU C 139 -13.98 -26.01 -2.47
CA LEU C 139 -13.29 -25.35 -3.57
C LEU C 139 -13.88 -25.67 -4.93
N LYS C 140 -14.74 -26.68 -5.04
CA LYS C 140 -15.26 -27.14 -6.32
C LYS C 140 -16.72 -26.74 -6.52
N THR C 141 -17.13 -25.65 -5.90
CA THR C 141 -18.51 -25.16 -6.04
C THR C 141 -18.77 -24.67 -7.47
N ARG C 142 -20.03 -24.79 -7.89
CA ARG C 142 -20.42 -24.39 -9.23
C ARG C 142 -20.52 -22.87 -9.36
N GLU C 143 -20.78 -22.18 -8.24
CA GLU C 143 -20.89 -20.72 -8.27
C GLU C 143 -19.55 -20.04 -8.55
N GLY C 144 -18.45 -20.64 -8.11
CA GLY C 144 -17.13 -20.13 -8.39
C GLY C 144 -16.51 -19.26 -7.31
N ASN C 145 -17.23 -19.02 -6.22
CA ASN C 145 -16.69 -18.31 -5.07
C ASN C 145 -16.55 -19.27 -3.88
N VAL C 146 -15.36 -19.30 -3.29
CA VAL C 146 -15.09 -20.20 -2.18
C VAL C 146 -15.85 -19.71 -0.95
N ARG C 147 -16.92 -20.40 -0.59
CA ARG C 147 -17.76 -20.01 0.53
C ARG C 147 -17.64 -21.03 1.66
N VAL C 148 -18.08 -20.60 2.84
CA VAL C 148 -18.03 -21.43 4.04
C VAL C 148 -18.96 -22.63 3.87
N SER C 149 -18.39 -23.83 3.85
CA SER C 149 -19.21 -25.04 3.75
C SER C 149 -19.65 -25.51 5.13
N ARG C 150 -18.71 -25.73 6.05
CA ARG C 150 -19.09 -26.29 7.34
C ARG C 150 -18.19 -25.74 8.46
N GLU C 151 -18.80 -25.36 9.58
CA GLU C 151 -18.03 -24.86 10.72
C GLU C 151 -18.17 -25.82 11.89
N LEU C 152 -17.05 -26.39 12.30
CA LEU C 152 -16.99 -27.21 13.51
C LEU C 152 -16.88 -26.30 14.72
N ALA C 153 -17.55 -26.70 15.80
CA ALA C 153 -17.71 -25.83 16.97
C ALA C 153 -17.95 -26.70 18.19
N GLY C 154 -17.15 -26.51 19.24
CA GLY C 154 -17.29 -27.30 20.44
C GLY C 154 -16.01 -27.49 21.23
N HIS C 155 -14.92 -26.89 20.78
CA HIS C 155 -13.66 -26.94 21.50
C HIS C 155 -13.60 -25.78 22.50
N THR C 156 -13.13 -26.08 23.70
CA THR C 156 -13.01 -25.09 24.77
C THR C 156 -11.65 -24.41 24.75
N GLY C 157 -10.75 -24.86 23.87
CA GLY C 157 -9.43 -24.27 23.74
C GLY C 157 -9.14 -23.97 22.29
N TYR C 158 -8.08 -23.18 22.07
CA TYR C 158 -7.67 -22.81 20.72
C TYR C 158 -7.24 -24.03 19.92
N LEU C 159 -7.73 -24.12 18.68
CA LEU C 159 -7.32 -25.20 17.79
C LEU C 159 -5.87 -25.02 17.38
N SER C 160 -5.09 -26.10 17.47
CA SER C 160 -3.67 -26.02 17.13
C SER C 160 -3.31 -26.75 15.84
N CYS C 161 -4.09 -27.74 15.42
CA CYS C 161 -3.79 -28.51 14.22
C CYS C 161 -5.04 -29.23 13.76
N CYS C 162 -5.12 -29.46 12.45
CA CYS C 162 -6.22 -30.18 11.83
C CYS C 162 -5.69 -30.89 10.59
N ARG C 163 -6.16 -32.11 10.34
CA ARG C 163 -5.72 -32.90 9.20
C ARG C 163 -6.89 -33.71 8.64
N PHE C 164 -7.07 -33.66 7.32
CA PHE C 164 -8.15 -34.38 6.63
C PHE C 164 -7.79 -35.85 6.47
N LEU C 165 -8.37 -36.70 7.32
CA LEU C 165 -8.26 -38.14 7.09
C LEU C 165 -9.02 -38.55 5.84
N ASP C 166 -10.23 -38.00 5.68
CA ASP C 166 -11.11 -38.26 4.56
C ASP C 166 -11.92 -37.00 4.31
N ASP C 167 -12.57 -36.92 3.15
CA ASP C 167 -13.42 -35.78 2.81
C ASP C 167 -14.61 -35.58 3.75
N ASN C 168 -14.93 -36.54 4.62
CA ASN C 168 -16.04 -36.41 5.55
C ASN C 168 -15.63 -36.47 7.02
N GLN C 169 -14.39 -36.88 7.32
CA GLN C 169 -13.94 -37.05 8.70
C GLN C 169 -12.63 -36.30 8.90
N ILE C 170 -12.51 -35.62 10.04
CA ILE C 170 -11.33 -34.80 10.32
C ILE C 170 -10.97 -34.88 11.81
N VAL C 171 -9.68 -35.00 12.12
CA VAL C 171 -9.20 -34.97 13.49
C VAL C 171 -8.55 -33.62 13.76
N THR C 172 -9.01 -32.96 14.83
CA THR C 172 -8.48 -31.68 15.26
C THR C 172 -7.96 -31.80 16.68
N SER C 173 -6.93 -31.03 16.99
CA SER C 173 -6.41 -30.92 18.34
C SER C 173 -6.64 -29.52 18.87
N SER C 174 -6.92 -29.41 20.17
CA SER C 174 -7.36 -28.14 20.72
C SER C 174 -6.58 -27.83 22.00
N GLY C 175 -6.66 -26.56 22.42
CA GLY C 175 -5.96 -26.09 23.59
C GLY C 175 -6.70 -26.29 24.90
N ASP C 176 -7.74 -27.12 24.92
CA ASP C 176 -8.37 -27.57 26.16
C ASP C 176 -7.90 -28.97 26.53
N THR C 177 -6.73 -29.39 26.02
CA THR C 177 -6.05 -30.67 26.25
C THR C 177 -6.76 -31.84 25.56
N THR C 178 -7.66 -31.55 24.63
CA THR C 178 -8.52 -32.54 24.02
C THR C 178 -8.21 -32.65 22.53
N CYS C 179 -8.51 -33.82 21.96
CA CYS C 179 -8.53 -34.03 20.52
C CYS C 179 -9.92 -34.55 20.13
N ALA C 180 -10.27 -34.37 18.86
CA ALA C 180 -11.58 -34.81 18.43
C ALA C 180 -11.55 -35.32 16.99
N LEU C 181 -12.39 -36.31 16.72
CA LEU C 181 -12.70 -36.80 15.39
C LEU C 181 -14.13 -36.37 15.05
N TRP C 182 -14.25 -35.57 14.00
CA TRP C 182 -15.46 -34.87 13.60
C TRP C 182 -15.96 -35.45 12.29
N ASP C 183 -17.28 -35.50 12.15
CA ASP C 183 -17.95 -35.83 10.90
C ASP C 183 -18.40 -34.52 10.26
N ILE C 184 -17.94 -34.28 9.03
CA ILE C 184 -18.14 -32.97 8.40
C ILE C 184 -19.59 -32.80 7.95
N GLU C 185 -20.18 -33.84 7.36
CA GLU C 185 -21.55 -33.75 6.86
C GLU C 185 -22.56 -33.65 8.01
N THR C 186 -22.31 -34.37 9.11
CA THR C 186 -23.17 -34.25 10.28
C THR C 186 -22.94 -32.93 11.00
N GLY C 187 -21.68 -32.58 11.25
CA GLY C 187 -21.33 -31.38 11.97
C GLY C 187 -21.06 -31.60 13.45
N GLN C 188 -21.35 -32.78 13.97
CA GLN C 188 -21.09 -33.12 15.36
C GLN C 188 -19.80 -33.91 15.47
N GLN C 189 -19.17 -33.85 16.64
CA GLN C 189 -17.97 -34.63 16.88
C GLN C 189 -18.34 -36.07 17.20
N THR C 190 -17.65 -37.01 16.56
CA THR C 190 -17.92 -38.43 16.74
C THR C 190 -17.10 -39.01 17.88
N THR C 191 -15.77 -38.88 17.81
CA THR C 191 -14.88 -39.47 18.80
C THR C 191 -14.16 -38.37 19.57
N THR C 192 -14.12 -38.48 20.89
CA THR C 192 -13.42 -37.52 21.72
C THR C 192 -12.25 -38.19 22.40
N PHE C 193 -11.06 -37.61 22.27
CA PHE C 193 -9.83 -38.13 22.87
C PHE C 193 -9.45 -37.22 24.02
N THR C 194 -9.39 -37.79 25.23
CA THR C 194 -9.08 -37.06 26.45
C THR C 194 -8.03 -37.86 27.21
N GLY C 195 -7.24 -37.16 28.04
CA GLY C 195 -6.18 -37.82 28.77
C GLY C 195 -4.94 -36.97 28.93
N HIS C 196 -4.65 -36.12 27.94
CA HIS C 196 -3.53 -35.19 28.02
C HIS C 196 -3.74 -34.18 29.13
N THR C 197 -2.65 -33.84 29.83
CA THR C 197 -2.69 -32.82 30.86
C THR C 197 -2.14 -31.48 30.39
N GLY C 198 -1.55 -31.44 29.19
CA GLY C 198 -1.05 -30.22 28.61
C GLY C 198 -1.71 -29.95 27.26
N ASP C 199 -1.55 -28.71 26.79
CA ASP C 199 -2.12 -28.29 25.51
C ASP C 199 -1.52 -29.08 24.36
N VAL C 200 -2.36 -29.83 23.64
CA VAL C 200 -1.91 -30.62 22.51
C VAL C 200 -1.57 -29.67 21.35
N MET C 201 -0.31 -29.66 20.95
CA MET C 201 0.16 -28.65 20.00
C MET C 201 0.13 -29.08 18.55
N SER C 202 0.19 -30.38 18.26
CA SER C 202 0.26 -30.84 16.89
C SER C 202 -0.21 -32.28 16.82
N LEU C 203 -0.49 -32.73 15.59
CA LEU C 203 -0.85 -34.11 15.33
C LEU C 203 -0.36 -34.48 13.94
N SER C 204 -0.12 -35.78 13.74
CA SER C 204 0.38 -36.29 12.47
C SER C 204 -0.38 -37.56 12.13
N LEU C 205 -0.65 -37.77 10.85
CA LEU C 205 -1.39 -38.92 10.38
C LEU C 205 -0.46 -39.93 9.71
N ALA C 206 -0.59 -41.19 10.09
CA ALA C 206 0.16 -42.26 9.48
C ALA C 206 -0.41 -42.55 8.09
N PRO C 207 0.38 -43.18 7.19
CA PRO C 207 -0.16 -43.48 5.85
C PRO C 207 -1.39 -44.38 5.81
N ASP C 208 -1.45 -45.41 6.67
CA ASP C 208 -2.64 -46.24 6.74
C ASP C 208 -3.86 -45.47 7.25
N THR C 209 -3.63 -44.49 8.15
CA THR C 209 -4.56 -43.54 8.80
C THR C 209 -5.35 -44.20 9.92
N ARG C 210 -5.03 -45.46 10.27
CA ARG C 210 -5.70 -46.15 11.35
C ARG C 210 -5.42 -45.51 12.71
N LEU C 211 -4.18 -45.06 12.93
CA LEU C 211 -3.77 -44.47 14.20
C LEU C 211 -3.01 -43.17 13.96
N PHE C 212 -3.00 -42.31 14.98
CA PHE C 212 -2.32 -41.02 14.89
C PHE C 212 -1.69 -40.68 16.23
N VAL C 213 -0.48 -40.12 16.20
CA VAL C 213 0.22 -39.69 17.41
C VAL C 213 0.12 -38.17 17.52
N SER C 214 0.00 -37.68 18.76
CA SER C 214 -0.11 -36.26 19.02
C SER C 214 0.68 -35.90 20.28
N GLY C 215 1.38 -34.77 20.24
CA GLY C 215 2.22 -34.33 21.34
C GLY C 215 1.63 -33.10 22.04
N ALA C 216 1.86 -33.00 23.34
CA ALA C 216 1.22 -31.96 24.15
C ALA C 216 2.26 -31.19 24.95
N CYS C 217 1.78 -30.25 25.76
CA CYS C 217 2.62 -29.39 26.59
C CYS C 217 2.94 -30.02 27.95
N ASP C 218 2.73 -31.31 28.11
CA ASP C 218 3.19 -32.05 29.28
C ASP C 218 4.45 -32.85 28.99
N ALA C 219 5.16 -32.49 27.92
CA ALA C 219 6.39 -33.12 27.43
C ALA C 219 6.18 -34.58 27.02
N SER C 220 4.95 -34.95 26.70
CA SER C 220 4.65 -36.31 26.27
C SER C 220 3.86 -36.30 24.97
N ALA C 221 4.01 -37.39 24.22
CA ALA C 221 3.21 -37.68 23.04
C ALA C 221 2.41 -38.94 23.30
N LYS C 222 1.24 -39.05 22.66
CA LYS C 222 0.39 -40.21 22.82
C LYS C 222 -0.09 -40.69 21.46
N LEU C 223 -0.08 -42.00 21.29
CA LEU C 223 -0.54 -42.66 20.08
C LEU C 223 -1.96 -43.16 20.31
N TRP C 224 -2.89 -42.65 19.51
CA TRP C 224 -4.32 -42.90 19.64
C TRP C 224 -4.80 -43.67 18.42
N ASP C 225 -5.45 -44.81 18.66
CA ASP C 225 -6.13 -45.54 17.60
C ASP C 225 -7.48 -44.89 17.34
N VAL C 226 -7.73 -44.54 16.07
CA VAL C 226 -8.99 -43.90 15.66
C VAL C 226 -10.19 -44.79 15.94
N ARG C 227 -10.15 -46.03 15.42
CA ARG C 227 -11.27 -46.95 15.54
C ARG C 227 -11.54 -47.35 17.00
N GLU C 228 -10.48 -47.66 17.75
CA GLU C 228 -10.65 -48.05 19.15
C GLU C 228 -11.12 -46.87 20.01
N GLY C 229 -10.56 -45.69 19.79
CA GLY C 229 -10.91 -44.55 20.61
C GLY C 229 -10.20 -44.48 21.93
N MET C 230 -9.12 -45.25 22.11
CA MET C 230 -8.37 -45.30 23.35
C MET C 230 -6.89 -45.05 23.06
N CYS C 231 -6.14 -44.75 24.11
CA CYS C 231 -4.74 -44.41 23.97
C CYS C 231 -3.94 -45.68 23.79
N ARG C 232 -3.41 -45.88 22.58
CA ARG C 232 -2.62 -47.08 22.30
C ARG C 232 -1.27 -47.03 22.99
N GLN C 233 -0.56 -45.91 22.88
CA GLN C 233 0.78 -45.82 23.45
C GLN C 233 1.04 -44.43 24.01
N THR C 234 2.09 -44.32 24.82
CA THR C 234 2.48 -43.06 25.45
C THR C 234 4.00 -42.97 25.51
N PHE C 235 4.54 -41.86 25.00
CA PHE C 235 5.98 -41.64 24.90
C PHE C 235 6.35 -40.41 25.70
N THR C 236 7.22 -40.59 26.69
CA THR C 236 7.77 -39.49 27.48
C THR C 236 9.28 -39.43 27.28
N GLY C 237 9.89 -38.34 27.73
CA GLY C 237 11.32 -38.18 27.60
C GLY C 237 11.78 -36.76 27.34
N HIS C 238 10.87 -35.91 26.88
CA HIS C 238 11.20 -34.51 26.65
C HIS C 238 11.21 -33.74 27.97
N GLU C 239 11.92 -32.60 27.95
CA GLU C 239 12.04 -31.74 29.12
C GLU C 239 11.14 -30.51 29.05
N SER C 240 10.56 -30.21 27.89
CA SER C 240 9.79 -28.99 27.70
C SER C 240 8.61 -29.30 26.77
N ASP C 241 7.90 -28.24 26.38
CA ASP C 241 6.68 -28.38 25.58
C ASP C 241 7.00 -28.88 24.18
N ILE C 242 6.26 -29.90 23.74
CA ILE C 242 6.42 -30.45 22.40
C ILE C 242 5.61 -29.62 21.42
N ASN C 243 6.28 -29.06 20.41
CA ASN C 243 5.62 -28.19 19.45
C ASN C 243 5.27 -28.88 18.13
N ALA C 244 5.92 -29.99 17.80
CA ALA C 244 5.76 -30.58 16.49
C ALA C 244 5.91 -32.10 16.56
N ILE C 245 5.24 -32.79 15.63
CA ILE C 245 5.29 -34.24 15.55
C ILE C 245 5.04 -34.64 14.10
N CYS C 246 5.67 -35.74 13.68
CA CYS C 246 5.59 -36.17 12.29
C CYS C 246 5.94 -37.64 12.16
N PHE C 247 5.06 -38.41 11.52
CA PHE C 247 5.34 -39.83 11.26
C PHE C 247 6.41 -40.01 10.19
N PHE C 248 7.07 -41.17 10.25
CA PHE C 248 8.02 -41.61 9.25
C PHE C 248 7.20 -42.15 8.07
N PRO C 249 7.81 -42.27 6.87
CA PRO C 249 7.07 -42.89 5.75
C PRO C 249 6.62 -44.32 5.98
N ASN C 250 7.41 -45.16 6.66
CA ASN C 250 6.95 -46.51 6.96
C ASN C 250 5.75 -46.52 7.91
N GLY C 251 5.70 -45.56 8.82
CA GLY C 251 4.63 -45.45 9.80
C GLY C 251 4.91 -46.11 11.14
N ASN C 252 6.06 -46.73 11.32
CA ASN C 252 6.42 -47.36 12.59
C ASN C 252 7.25 -46.44 13.50
N ALA C 253 7.63 -45.26 13.03
CA ALA C 253 8.44 -44.34 13.81
C ALA C 253 7.92 -42.92 13.63
N PHE C 254 8.26 -42.05 14.58
CA PHE C 254 7.84 -40.65 14.51
C PHE C 254 8.81 -39.78 15.28
N ALA C 255 9.20 -38.67 14.66
CA ALA C 255 10.09 -37.71 15.32
C ALA C 255 9.27 -36.60 15.97
N THR C 256 9.75 -36.15 17.13
CA THR C 256 9.14 -35.07 17.89
C THR C 256 10.13 -33.93 18.07
N GLY C 257 9.62 -32.71 17.98
CA GLY C 257 10.41 -31.52 18.27
C GLY C 257 9.79 -30.76 19.43
N SER C 258 10.64 -30.26 20.31
CA SER C 258 10.19 -29.65 21.55
C SER C 258 10.94 -28.34 21.79
N ASP C 259 10.51 -27.61 22.82
CA ASP C 259 11.08 -26.31 23.12
C ASP C 259 12.39 -26.40 23.91
N ASP C 260 12.85 -27.60 24.24
CA ASP C 260 14.10 -27.78 24.97
C ASP C 260 15.32 -27.93 24.05
N ALA C 261 15.21 -27.47 22.80
CA ALA C 261 16.28 -27.46 21.79
C ALA C 261 16.78 -28.86 21.46
N THR C 262 15.91 -29.87 21.55
CA THR C 262 16.25 -31.22 21.18
C THR C 262 15.13 -31.81 20.32
N CYS C 263 15.50 -32.79 19.49
CA CYS C 263 14.54 -33.57 18.74
C CYS C 263 14.73 -35.03 19.11
N ARG C 264 13.65 -35.80 19.04
CA ARG C 264 13.73 -37.21 19.42
C ARG C 264 13.02 -38.06 18.39
N LEU C 265 13.45 -39.33 18.29
CA LEU C 265 12.84 -40.30 17.38
C LEU C 265 12.29 -41.45 18.22
N PHE C 266 11.00 -41.72 18.08
CA PHE C 266 10.35 -42.77 18.87
C PHE C 266 9.80 -43.83 17.94
N ASP C 267 10.07 -45.09 18.27
CA ASP C 267 9.56 -46.24 17.52
C ASP C 267 8.34 -46.79 18.24
N LEU C 268 7.31 -47.12 17.45
CA LEU C 268 6.06 -47.61 18.03
C LEU C 268 6.23 -49.02 18.61
N ARG C 269 6.88 -49.91 17.86
CA ARG C 269 7.04 -51.29 18.31
C ARG C 269 8.09 -51.40 19.43
N ALA C 270 9.20 -50.67 19.31
CA ALA C 270 10.22 -50.69 20.35
C ALA C 270 9.77 -49.98 21.62
N ASP C 271 8.94 -48.93 21.46
CA ASP C 271 8.34 -48.15 22.56
C ASP C 271 9.41 -47.51 23.45
N GLN C 272 10.41 -46.91 22.82
CA GLN C 272 11.48 -46.23 23.54
C GLN C 272 12.13 -45.20 22.62
N GLU C 273 12.97 -44.36 23.23
CA GLU C 273 13.66 -43.28 22.53
C GLU C 273 14.79 -43.86 21.69
N LEU C 274 14.65 -43.81 20.36
CA LEU C 274 15.68 -44.33 19.47
C LEU C 274 16.92 -43.42 19.46
N MET C 275 16.72 -42.14 19.18
CA MET C 275 17.84 -41.24 18.93
C MET C 275 17.43 -39.82 19.25
N THR C 276 18.42 -39.00 19.62
CA THR C 276 18.23 -37.61 19.99
C THR C 276 19.09 -36.73 19.10
N TYR C 277 18.48 -35.69 18.53
CA TYR C 277 19.13 -34.75 17.62
C TYR C 277 19.29 -33.43 18.35
N SER C 278 20.54 -33.04 18.63
CA SER C 278 20.83 -31.81 19.35
C SER C 278 22.29 -31.42 19.11
N HIS C 279 22.56 -30.12 19.21
CA HIS C 279 23.92 -29.61 19.14
C HIS C 279 24.05 -28.50 20.18
N ASP C 280 25.29 -28.28 20.63
CA ASP C 280 25.55 -27.43 21.79
C ASP C 280 25.22 -25.95 21.53
N ASN C 281 25.49 -25.47 20.32
CA ASN C 281 25.34 -24.03 20.04
C ASN C 281 23.89 -23.58 20.01
N ILE C 282 22.98 -24.45 19.57
CA ILE C 282 21.58 -24.08 19.39
C ILE C 282 20.81 -24.36 20.68
N ILE C 283 20.27 -23.30 21.28
CA ILE C 283 19.45 -23.40 22.48
C ILE C 283 17.99 -23.07 22.22
N CYS C 284 17.64 -22.67 21.00
CA CYS C 284 16.29 -22.28 20.67
C CYS C 284 15.42 -23.48 20.30
N GLY C 285 14.10 -23.26 20.31
CA GLY C 285 13.14 -24.33 20.10
C GLY C 285 12.97 -24.74 18.64
N ILE C 286 12.20 -25.83 18.46
CA ILE C 286 11.94 -26.42 17.16
C ILE C 286 10.48 -26.15 16.81
N THR C 287 10.25 -25.29 15.81
CA THR C 287 8.87 -24.96 15.43
C THR C 287 8.18 -26.10 14.69
N SER C 288 8.87 -26.74 13.76
CA SER C 288 8.22 -27.78 12.96
C SER C 288 9.25 -28.81 12.51
N VAL C 289 8.76 -30.01 12.22
CA VAL C 289 9.57 -31.13 11.72
C VAL C 289 8.84 -31.78 10.56
N SER C 290 9.62 -32.41 9.68
CA SER C 290 9.07 -33.12 8.54
C SER C 290 10.08 -34.18 8.09
N PHE C 291 9.65 -35.03 7.16
CA PHE C 291 10.48 -36.10 6.64
C PHE C 291 10.47 -36.10 5.12
N SER C 292 11.56 -36.62 4.56
CA SER C 292 11.69 -36.85 3.13
C SER C 292 10.99 -38.16 2.75
N LYS C 293 10.87 -38.38 1.44
CA LYS C 293 10.23 -39.60 0.94
C LYS C 293 11.00 -40.85 1.37
N SER C 294 12.33 -40.83 1.24
CA SER C 294 13.14 -41.92 1.77
C SER C 294 13.11 -41.95 3.29
N GLY C 295 13.12 -40.78 3.92
CA GLY C 295 13.19 -40.69 5.36
C GLY C 295 14.59 -40.56 5.91
N ARG C 296 15.60 -40.58 5.06
CA ARG C 296 16.99 -40.44 5.49
C ARG C 296 17.25 -39.05 6.10
N LEU C 297 16.63 -38.02 5.54
CA LEU C 297 16.86 -36.65 5.98
C LEU C 297 15.68 -36.17 6.82
N LEU C 298 15.97 -35.62 7.99
CA LEU C 298 14.98 -35.03 8.88
C LEU C 298 15.14 -33.52 8.83
N LEU C 299 14.11 -32.82 8.38
CA LEU C 299 14.17 -31.37 8.23
C LEU C 299 13.43 -30.73 9.39
N ALA C 300 14.05 -29.74 10.03
CA ALA C 300 13.43 -29.08 11.17
C ALA C 300 13.79 -27.61 11.18
N GLY C 301 12.78 -26.75 11.29
CA GLY C 301 13.01 -25.32 11.38
C GLY C 301 13.08 -24.87 12.83
N TYR C 302 14.06 -24.02 13.12
CA TYR C 302 14.33 -23.61 14.49
C TYR C 302 14.05 -22.11 14.61
N ASP C 303 14.19 -21.60 15.83
CA ASP C 303 14.04 -20.16 16.07
C ASP C 303 15.29 -19.36 15.75
N ASP C 304 16.36 -19.99 15.26
CA ASP C 304 17.59 -19.30 14.91
C ASP C 304 17.60 -18.80 13.47
N PHE C 305 16.40 -18.57 12.90
CA PHE C 305 16.16 -18.09 11.53
C PHE C 305 16.58 -19.10 10.47
N ASN C 306 16.71 -20.37 10.84
CA ASN C 306 17.27 -21.39 9.96
C ASN C 306 16.43 -22.65 9.97
N CYS C 307 16.62 -23.45 8.93
CA CYS C 307 16.05 -24.80 8.84
C CYS C 307 17.21 -25.78 8.70
N ASN C 308 17.38 -26.64 9.69
CA ASN C 308 18.48 -27.60 9.68
C ASN C 308 18.02 -28.95 9.16
N VAL C 309 18.82 -29.54 8.27
CA VAL C 309 18.59 -30.86 7.73
C VAL C 309 19.57 -31.80 8.43
N TRP C 310 19.05 -32.72 9.22
CA TRP C 310 19.82 -33.69 9.98
C TRP C 310 19.79 -35.04 9.27
N ASP C 311 20.89 -35.77 9.35
CA ASP C 311 20.88 -37.17 8.96
C ASP C 311 20.18 -37.96 10.05
N ALA C 312 19.09 -38.65 9.70
CA ALA C 312 18.24 -39.30 10.70
C ALA C 312 18.92 -40.51 11.35
N LEU C 313 19.79 -41.20 10.62
CA LEU C 313 20.36 -42.44 11.13
C LEU C 313 21.65 -42.27 11.90
N LYS C 314 22.30 -41.10 11.82
CA LYS C 314 23.56 -40.89 12.51
C LYS C 314 23.56 -39.69 13.45
N ALA C 315 22.45 -38.94 13.52
CA ALA C 315 22.29 -37.76 14.38
C ALA C 315 23.34 -36.68 14.08
N ASP C 316 23.57 -36.42 12.80
CA ASP C 316 24.53 -35.42 12.38
C ASP C 316 23.86 -34.47 11.40
N ARG C 317 24.32 -33.22 11.39
CA ARG C 317 23.72 -32.19 10.55
C ARG C 317 24.19 -32.34 9.11
N ALA C 318 23.23 -32.45 8.19
CA ALA C 318 23.54 -32.60 6.78
C ALA C 318 23.46 -31.31 5.99
N GLY C 319 22.69 -30.33 6.46
CA GLY C 319 22.62 -29.07 5.74
C GLY C 319 21.96 -27.98 6.56
N VAL C 320 22.12 -26.75 6.08
CA VAL C 320 21.58 -25.55 6.71
C VAL C 320 20.88 -24.73 5.64
N LEU C 321 19.62 -24.37 5.89
CA LEU C 321 18.82 -23.54 5.01
C LEU C 321 18.63 -22.20 5.69
N ALA C 322 19.40 -21.20 5.24
CA ALA C 322 19.29 -19.83 5.72
C ALA C 322 18.74 -18.94 4.61
N GLY C 323 18.06 -17.86 5.01
CA GLY C 323 17.46 -16.98 4.03
C GLY C 323 16.17 -16.32 4.47
N HIS C 324 15.57 -16.83 5.56
CA HIS C 324 14.41 -16.17 6.15
C HIS C 324 14.87 -15.12 7.15
N ASP C 325 14.16 -13.99 7.16
CA ASP C 325 14.54 -12.84 7.96
C ASP C 325 13.79 -12.77 9.29
N ASN C 326 12.87 -13.68 9.55
CA ASN C 326 12.15 -13.73 10.81
C ASN C 326 11.99 -15.20 11.20
N ARG C 327 11.34 -15.44 12.34
CA ARG C 327 11.19 -16.77 12.92
C ARG C 327 10.44 -17.71 11.98
N VAL C 328 11.12 -18.79 11.56
CA VAL C 328 10.52 -19.77 10.67
C VAL C 328 9.48 -20.57 11.44
N SER C 329 8.25 -20.57 10.94
CA SER C 329 7.12 -21.13 11.67
C SER C 329 6.68 -22.50 11.18
N CYS C 330 6.83 -22.81 9.88
CA CYS C 330 6.28 -24.05 9.35
C CYS C 330 7.14 -24.54 8.20
N LEU C 331 7.06 -25.85 7.96
CA LEU C 331 7.91 -26.50 6.98
C LEU C 331 7.15 -27.72 6.45
N GLY C 332 7.18 -27.91 5.13
CA GLY C 332 6.49 -29.03 4.54
C GLY C 332 7.16 -29.65 3.33
N VAL C 333 7.28 -30.98 3.34
CA VAL C 333 7.84 -31.75 2.23
C VAL C 333 6.67 -32.29 1.42
N THR C 334 6.75 -32.17 0.10
CA THR C 334 5.70 -32.67 -0.78
C THR C 334 5.71 -34.19 -0.85
N ASP C 335 4.60 -34.75 -1.34
CA ASP C 335 4.38 -36.20 -1.34
C ASP C 335 5.42 -36.94 -2.19
N ASP C 336 5.66 -36.46 -3.42
CA ASP C 336 6.74 -37.05 -4.21
C ASP C 336 8.11 -36.72 -3.63
N GLY C 337 8.25 -35.59 -2.93
CA GLY C 337 9.51 -35.24 -2.31
C GLY C 337 10.43 -34.38 -3.13
N MET C 338 9.95 -33.82 -4.24
CA MET C 338 10.79 -32.99 -5.10
C MET C 338 11.27 -31.73 -4.40
N ALA C 339 10.40 -31.06 -3.64
CA ALA C 339 10.73 -29.77 -3.07
C ALA C 339 10.29 -29.70 -1.61
N VAL C 340 10.82 -28.70 -0.90
CA VAL C 340 10.46 -28.44 0.48
C VAL C 340 10.07 -26.96 0.59
N ALA C 341 8.89 -26.67 1.12
CA ALA C 341 8.44 -25.30 1.23
C ALA C 341 8.40 -24.87 2.69
N THR C 342 9.09 -23.78 3.00
CA THR C 342 9.17 -23.24 4.34
C THR C 342 8.42 -21.91 4.43
N GLY C 343 7.67 -21.75 5.53
CA GLY C 343 6.98 -20.52 5.85
C GLY C 343 7.52 -19.89 7.12
N SER C 344 7.80 -18.60 7.07
CA SER C 344 8.39 -17.86 8.16
C SER C 344 7.55 -16.63 8.48
N TRP C 345 7.93 -15.95 9.55
CA TRP C 345 7.18 -14.77 10.00
C TRP C 345 7.50 -13.51 9.22
N ASP C 346 8.36 -13.57 8.21
CA ASP C 346 8.67 -12.43 7.37
C ASP C 346 7.72 -12.29 6.19
N SER C 347 6.67 -13.13 6.12
CA SER C 347 5.61 -13.19 5.12
C SER C 347 6.10 -13.72 3.77
N PHE C 348 7.22 -14.45 3.75
CA PHE C 348 7.75 -15.04 2.53
C PHE C 348 7.72 -16.55 2.61
N LEU C 349 7.11 -17.20 1.63
CA LEU C 349 7.12 -18.65 1.49
C LEU C 349 8.23 -19.00 0.50
N LYS C 350 9.19 -19.81 0.93
CA LYS C 350 10.33 -20.13 0.08
C LYS C 350 10.38 -21.63 -0.21
N ILE C 351 10.59 -21.96 -1.48
CA ILE C 351 10.67 -23.34 -1.93
C ILE C 351 12.14 -23.68 -2.16
N TRP C 352 12.60 -24.74 -1.50
CA TRP C 352 13.98 -25.20 -1.52
C TRP C 352 14.04 -26.53 -2.26
N ASN C 353 14.89 -26.62 -3.28
CA ASN C 353 15.09 -27.87 -3.99
C ASN C 353 16.57 -28.24 -3.95
N ALA D 10 -11.68 -42.29 40.76
CA ALA D 10 -12.25 -42.38 39.41
C ALA D 10 -11.18 -42.09 38.36
N GLN D 11 -10.64 -40.87 38.39
CA GLN D 11 -9.59 -40.49 37.46
C GLN D 11 -8.31 -41.29 37.69
N ALA D 12 -7.95 -41.49 38.97
CA ALA D 12 -6.76 -42.27 39.30
C ALA D 12 -6.90 -43.73 38.88
N ARG D 13 -8.09 -44.31 39.09
CA ARG D 13 -8.35 -45.69 38.67
C ARG D 13 -8.28 -45.82 37.15
N LYS D 14 -8.83 -44.86 36.43
CA LYS D 14 -8.76 -44.85 34.97
C LYS D 14 -7.32 -44.72 34.49
N LEU D 15 -6.52 -43.88 35.15
CA LEU D 15 -5.11 -43.74 34.82
C LEU D 15 -4.33 -45.03 35.06
N VAL D 16 -4.62 -45.72 36.18
CA VAL D 16 -3.97 -46.99 36.47
C VAL D 16 -4.35 -48.05 35.44
N GLU D 17 -5.64 -48.10 35.05
CA GLU D 17 -6.09 -49.07 34.04
C GLU D 17 -5.46 -48.78 32.68
N GLN D 18 -5.36 -47.51 32.30
CA GLN D 18 -4.70 -47.14 31.04
C GLN D 18 -3.22 -47.49 31.06
N LEU D 19 -2.55 -47.25 32.20
CA LEU D 19 -1.14 -47.59 32.33
C LEU D 19 -0.93 -49.11 32.25
N LYS D 20 -1.83 -49.89 32.87
CA LYS D 20 -1.77 -51.35 32.76
C LYS D 20 -1.99 -51.81 31.33
N MET D 21 -2.92 -51.17 30.62
CA MET D 21 -3.15 -51.48 29.20
C MET D 21 -1.92 -51.17 28.36
N GLU D 22 -1.25 -50.05 28.65
CA GLU D 22 -0.01 -49.69 27.97
C GLU D 22 1.10 -50.69 28.25
N ALA D 23 1.19 -51.17 29.49
CA ALA D 23 2.25 -52.10 29.88
C ALA D 23 2.15 -53.43 29.14
N ASN D 24 0.93 -53.94 28.95
CA ASN D 24 0.71 -55.25 28.33
C ASN D 24 0.73 -55.11 26.81
N ILE D 25 1.94 -54.93 26.27
CA ILE D 25 2.15 -54.83 24.83
C ILE D 25 3.35 -55.69 24.44
N ASP D 26 3.19 -56.50 23.38
CA ASP D 26 4.22 -57.39 22.89
C ASP D 26 5.35 -56.60 22.21
N ARG D 27 6.20 -56.01 23.05
CA ARG D 27 7.34 -55.23 22.56
C ARG D 27 8.37 -56.14 21.90
N ILE D 28 8.63 -55.92 20.62
CA ILE D 28 9.65 -56.67 19.89
C ILE D 28 11.02 -56.10 20.19
N LYS D 29 12.07 -56.81 19.76
CA LYS D 29 13.44 -56.36 19.95
C LYS D 29 13.73 -55.15 19.06
N VAL D 30 14.40 -54.14 19.65
CA VAL D 30 14.73 -52.90 18.95
C VAL D 30 15.66 -53.12 17.76
N SER D 31 16.45 -54.20 17.78
CA SER D 31 17.35 -54.49 16.66
C SER D 31 16.58 -54.83 15.39
N LYS D 32 15.46 -55.55 15.53
CA LYS D 32 14.62 -55.86 14.37
C LYS D 32 14.00 -54.60 13.77
N ALA D 33 13.55 -53.67 14.63
CA ALA D 33 13.00 -52.40 14.15
C ALA D 33 14.09 -51.56 13.49
N ALA D 34 15.31 -51.60 14.03
CA ALA D 34 16.43 -50.89 13.41
C ALA D 34 16.78 -51.47 12.05
N ALA D 35 16.77 -52.81 11.93
CA ALA D 35 17.02 -53.46 10.65
C ALA D 35 15.94 -53.11 9.64
N ASP D 36 14.67 -53.09 10.07
CA ASP D 36 13.58 -52.70 9.17
C ASP D 36 13.71 -51.25 8.73
N LEU D 37 14.11 -50.37 9.65
CA LEU D 37 14.29 -48.95 9.33
C LEU D 37 15.41 -48.75 8.32
N MET D 38 16.55 -49.42 8.54
CA MET D 38 17.67 -49.33 7.60
C MET D 38 17.33 -49.93 6.25
N ALA D 39 16.58 -51.04 6.24
CA ALA D 39 16.17 -51.66 4.98
C ALA D 39 15.22 -50.76 4.21
N TYR D 40 14.30 -50.08 4.91
CA TYR D 40 13.37 -49.16 4.25
C TYR D 40 14.12 -47.95 3.67
N CYS D 41 15.06 -47.40 4.44
CA CYS D 41 15.85 -46.26 3.97
C CYS D 41 16.71 -46.64 2.76
N GLU D 42 17.38 -47.81 2.81
CA GLU D 42 18.20 -48.24 1.69
C GLU D 42 17.37 -48.57 0.46
N ALA D 43 16.16 -49.12 0.66
CA ALA D 43 15.29 -49.45 -0.47
C ALA D 43 14.76 -48.20 -1.15
N HIS D 44 14.34 -47.19 -0.37
CA HIS D 44 13.75 -45.98 -0.94
C HIS D 44 14.75 -44.84 -1.09
N ALA D 45 16.05 -45.11 -0.90
CA ALA D 45 17.07 -44.06 -1.01
C ALA D 45 17.19 -43.54 -2.44
N LYS D 46 17.09 -44.43 -3.43
CA LYS D 46 17.24 -44.03 -4.83
C LYS D 46 16.09 -43.14 -5.30
N GLU D 47 14.87 -43.39 -4.82
CA GLU D 47 13.69 -42.68 -5.29
C GLU D 47 13.67 -41.22 -4.84
N ASP D 48 14.29 -40.91 -3.70
CA ASP D 48 14.20 -39.59 -3.07
C ASP D 48 14.87 -38.50 -3.92
N PRO D 49 14.14 -37.45 -4.33
CA PRO D 49 14.79 -36.34 -5.02
C PRO D 49 15.66 -35.49 -4.12
N LEU D 50 15.33 -35.40 -2.82
CA LEU D 50 16.15 -34.64 -1.89
C LEU D 50 17.49 -35.31 -1.64
N LEU D 51 17.48 -36.63 -1.46
CA LEU D 51 18.71 -37.36 -1.14
C LEU D 51 19.63 -37.47 -2.35
N THR D 52 19.06 -37.73 -3.53
CA THR D 52 19.82 -37.93 -4.75
C THR D 52 19.42 -36.85 -5.75
N PRO D 53 20.37 -36.06 -6.27
CA PRO D 53 20.00 -34.92 -7.11
C PRO D 53 19.39 -35.32 -8.45
N VAL D 54 18.48 -34.48 -8.92
CA VAL D 54 17.69 -34.72 -10.12
C VAL D 54 18.18 -33.77 -11.20
N PRO D 55 18.40 -34.25 -12.44
CA PRO D 55 18.68 -33.35 -13.57
C PRO D 55 17.61 -32.27 -13.76
N ALA D 56 18.06 -31.12 -14.27
CA ALA D 56 17.21 -29.94 -14.41
C ALA D 56 16.05 -30.17 -15.38
N SER D 57 16.28 -30.95 -16.45
CA SER D 57 15.21 -31.25 -17.40
C SER D 57 14.10 -32.07 -16.76
N GLU D 58 14.46 -33.06 -15.94
CA GLU D 58 13.45 -33.83 -15.20
C GLU D 58 12.84 -32.99 -14.08
N ASN D 59 13.60 -32.04 -13.54
CA ASN D 59 13.15 -31.18 -12.45
C ASN D 59 11.99 -30.29 -12.91
N PRO D 60 10.84 -30.32 -12.25
CA PRO D 60 9.76 -29.38 -12.60
C PRO D 60 10.08 -27.94 -12.25
N PHE D 61 10.83 -27.70 -11.18
CA PHE D 61 11.22 -26.35 -10.81
C PHE D 61 12.48 -25.96 -11.60
N ARG D 62 12.38 -24.89 -12.38
CA ARG D 62 13.49 -24.46 -13.23
C ARG D 62 13.60 -22.95 -13.17
N GLU D 63 14.78 -22.46 -13.55
CA GLU D 63 15.03 -21.02 -13.63
C GLU D 63 14.23 -20.40 -14.76
N LYS D 64 13.65 -19.23 -14.49
CA LYS D 64 12.86 -18.50 -15.47
C LYS D 64 13.55 -17.18 -15.80
N LYS D 65 13.74 -16.92 -17.09
CA LYS D 65 14.39 -15.69 -17.53
C LYS D 65 13.45 -14.49 -17.40
N VAL E 2 -26.64 -21.12 -11.01
CA VAL E 2 -25.97 -20.67 -12.23
C VAL E 2 -26.97 -20.63 -13.39
N GLN E 3 -27.16 -19.45 -13.96
CA GLN E 3 -28.10 -19.29 -15.06
C GLN E 3 -27.68 -18.06 -15.88
N LEU E 4 -27.80 -18.18 -17.20
CA LEU E 4 -27.50 -17.10 -18.14
C LEU E 4 -28.66 -16.99 -19.12
N VAL E 5 -29.25 -15.81 -19.23
CA VAL E 5 -30.33 -15.60 -20.19
C VAL E 5 -30.05 -14.33 -21.00
N GLU E 6 -30.27 -14.43 -22.32
CA GLU E 6 -29.96 -13.35 -23.26
C GLU E 6 -31.24 -12.66 -23.72
N SER E 7 -31.12 -11.36 -23.98
CA SER E 7 -32.22 -10.58 -24.48
C SER E 7 -31.71 -9.59 -25.52
N GLY E 8 -32.63 -9.14 -26.37
CA GLY E 8 -32.32 -8.24 -27.47
C GLY E 8 -32.50 -8.83 -28.86
N GLY E 9 -33.16 -9.97 -28.98
CA GLY E 9 -33.33 -10.64 -30.27
C GLY E 9 -34.32 -9.99 -31.21
N GLY E 10 -34.78 -10.77 -32.19
CA GLY E 10 -35.71 -10.29 -33.20
C GLY E 10 -35.03 -10.03 -34.52
N LEU E 11 -35.82 -9.52 -35.47
CA LEU E 11 -35.32 -9.27 -36.81
C LEU E 11 -34.62 -7.92 -36.86
N VAL E 12 -33.51 -7.87 -37.61
CA VAL E 12 -32.70 -6.67 -37.76
C VAL E 12 -32.51 -6.42 -39.24
N GLN E 13 -32.61 -5.15 -39.67
CA GLN E 13 -32.32 -4.78 -41.04
C GLN E 13 -30.81 -4.71 -41.25
N PRO E 14 -30.32 -5.08 -42.44
CA PRO E 14 -28.88 -4.99 -42.71
C PRO E 14 -28.39 -3.55 -42.74
N GLY E 15 -27.20 -3.33 -42.18
CA GLY E 15 -26.66 -2.01 -41.99
C GLY E 15 -27.09 -1.32 -40.72
N GLY E 16 -27.99 -1.93 -39.95
CA GLY E 16 -28.44 -1.36 -38.69
C GLY E 16 -27.51 -1.63 -37.54
N SER E 17 -28.05 -1.52 -36.33
CA SER E 17 -27.30 -1.72 -35.10
C SER E 17 -28.20 -2.37 -34.07
N ARG E 18 -27.59 -3.17 -33.19
CA ARG E 18 -28.34 -3.91 -32.18
C ARG E 18 -27.45 -4.14 -30.96
N LYS E 19 -28.04 -4.01 -29.77
CA LYS E 19 -27.32 -4.20 -28.52
C LYS E 19 -27.96 -5.31 -27.72
N LEU E 20 -27.28 -6.45 -27.64
CA LEU E 20 -27.71 -7.59 -26.84
C LEU E 20 -27.26 -7.44 -25.40
N SER E 21 -28.04 -8.02 -24.49
CA SER E 21 -27.66 -8.02 -23.08
C SER E 21 -27.93 -9.39 -22.49
N CYS E 22 -26.95 -9.93 -21.79
CA CYS E 22 -27.06 -11.23 -21.15
C CYS E 22 -26.97 -11.04 -19.64
N SER E 23 -28.01 -11.48 -18.94
CA SER E 23 -28.07 -11.37 -17.49
C SER E 23 -27.75 -12.70 -16.84
N ALA E 24 -26.93 -12.63 -15.78
CA ALA E 24 -26.41 -13.78 -15.05
C ALA E 24 -27.04 -13.83 -13.67
N SER E 25 -27.35 -15.03 -13.21
CA SER E 25 -27.92 -15.21 -11.87
C SER E 25 -27.31 -16.43 -11.20
N GLY E 26 -27.08 -16.32 -9.90
CA GLY E 26 -26.66 -17.43 -9.08
C GLY E 26 -25.21 -17.83 -9.17
N PHE E 27 -24.33 -16.93 -9.59
CA PHE E 27 -22.88 -17.14 -9.50
C PHE E 27 -22.18 -15.79 -9.53
N ALA E 28 -20.90 -15.82 -9.16
CA ALA E 28 -20.06 -14.63 -9.08
C ALA E 28 -19.64 -14.22 -10.48
N PHE E 29 -20.43 -13.33 -11.08
CA PHE E 29 -20.23 -12.88 -12.46
C PHE E 29 -18.88 -12.17 -12.65
N SER E 30 -18.39 -11.48 -11.62
CA SER E 30 -17.18 -10.68 -11.75
C SER E 30 -15.92 -11.53 -11.90
N SER E 31 -15.96 -12.82 -11.54
CA SER E 31 -14.77 -13.67 -11.59
C SER E 31 -14.68 -14.54 -12.83
N PHE E 32 -15.71 -14.57 -13.66
CA PHE E 32 -15.72 -15.41 -14.86
C PHE E 32 -15.49 -14.58 -16.12
N GLY E 33 -14.66 -15.11 -17.02
CA GLY E 33 -14.55 -14.54 -18.34
C GLY E 33 -15.71 -14.97 -19.23
N MET E 34 -16.05 -14.12 -20.19
CA MET E 34 -17.24 -14.31 -21.01
C MET E 34 -16.91 -14.49 -22.48
N HIS E 35 -17.53 -15.51 -23.08
CA HIS E 35 -17.37 -15.86 -24.49
C HIS E 35 -18.71 -15.72 -25.22
N TRP E 36 -18.66 -15.13 -26.41
CA TRP E 36 -19.79 -15.08 -27.32
C TRP E 36 -19.49 -16.06 -28.45
N VAL E 37 -20.41 -17.01 -28.68
CA VAL E 37 -20.30 -18.04 -29.69
C VAL E 37 -21.53 -17.96 -30.60
N ARG E 38 -21.33 -18.03 -31.91
CA ARG E 38 -22.45 -17.98 -32.84
C ARG E 38 -22.66 -19.34 -33.52
N GLN E 39 -23.91 -19.61 -33.88
CA GLN E 39 -24.27 -20.85 -34.55
C GLN E 39 -25.20 -20.56 -35.71
N ALA E 40 -24.83 -21.05 -36.89
CA ALA E 40 -25.68 -20.94 -38.06
C ALA E 40 -26.84 -21.93 -37.94
N PRO E 41 -27.98 -21.65 -38.59
CA PRO E 41 -29.14 -22.57 -38.50
C PRO E 41 -28.87 -24.00 -38.94
N GLU E 42 -28.27 -24.23 -40.11
CA GLU E 42 -27.97 -25.59 -40.55
C GLU E 42 -26.47 -25.80 -40.75
N LYS E 43 -25.65 -25.17 -39.91
CA LYS E 43 -24.20 -25.37 -39.93
C LYS E 43 -23.70 -25.42 -38.50
N GLY E 44 -22.40 -25.67 -38.34
CA GLY E 44 -21.77 -25.79 -37.05
C GLY E 44 -21.67 -24.47 -36.29
N LEU E 45 -21.07 -24.57 -35.10
CA LEU E 45 -20.86 -23.45 -34.20
C LEU E 45 -19.68 -22.61 -34.70
N GLU E 46 -19.60 -21.37 -34.21
CA GLU E 46 -18.49 -20.48 -34.54
C GLU E 46 -18.26 -19.50 -33.40
N TRP E 47 -16.99 -19.31 -33.03
CA TRP E 47 -16.62 -18.40 -31.95
C TRP E 47 -16.61 -16.95 -32.42
N VAL E 48 -17.14 -16.06 -31.59
CA VAL E 48 -17.16 -14.63 -31.87
C VAL E 48 -16.15 -13.86 -31.02
N ALA E 49 -16.29 -13.91 -29.70
CA ALA E 49 -15.54 -12.94 -28.89
C ALA E 49 -15.30 -13.44 -27.48
N TYR E 50 -14.34 -12.80 -26.81
CA TYR E 50 -13.99 -13.09 -25.42
C TYR E 50 -13.61 -11.82 -24.68
N ILE E 51 -14.09 -11.69 -23.44
CA ILE E 51 -13.64 -10.65 -22.52
C ILE E 51 -13.24 -11.32 -21.20
N SER E 52 -12.09 -10.90 -20.66
CA SER E 52 -11.61 -11.43 -19.39
C SER E 52 -12.37 -10.81 -18.23
N SER E 53 -12.23 -11.42 -17.06
CA SER E 53 -12.72 -10.83 -15.82
C SER E 53 -11.92 -9.58 -15.49
N GLY E 54 -12.61 -8.50 -15.16
CA GLY E 54 -11.97 -7.21 -14.94
C GLY E 54 -11.64 -6.44 -16.20
N SER E 55 -12.01 -6.95 -17.38
CA SER E 55 -11.89 -6.27 -18.68
C SER E 55 -10.44 -5.96 -19.04
N GLY E 56 -9.50 -6.78 -18.57
CA GLY E 56 -8.09 -6.53 -18.79
C GLY E 56 -7.62 -6.87 -20.19
N THR E 57 -8.17 -7.93 -20.79
CA THR E 57 -7.85 -8.30 -22.16
C THR E 57 -9.13 -8.69 -22.89
N ILE E 58 -9.17 -8.38 -24.18
CA ILE E 58 -10.34 -8.58 -25.03
C ILE E 58 -9.84 -9.20 -26.33
N TYR E 59 -10.49 -10.29 -26.77
CA TYR E 59 -10.12 -10.95 -28.01
C TYR E 59 -11.33 -11.10 -28.92
N TYR E 60 -11.06 -11.01 -30.23
CA TYR E 60 -12.07 -11.13 -31.27
C TYR E 60 -11.56 -12.08 -32.35
N ALA E 61 -12.50 -12.73 -33.04
CA ALA E 61 -12.18 -13.39 -34.28
C ALA E 61 -11.87 -12.36 -35.36
N ASP E 62 -11.10 -12.78 -36.37
CA ASP E 62 -10.67 -11.85 -37.41
C ASP E 62 -11.82 -11.45 -38.33
N THR E 63 -12.81 -12.32 -38.51
CA THR E 63 -13.97 -12.00 -39.32
C THR E 63 -14.89 -10.98 -38.66
N VAL E 64 -14.85 -10.87 -37.33
CA VAL E 64 -15.74 -9.99 -36.59
C VAL E 64 -15.00 -8.80 -35.99
N LYS E 65 -13.75 -8.58 -36.40
CA LYS E 65 -12.92 -7.50 -35.86
C LYS E 65 -13.46 -6.13 -36.26
N GLY E 66 -13.72 -5.28 -35.26
CA GLY E 66 -14.21 -3.93 -35.50
C GLY E 66 -15.70 -3.70 -35.38
N ARG E 67 -16.50 -4.48 -36.11
CA ARG E 67 -17.96 -4.31 -36.09
C ARG E 67 -18.55 -4.64 -34.73
N PHE E 68 -18.01 -5.65 -34.05
CA PHE E 68 -18.55 -6.16 -32.80
C PHE E 68 -17.75 -5.60 -31.63
N THR E 69 -18.48 -5.09 -30.63
CA THR E 69 -17.87 -4.55 -29.41
C THR E 69 -18.44 -5.31 -28.22
N ILE E 70 -17.57 -5.75 -27.31
CA ILE E 70 -17.97 -6.51 -26.14
C ILE E 70 -17.63 -5.72 -24.88
N SER E 71 -18.61 -5.59 -23.97
CA SER E 71 -18.40 -4.93 -22.70
C SER E 71 -19.13 -5.70 -21.62
N ARG E 72 -18.87 -5.34 -20.36
CA ARG E 72 -19.51 -5.99 -19.23
C ARG E 72 -19.66 -5.00 -18.09
N ASP E 73 -20.75 -5.14 -17.35
CA ASP E 73 -21.01 -4.33 -16.16
C ASP E 73 -21.20 -5.28 -14.98
N ASP E 74 -20.21 -5.32 -14.10
CA ASP E 74 -20.16 -6.16 -12.90
C ASP E 74 -21.12 -5.78 -11.77
N PRO E 75 -21.38 -4.50 -11.43
CA PRO E 75 -22.40 -4.24 -10.39
C PRO E 75 -23.82 -4.61 -10.80
N LYS E 76 -24.13 -4.66 -12.09
CA LYS E 76 -25.44 -5.09 -12.55
C LYS E 76 -25.43 -6.50 -13.10
N ASN E 77 -24.24 -7.13 -13.19
CA ASN E 77 -24.03 -8.50 -13.66
C ASN E 77 -24.60 -8.72 -15.07
N THR E 78 -24.27 -7.81 -15.99
CA THR E 78 -24.83 -7.87 -17.33
C THR E 78 -23.71 -7.75 -18.38
N LEU E 79 -23.76 -8.63 -19.37
CA LEU E 79 -22.81 -8.64 -20.47
C LEU E 79 -23.46 -7.96 -21.67
N PHE E 80 -22.81 -6.93 -22.22
CA PHE E 80 -23.37 -6.14 -23.31
C PHE E 80 -22.60 -6.39 -24.59
N LEU E 81 -23.32 -6.69 -25.67
CA LEU E 81 -22.74 -6.84 -27.00
C LEU E 81 -23.31 -5.78 -27.91
N GLN E 82 -22.44 -4.97 -28.51
CA GLN E 82 -22.82 -3.90 -29.43
C GLN E 82 -22.47 -4.33 -30.84
N MET E 83 -23.47 -4.34 -31.72
CA MET E 83 -23.31 -4.76 -33.10
C MET E 83 -23.66 -3.61 -34.01
N THR E 84 -22.74 -3.28 -34.92
CA THR E 84 -22.91 -2.19 -35.87
C THR E 84 -22.55 -2.70 -37.26
N SER E 85 -23.34 -2.29 -38.26
CA SER E 85 -23.20 -2.65 -39.67
C SER E 85 -23.20 -4.17 -39.86
N LEU E 86 -24.31 -4.79 -39.46
CA LEU E 86 -24.50 -6.22 -39.61
C LEU E 86 -24.62 -6.61 -41.08
N ARG E 87 -24.18 -7.82 -41.39
CA ARG E 87 -24.19 -8.35 -42.74
C ARG E 87 -25.03 -9.61 -42.79
N SER E 88 -25.24 -10.13 -44.01
CA SER E 88 -26.10 -11.27 -44.26
C SER E 88 -25.58 -12.58 -43.69
N GLU E 89 -24.33 -12.64 -43.24
CA GLU E 89 -23.78 -13.83 -42.62
C GLU E 89 -24.00 -13.87 -41.11
N ASP E 90 -24.61 -12.84 -40.53
CA ASP E 90 -24.80 -12.75 -39.09
C ASP E 90 -26.14 -13.28 -38.62
N THR E 91 -26.90 -13.94 -39.50
CA THR E 91 -28.17 -14.56 -39.12
C THR E 91 -27.88 -15.85 -38.35
N ALA E 92 -27.71 -15.71 -37.04
CA ALA E 92 -27.21 -16.81 -36.23
C ALA E 92 -27.85 -16.76 -34.85
N MET E 93 -27.70 -17.86 -34.12
CA MET E 93 -28.07 -17.93 -32.71
C MET E 93 -26.82 -17.72 -31.86
N TYR E 94 -26.90 -16.78 -30.93
CA TYR E 94 -25.74 -16.38 -30.13
C TYR E 94 -25.86 -16.95 -28.73
N TYR E 95 -24.80 -17.63 -28.28
CA TYR E 95 -24.70 -18.19 -26.94
C TYR E 95 -23.66 -17.44 -26.13
N CYS E 96 -23.92 -17.30 -24.84
CA CYS E 96 -22.98 -16.78 -23.87
C CYS E 96 -22.38 -17.92 -23.04
N VAL E 97 -21.07 -17.85 -22.80
CA VAL E 97 -20.33 -18.89 -22.10
C VAL E 97 -19.55 -18.25 -20.96
N ARG E 98 -19.66 -18.81 -19.77
CA ARG E 98 -18.78 -18.43 -18.67
C ARG E 98 -17.60 -19.39 -18.61
N SER E 99 -16.42 -18.85 -18.30
CA SER E 99 -15.22 -19.67 -18.25
C SER E 99 -14.23 -19.06 -17.25
N ILE E 100 -13.71 -19.88 -16.35
CA ILE E 100 -12.72 -19.47 -15.37
C ILE E 100 -11.43 -20.24 -15.65
N TYR E 101 -10.29 -19.56 -15.47
CA TYR E 101 -9.00 -20.11 -15.86
C TYR E 101 -8.05 -20.12 -14.67
N TYR E 102 -7.77 -21.31 -14.15
CA TYR E 102 -6.72 -21.56 -13.18
C TYR E 102 -6.37 -23.04 -13.25
N TYR E 103 -5.39 -23.45 -12.45
CA TYR E 103 -4.96 -24.85 -12.42
C TYR E 103 -6.07 -25.71 -11.83
N GLY E 104 -6.63 -26.58 -12.67
CA GLY E 104 -7.71 -27.46 -12.26
C GLY E 104 -9.10 -26.95 -12.57
N SER E 105 -9.21 -25.78 -13.18
CA SER E 105 -10.52 -25.22 -13.54
C SER E 105 -11.10 -25.96 -14.73
N SER E 106 -12.43 -25.83 -14.88
CA SER E 106 -13.16 -26.39 -16.01
C SER E 106 -13.82 -25.24 -16.77
N PRO E 107 -13.12 -24.62 -17.71
CA PRO E 107 -13.74 -23.56 -18.51
C PRO E 107 -14.65 -24.16 -19.58
N PHE E 108 -15.50 -23.27 -20.13
CA PHE E 108 -16.54 -23.61 -21.11
C PHE E 108 -17.54 -24.62 -20.57
N ASP E 109 -17.74 -24.64 -19.25
CA ASP E 109 -18.59 -25.64 -18.62
C ASP E 109 -20.08 -25.31 -18.78
N PHE E 110 -20.45 -24.04 -18.68
CA PHE E 110 -21.85 -23.64 -18.71
C PHE E 110 -22.10 -22.76 -19.92
N TRP E 111 -23.17 -23.08 -20.65
CA TRP E 111 -23.56 -22.41 -21.88
C TRP E 111 -24.88 -21.69 -21.68
N GLY E 112 -25.05 -20.59 -22.40
CA GLY E 112 -26.30 -19.86 -22.38
C GLY E 112 -27.39 -20.56 -23.17
N GLN E 113 -28.50 -19.86 -23.33
CA GLN E 113 -29.66 -20.43 -24.00
C GLN E 113 -29.74 -20.06 -25.47
N GLY E 114 -29.21 -18.90 -25.85
CA GLY E 114 -29.12 -18.54 -27.25
C GLY E 114 -30.19 -17.58 -27.71
N THR E 115 -29.79 -16.47 -28.31
CA THR E 115 -30.71 -15.51 -28.90
C THR E 115 -30.56 -15.53 -30.42
N THR E 116 -31.68 -15.73 -31.12
CA THR E 116 -31.65 -15.82 -32.56
C THR E 116 -31.72 -14.42 -33.21
N LEU E 117 -30.93 -14.24 -34.26
CA LEU E 117 -30.90 -12.99 -35.01
C LEU E 117 -30.94 -13.32 -36.50
N THR E 118 -32.00 -12.92 -37.17
CA THR E 118 -32.20 -13.19 -38.59
C THR E 118 -32.18 -11.87 -39.35
N VAL E 119 -31.34 -11.79 -40.38
CA VAL E 119 -31.22 -10.61 -41.23
C VAL E 119 -31.64 -10.99 -42.64
N SER E 120 -32.51 -10.18 -43.24
CA SER E 120 -33.02 -10.40 -44.58
C SER E 120 -32.58 -9.26 -45.48
N ALA E 121 -31.96 -9.61 -46.61
CA ALA E 121 -31.50 -8.63 -47.60
C ALA E 121 -32.64 -7.82 -48.21
N SER E 136 -0.21 -15.65 -36.48
CA SER E 136 -0.16 -17.10 -36.38
C SER E 136 -1.20 -17.74 -37.30
N ALA E 137 -0.87 -18.93 -37.82
CA ALA E 137 -1.77 -19.65 -38.69
C ALA E 137 -2.98 -20.16 -37.91
N ASP E 138 -4.17 -19.99 -38.50
CA ASP E 138 -5.40 -20.45 -37.89
C ASP E 138 -5.46 -21.98 -37.89
N ILE E 139 -5.53 -22.56 -36.69
CA ILE E 139 -5.58 -24.01 -36.55
C ILE E 139 -6.92 -24.52 -37.07
N VAL E 140 -6.87 -25.35 -38.11
CA VAL E 140 -8.08 -25.86 -38.74
C VAL E 140 -8.41 -27.22 -38.12
N MET E 141 -9.56 -27.29 -37.45
CA MET E 141 -10.02 -28.53 -36.84
C MET E 141 -10.89 -29.28 -37.84
N THR E 142 -10.57 -30.55 -38.08
CA THR E 142 -11.15 -31.31 -39.19
C THR E 142 -11.93 -32.50 -38.64
N GLN E 143 -13.25 -32.43 -38.69
CA GLN E 143 -14.11 -33.59 -38.51
C GLN E 143 -14.21 -34.33 -39.84
N ALA E 144 -13.60 -35.51 -39.92
CA ALA E 144 -13.53 -36.25 -41.17
C ALA E 144 -14.89 -36.81 -41.56
N THR E 145 -15.62 -37.35 -40.61
CA THR E 145 -16.96 -37.87 -40.87
C THR E 145 -18.02 -36.81 -40.59
N SER E 146 -19.23 -37.10 -41.02
CA SER E 146 -20.35 -36.17 -40.85
C SER E 146 -21.54 -36.80 -40.13
N SER E 147 -21.80 -38.09 -40.38
CA SER E 147 -22.89 -38.79 -39.71
C SER E 147 -22.54 -40.26 -39.61
N VAL E 148 -22.87 -40.86 -38.47
CA VAL E 148 -22.62 -42.28 -38.22
C VAL E 148 -23.90 -42.88 -37.64
N PRO E 149 -24.51 -43.88 -38.28
CA PRO E 149 -25.68 -44.53 -37.68
C PRO E 149 -25.25 -45.54 -36.63
N VAL E 150 -25.81 -45.40 -35.42
CA VAL E 150 -25.41 -46.19 -34.27
C VAL E 150 -26.64 -46.84 -33.64
N THR E 151 -26.39 -47.92 -32.91
CA THR E 151 -27.39 -48.65 -32.13
C THR E 151 -27.10 -48.51 -30.64
N PRO E 152 -28.14 -48.39 -29.80
CA PRO E 152 -27.91 -48.28 -28.34
C PRO E 152 -27.27 -49.51 -27.72
N GLY E 153 -26.05 -49.37 -27.24
CA GLY E 153 -25.35 -50.45 -26.56
C GLY E 153 -23.92 -50.63 -27.01
N GLU E 154 -23.66 -50.40 -28.29
CA GLU E 154 -22.32 -50.55 -28.83
C GLU E 154 -21.46 -49.35 -28.49
N SER E 155 -20.15 -49.58 -28.45
CA SER E 155 -19.19 -48.50 -28.25
C SER E 155 -18.98 -47.73 -29.54
N VAL E 156 -18.96 -46.40 -29.42
CA VAL E 156 -18.93 -45.51 -30.58
C VAL E 156 -17.62 -44.74 -30.54
N SER E 157 -16.94 -44.66 -31.68
CA SER E 157 -15.68 -43.95 -31.80
C SER E 157 -15.86 -42.73 -32.70
N ILE E 158 -15.36 -41.59 -32.25
CA ILE E 158 -15.41 -40.34 -32.99
C ILE E 158 -13.99 -39.82 -33.11
N SER E 159 -13.58 -39.44 -34.33
CA SER E 159 -12.22 -39.02 -34.60
C SER E 159 -12.17 -37.52 -34.90
N CYS E 160 -11.16 -36.85 -34.34
CA CYS E 160 -10.89 -35.46 -34.63
C CYS E 160 -9.41 -35.29 -34.96
N ARG E 161 -9.12 -34.30 -35.81
CA ARG E 161 -7.75 -34.03 -36.24
C ARG E 161 -7.52 -32.52 -36.21
N SER E 162 -6.25 -32.15 -36.12
CA SER E 162 -5.83 -30.76 -36.02
C SER E 162 -4.88 -30.41 -37.14
N SER E 163 -4.74 -29.10 -37.39
CA SER E 163 -3.73 -28.59 -38.31
C SER E 163 -2.41 -28.26 -37.62
N LYS E 164 -2.41 -28.17 -36.30
CA LYS E 164 -1.22 -27.86 -35.51
C LYS E 164 -1.22 -28.73 -34.27
N SER E 165 -0.03 -29.17 -33.85
CA SER E 165 0.10 -29.98 -32.64
C SER E 165 -0.31 -29.17 -31.40
N LEU E 166 -1.34 -29.66 -30.71
CA LEU E 166 -1.88 -28.98 -29.54
C LEU E 166 -1.16 -29.31 -28.26
N LEU E 167 -0.20 -30.24 -28.29
CA LEU E 167 0.60 -30.56 -27.11
C LEU E 167 1.54 -29.40 -26.82
N HIS E 168 1.26 -28.66 -25.74
CA HIS E 168 2.07 -27.55 -25.32
C HIS E 168 3.23 -28.05 -24.45
N SER E 169 4.23 -27.19 -24.24
CA SER E 169 5.44 -27.59 -23.53
C SER E 169 5.20 -27.83 -22.03
N ASN E 170 4.10 -27.34 -21.48
CA ASN E 170 3.77 -27.61 -20.09
C ASN E 170 3.12 -28.99 -19.88
N GLY E 171 2.77 -29.68 -20.97
CA GLY E 171 2.19 -31.00 -20.90
C GLY E 171 0.70 -31.07 -21.15
N ASN E 172 0.01 -29.94 -21.18
CA ASN E 172 -1.43 -29.92 -21.42
C ASN E 172 -1.72 -29.89 -22.91
N THR E 173 -2.76 -30.63 -23.31
CA THR E 173 -3.24 -30.64 -24.69
C THR E 173 -4.61 -29.98 -24.70
N TYR E 174 -4.71 -28.83 -25.39
CA TYR E 174 -5.88 -27.98 -25.29
C TYR E 174 -6.92 -28.42 -26.33
N LEU E 175 -7.59 -29.52 -26.02
CA LEU E 175 -8.72 -30.00 -26.83
C LEU E 175 -9.91 -30.22 -25.91
N TYR E 176 -11.04 -29.61 -26.25
CA TYR E 176 -12.27 -29.73 -25.48
C TYR E 176 -13.33 -30.42 -26.32
N TRP E 177 -14.09 -31.31 -25.70
CA TRP E 177 -15.17 -32.05 -26.36
C TRP E 177 -16.50 -31.56 -25.83
N PHE E 178 -17.38 -31.14 -26.74
CA PHE E 178 -18.70 -30.60 -26.47
C PHE E 178 -19.76 -31.49 -27.11
N LEU E 179 -20.94 -31.55 -26.48
CA LEU E 179 -22.11 -32.22 -27.03
C LEU E 179 -23.29 -31.26 -27.06
N GLN E 180 -23.86 -31.07 -28.25
CA GLN E 180 -25.08 -30.29 -28.43
C GLN E 180 -26.22 -31.24 -28.74
N ARG E 181 -27.17 -31.34 -27.82
CA ARG E 181 -28.38 -32.11 -28.08
C ARG E 181 -29.29 -31.34 -29.03
N PRO E 182 -30.11 -32.06 -29.82
CA PRO E 182 -31.07 -31.38 -30.70
C PRO E 182 -32.13 -30.60 -29.93
N GLY E 183 -32.20 -29.31 -30.19
CA GLY E 183 -33.16 -28.43 -29.53
C GLY E 183 -32.78 -27.99 -28.14
N GLN E 184 -31.54 -28.21 -27.71
CA GLN E 184 -31.07 -27.79 -26.40
C GLN E 184 -29.71 -27.10 -26.53
N SER E 185 -29.31 -26.43 -25.46
CA SER E 185 -28.00 -25.82 -25.40
C SER E 185 -26.91 -26.87 -25.35
N PRO E 186 -25.74 -26.61 -25.96
CA PRO E 186 -24.64 -27.56 -25.86
C PRO E 186 -24.03 -27.59 -24.47
N GLN E 187 -23.52 -28.75 -24.08
CA GLN E 187 -22.86 -28.92 -22.80
C GLN E 187 -21.43 -29.39 -23.00
N LEU E 188 -20.56 -29.01 -22.08
CA LEU E 188 -19.19 -29.52 -22.07
C LEU E 188 -19.17 -30.99 -21.66
N LEU E 189 -18.42 -31.79 -22.39
CA LEU E 189 -18.18 -33.18 -21.98
C LEU E 189 -16.81 -33.38 -21.38
N ILE E 190 -15.75 -32.95 -22.09
CA ILE E 190 -14.38 -33.26 -21.69
C ILE E 190 -13.53 -32.00 -21.85
N TYR E 191 -12.77 -31.66 -20.82
CA TYR E 191 -11.79 -30.58 -20.92
C TYR E 191 -10.38 -31.15 -20.82
N ARG E 192 -9.52 -30.73 -21.76
CA ARG E 192 -8.09 -31.08 -21.83
C ARG E 192 -7.87 -32.56 -22.11
N MET E 193 -8.80 -33.18 -22.86
CA MET E 193 -8.78 -34.50 -23.50
C MET E 193 -8.70 -35.68 -22.52
N SER E 194 -8.63 -35.42 -21.23
CA SER E 194 -8.56 -36.51 -20.26
C SER E 194 -9.61 -36.40 -19.17
N ASN E 195 -9.89 -35.19 -18.68
CA ASN E 195 -10.74 -34.98 -17.52
C ASN E 195 -12.19 -34.84 -17.94
N LEU E 196 -13.07 -35.55 -17.24
CA LEU E 196 -14.50 -35.41 -17.46
C LEU E 196 -15.04 -34.18 -16.72
N ALA E 197 -15.97 -33.49 -17.36
CA ALA E 197 -16.63 -32.35 -16.73
C ALA E 197 -17.53 -32.83 -15.58
N SER E 198 -17.70 -31.96 -14.60
CA SER E 198 -18.53 -32.26 -13.43
C SER E 198 -19.99 -32.40 -13.83
N GLY E 199 -20.55 -33.58 -13.60
CA GLY E 199 -21.92 -33.89 -13.98
C GLY E 199 -22.05 -34.76 -15.21
N VAL E 200 -20.94 -35.21 -15.78
CA VAL E 200 -20.95 -36.06 -16.97
C VAL E 200 -20.73 -37.50 -16.52
N PRO E 201 -21.52 -38.46 -16.98
CA PRO E 201 -21.26 -39.87 -16.66
C PRO E 201 -19.96 -40.37 -17.28
N ASP E 202 -19.52 -41.52 -16.78
CA ASP E 202 -18.26 -42.14 -17.18
C ASP E 202 -18.37 -42.91 -18.50
N ARG E 203 -19.46 -42.73 -19.26
CA ARG E 203 -19.59 -43.36 -20.57
C ARG E 203 -18.62 -42.77 -21.57
N PHE E 204 -18.28 -41.48 -21.43
CA PHE E 204 -17.40 -40.79 -22.35
C PHE E 204 -15.95 -40.93 -21.92
N SER E 205 -15.06 -41.15 -22.88
CA SER E 205 -13.64 -41.10 -22.58
C SER E 205 -12.88 -40.53 -23.78
N GLY E 206 -11.88 -39.70 -23.50
CA GLY E 206 -11.06 -39.07 -24.53
C GLY E 206 -9.65 -39.64 -24.50
N SER E 207 -9.10 -39.87 -25.70
CA SER E 207 -7.76 -40.43 -25.82
C SER E 207 -7.14 -39.97 -27.12
N GLY E 208 -5.87 -40.28 -27.30
CA GLY E 208 -5.18 -39.97 -28.53
C GLY E 208 -3.91 -39.19 -28.27
N SER E 209 -3.39 -38.58 -29.33
CA SER E 209 -2.16 -37.81 -29.26
C SER E 209 -2.27 -36.65 -30.24
N GLY E 210 -1.16 -35.94 -30.42
CA GLY E 210 -1.04 -34.84 -31.36
C GLY E 210 -1.44 -35.22 -32.78
N THR E 211 -2.40 -34.45 -33.32
CA THR E 211 -3.03 -34.48 -34.65
C THR E 211 -4.06 -35.62 -34.73
N ALA E 212 -4.21 -36.46 -33.70
CA ALA E 212 -5.14 -37.59 -33.81
C ALA E 212 -5.82 -37.84 -32.48
N PHE E 213 -7.13 -37.54 -32.39
CA PHE E 213 -7.85 -37.61 -31.13
C PHE E 213 -9.11 -38.45 -31.32
N THR E 214 -9.50 -39.14 -30.25
CA THR E 214 -10.58 -40.11 -30.31
C THR E 214 -11.46 -39.99 -29.07
N LEU E 215 -12.77 -39.92 -29.30
CA LEU E 215 -13.78 -39.96 -28.25
C LEU E 215 -14.49 -41.30 -28.32
N THR E 216 -14.42 -42.06 -27.24
CA THR E 216 -15.02 -43.39 -27.15
C THR E 216 -16.19 -43.35 -26.17
N ILE E 217 -17.35 -43.75 -26.66
CA ILE E 217 -18.57 -43.85 -25.85
C ILE E 217 -18.87 -45.33 -25.68
N SER E 218 -18.43 -45.90 -24.56
CA SER E 218 -18.76 -47.27 -24.22
C SER E 218 -20.10 -47.32 -23.50
N ARG E 219 -20.89 -48.35 -23.79
CA ARG E 219 -22.25 -48.56 -23.26
C ARG E 219 -23.14 -47.36 -23.60
N LEU E 220 -23.40 -47.24 -24.90
CA LEU E 220 -24.23 -46.16 -25.43
C LEU E 220 -25.64 -46.20 -24.85
N GLU E 221 -26.08 -45.06 -24.33
CA GLU E 221 -27.35 -44.96 -23.62
C GLU E 221 -28.14 -43.81 -24.25
N ALA E 222 -29.45 -43.78 -23.99
CA ALA E 222 -30.33 -42.74 -24.50
C ALA E 222 -29.96 -41.36 -23.94
N GLU E 223 -30.38 -40.33 -24.67
CA GLU E 223 -30.20 -38.87 -24.49
C GLU E 223 -28.77 -38.47 -24.85
N ASP E 224 -27.93 -39.39 -25.31
CA ASP E 224 -26.59 -39.08 -25.77
C ASP E 224 -26.55 -38.74 -27.26
N VAL E 225 -27.68 -38.84 -27.96
CA VAL E 225 -27.74 -38.50 -29.38
C VAL E 225 -27.63 -37.00 -29.55
N GLY E 226 -26.65 -36.57 -30.35
CA GLY E 226 -26.47 -35.15 -30.58
C GLY E 226 -25.36 -34.91 -31.58
N VAL E 227 -24.77 -33.72 -31.51
CA VAL E 227 -23.68 -33.31 -32.37
C VAL E 227 -22.46 -33.07 -31.49
N TYR E 228 -21.33 -33.65 -31.87
CA TYR E 228 -20.11 -33.64 -31.07
C TYR E 228 -19.09 -32.69 -31.71
N TYR E 229 -18.54 -31.79 -30.91
CA TYR E 229 -17.59 -30.78 -31.37
C TYR E 229 -16.27 -30.93 -30.65
N CYS E 230 -15.18 -30.87 -31.40
CA CYS E 230 -13.82 -30.79 -30.86
C CYS E 230 -13.30 -29.37 -31.05
N MET E 231 -12.80 -28.77 -29.98
CA MET E 231 -12.35 -27.39 -29.98
C MET E 231 -10.89 -27.32 -29.55
N GLN E 232 -10.09 -26.55 -30.28
CA GLN E 232 -8.76 -26.20 -29.82
C GLN E 232 -8.81 -24.94 -28.97
N HIS E 233 -7.94 -24.86 -27.97
CA HIS E 233 -7.82 -23.68 -27.12
C HIS E 233 -6.35 -23.37 -26.89
N LEU E 234 -5.54 -23.46 -27.95
CA LEU E 234 -4.12 -23.16 -27.85
C LEU E 234 -3.83 -21.68 -28.04
N GLU E 235 -4.49 -21.04 -29.00
CA GLU E 235 -4.27 -19.63 -29.29
C GLU E 235 -5.51 -19.04 -29.92
N TYR E 236 -5.67 -17.72 -29.77
CA TYR E 236 -6.77 -17.01 -30.39
C TYR E 236 -6.47 -16.72 -31.86
N PRO E 237 -7.49 -16.72 -32.73
CA PRO E 237 -8.92 -16.99 -32.53
C PRO E 237 -9.27 -18.46 -32.38
N LEU E 238 -10.28 -18.75 -31.56
CA LEU E 238 -10.72 -20.12 -31.34
C LEU E 238 -11.45 -20.63 -32.57
N THR E 239 -11.08 -21.83 -33.03
CA THR E 239 -11.65 -22.45 -34.22
C THR E 239 -12.26 -23.78 -33.83
N PHE E 240 -13.48 -24.03 -34.30
CA PHE E 240 -14.24 -25.20 -33.92
C PHE E 240 -14.11 -26.30 -34.97
N GLY E 241 -14.75 -27.44 -34.70
CA GLY E 241 -14.86 -28.51 -35.66
C GLY E 241 -16.14 -28.41 -36.49
N ALA E 242 -16.26 -29.32 -37.46
CA ALA E 242 -17.46 -29.35 -38.30
C ALA E 242 -18.66 -29.86 -37.52
N GLY E 243 -18.48 -30.94 -36.75
CA GLY E 243 -19.56 -31.47 -35.94
C GLY E 243 -20.08 -32.82 -36.39
N THR E 244 -19.71 -33.87 -35.66
CA THR E 244 -20.17 -35.22 -35.98
C THR E 244 -21.52 -35.47 -35.31
N LYS E 245 -22.54 -35.75 -36.12
CA LYS E 245 -23.88 -36.02 -35.64
C LYS E 245 -24.12 -37.52 -35.60
N LEU E 246 -24.76 -37.99 -34.53
CA LEU E 246 -25.20 -39.37 -34.41
C LEU E 246 -26.72 -39.44 -34.56
N GLU E 247 -27.21 -40.62 -34.93
CA GLU E 247 -28.63 -40.83 -35.14
C GLU E 247 -28.95 -42.30 -34.87
N LEU E 248 -30.24 -42.61 -34.87
CA LEU E 248 -30.70 -43.96 -34.57
C LEU E 248 -31.51 -44.54 -35.74
N SER F 65 -34.99 34.35 4.80
CA SER F 65 -34.77 33.24 3.87
C SER F 65 -34.90 33.72 2.43
N MET F 66 -36.11 34.13 2.06
CA MET F 66 -36.36 34.65 0.71
C MET F 66 -35.64 35.97 0.48
N ILE F 67 -35.64 36.84 1.49
CA ILE F 67 -35.01 38.16 1.40
C ILE F 67 -33.51 38.03 1.17
N THR F 68 -32.87 37.08 1.85
CA THR F 68 -31.45 36.82 1.68
C THR F 68 -31.13 36.34 0.27
N ALA F 69 -31.95 35.42 -0.25
CA ALA F 69 -31.75 34.92 -1.61
C ALA F 69 -31.94 36.01 -2.66
N ILE F 70 -32.95 36.87 -2.47
CA ILE F 70 -33.16 38.00 -3.38
C ILE F 70 -31.99 38.98 -3.32
N THR F 71 -31.46 39.22 -2.12
CA THR F 71 -30.32 40.13 -1.95
C THR F 71 -29.07 39.59 -2.64
N ILE F 72 -28.78 38.30 -2.45
CA ILE F 72 -27.61 37.68 -3.07
C ILE F 72 -27.74 37.65 -4.59
N MET F 73 -28.94 37.28 -5.09
CA MET F 73 -29.18 37.26 -6.53
C MET F 73 -29.05 38.64 -7.16
N ALA F 74 -29.58 39.67 -6.49
CA ALA F 74 -29.48 41.04 -6.98
C ALA F 74 -28.03 41.52 -6.97
N LEU F 75 -27.27 41.16 -5.92
CA LEU F 75 -25.86 41.57 -5.84
C LEU F 75 -25.03 40.96 -6.96
N TYR F 76 -25.20 39.64 -7.20
CA TYR F 76 -24.49 38.98 -8.30
C TYR F 76 -24.93 39.53 -9.66
N SER F 77 -26.22 39.83 -9.82
CA SER F 77 -26.73 40.36 -11.08
C SER F 77 -26.16 41.75 -11.37
N ILE F 78 -26.13 42.63 -10.37
CA ILE F 78 -25.59 43.98 -10.55
C ILE F 78 -24.10 43.93 -10.86
N VAL F 79 -23.35 43.09 -10.14
CA VAL F 79 -21.91 42.96 -10.37
C VAL F 79 -21.63 42.42 -11.78
N CYS F 80 -22.39 41.41 -12.22
CA CYS F 80 -22.20 40.84 -13.55
C CYS F 80 -22.56 41.83 -14.66
N VAL F 81 -23.67 42.57 -14.51
CA VAL F 81 -24.09 43.53 -15.52
C VAL F 81 -23.07 44.66 -15.67
N VAL F 82 -22.70 45.30 -14.53
CA VAL F 82 -21.69 46.37 -14.55
C VAL F 82 -20.37 45.88 -15.13
N GLY F 83 -19.94 44.67 -14.77
CA GLY F 83 -18.67 44.16 -15.26
C GLY F 83 -18.67 43.87 -16.75
N LEU F 84 -19.72 43.21 -17.25
CA LEU F 84 -19.80 42.91 -18.68
C LEU F 84 -19.94 44.19 -19.51
N PHE F 85 -20.74 45.15 -19.02
CA PHE F 85 -20.92 46.42 -19.74
C PHE F 85 -19.62 47.20 -19.81
N GLY F 86 -18.90 47.29 -18.69
CA GLY F 86 -17.62 47.99 -18.69
C GLY F 86 -16.56 47.31 -19.54
N ASN F 87 -16.47 45.98 -19.46
CA ASN F 87 -15.48 45.23 -20.22
C ASN F 87 -15.71 45.33 -21.72
N PHE F 88 -16.96 45.10 -22.17
CA PHE F 88 -17.24 45.20 -23.59
C PHE F 88 -17.16 46.64 -24.10
N LEU F 89 -17.49 47.63 -23.27
CA LEU F 89 -17.33 49.01 -23.69
C LEU F 89 -15.85 49.38 -23.87
N VAL F 90 -14.98 48.97 -22.94
CA VAL F 90 -13.55 49.24 -23.04
C VAL F 90 -12.96 48.52 -24.25
N MET F 91 -13.33 47.26 -24.47
CA MET F 91 -12.85 46.52 -25.64
C MET F 91 -13.33 47.14 -26.95
N TYR F 92 -14.58 47.62 -26.98
CA TYR F 92 -15.09 48.29 -28.17
C TYR F 92 -14.35 49.58 -28.46
N VAL F 93 -14.04 50.36 -27.42
CA VAL F 93 -13.29 51.61 -27.61
C VAL F 93 -11.87 51.33 -28.10
N ILE F 94 -11.23 50.27 -27.56
CA ILE F 94 -9.87 49.93 -27.97
C ILE F 94 -9.84 49.43 -29.41
N VAL F 95 -10.75 48.50 -29.76
CA VAL F 95 -10.71 47.89 -31.09
C VAL F 95 -11.17 48.87 -32.17
N ARG F 96 -12.27 49.60 -31.93
CA ARG F 96 -12.88 50.40 -32.99
C ARG F 96 -12.08 51.67 -33.28
N TYR F 97 -11.44 52.26 -32.27
CA TYR F 97 -10.79 53.55 -32.44
C TYR F 97 -9.28 53.51 -32.23
N THR F 98 -8.82 52.95 -31.10
CA THR F 98 -7.41 53.02 -30.74
C THR F 98 -6.55 52.13 -31.61
N LYS F 99 -7.08 50.97 -32.03
CA LYS F 99 -6.48 50.01 -32.96
C LYS F 99 -5.21 49.35 -32.44
N MET F 100 -4.96 49.45 -31.12
CA MET F 100 -3.87 48.75 -30.41
C MET F 100 -2.49 49.09 -30.97
N LYS F 101 -2.25 50.39 -31.18
CA LYS F 101 -0.97 50.85 -31.72
C LYS F 101 0.06 51.14 -30.64
N THR F 102 -0.30 50.99 -29.37
CA THR F 102 0.58 51.30 -28.26
C THR F 102 0.57 50.11 -27.30
N ALA F 103 1.71 49.90 -26.62
CA ALA F 103 1.86 48.78 -25.69
C ALA F 103 0.90 48.87 -24.52
N THR F 104 0.70 50.08 -23.98
CA THR F 104 -0.19 50.29 -22.84
C THR F 104 -1.63 49.92 -23.19
N ASN F 105 -2.06 50.26 -24.42
CA ASN F 105 -3.38 49.88 -24.89
C ASN F 105 -3.51 48.37 -25.08
N ILE F 106 -2.43 47.69 -25.46
CA ILE F 106 -2.41 46.23 -25.53
C ILE F 106 -2.62 45.64 -24.14
N TYR F 107 -1.92 46.18 -23.12
CA TYR F 107 -2.09 45.68 -21.75
C TYR F 107 -3.51 45.93 -21.24
N ILE F 108 -4.09 47.10 -21.55
CA ILE F 108 -5.46 47.39 -21.15
C ILE F 108 -6.45 46.48 -21.86
N PHE F 109 -6.18 46.15 -23.13
CA PHE F 109 -7.03 45.21 -23.88
C PHE F 109 -6.98 43.81 -23.27
N ASN F 110 -5.78 43.32 -22.93
CA ASN F 110 -5.66 42.01 -22.29
C ASN F 110 -6.32 41.98 -20.92
N LEU F 111 -6.20 43.08 -20.17
CA LEU F 111 -6.86 43.19 -18.86
C LEU F 111 -8.37 43.17 -18.99
N ALA F 112 -8.91 43.88 -20.00
CA ALA F 112 -10.34 43.90 -20.24
C ALA F 112 -10.85 42.54 -20.69
N LEU F 113 -10.08 41.85 -21.54
CA LEU F 113 -10.48 40.51 -21.97
C LEU F 113 -10.48 39.51 -20.82
N ALA F 114 -9.46 39.57 -19.95
CA ALA F 114 -9.39 38.69 -18.80
C ALA F 114 -10.51 38.96 -17.81
N ASP F 115 -10.81 40.24 -17.57
CA ASP F 115 -11.91 40.60 -16.67
C ASP F 115 -13.26 40.21 -17.26
N ALA F 116 -13.42 40.31 -18.59
CA ALA F 116 -14.66 39.90 -19.24
C ALA F 116 -14.87 38.40 -19.12
N LEU F 117 -13.83 37.61 -19.38
CA LEU F 117 -13.95 36.16 -19.27
C LEU F 117 -14.13 35.71 -17.83
N ALA F 118 -13.53 36.42 -16.86
CA ALA F 118 -13.76 36.10 -15.46
C ALA F 118 -15.17 36.45 -15.02
N THR F 119 -15.69 37.59 -15.48
CA THR F 119 -17.03 38.02 -15.11
C THR F 119 -18.11 37.17 -15.78
N SER F 120 -17.79 36.56 -16.92
CA SER F 120 -18.76 35.75 -17.66
C SER F 120 -19.20 34.49 -16.90
N THR F 121 -18.41 34.00 -15.96
CA THR F 121 -18.74 32.78 -15.22
C THR F 121 -19.65 33.03 -14.03
N LEU F 122 -19.98 34.28 -13.74
CA LEU F 122 -20.77 34.68 -12.58
C LEU F 122 -22.26 34.28 -12.61
N PRO F 123 -23.00 34.36 -13.75
CA PRO F 123 -24.36 33.82 -13.73
C PRO F 123 -24.44 32.32 -13.49
N PHE F 124 -23.40 31.56 -13.82
CA PHE F 124 -23.36 30.15 -13.44
C PHE F 124 -23.34 29.99 -11.92
N GLN F 125 -22.60 30.87 -11.22
CA GLN F 125 -22.64 30.90 -9.76
C GLN F 125 -24.01 31.31 -9.26
N SER F 126 -24.67 32.23 -9.96
CA SER F 126 -26.03 32.64 -9.57
C SER F 126 -27.03 31.49 -9.69
N VAL F 127 -26.96 30.74 -10.79
CA VAL F 127 -27.84 29.58 -10.99
C VAL F 127 -27.52 28.49 -9.99
N ASN F 128 -26.22 28.30 -9.67
CA ASN F 128 -25.82 27.31 -8.67
C ASN F 128 -26.34 27.67 -7.29
N TYR F 129 -26.35 28.96 -6.94
CA TYR F 129 -26.89 29.37 -5.64
C TYR F 129 -28.41 29.26 -5.61
N LEU F 130 -29.09 29.64 -6.69
CA LEU F 130 -30.55 29.62 -6.70
C LEU F 130 -31.10 28.19 -6.70
N MET F 131 -30.64 27.36 -7.64
CA MET F 131 -31.17 26.00 -7.75
C MET F 131 -30.61 25.06 -6.70
N GLY F 132 -29.48 25.40 -6.09
CA GLY F 132 -28.86 24.52 -5.12
C GLY F 132 -28.17 23.30 -5.70
N THR F 133 -28.06 23.22 -7.03
CA THR F 133 -27.43 22.09 -7.69
C THR F 133 -26.87 22.57 -9.03
N TRP F 134 -26.09 21.70 -9.66
CA TRP F 134 -25.49 21.99 -10.96
C TRP F 134 -26.18 21.17 -12.04
N PRO F 135 -27.04 21.77 -12.86
CA PRO F 135 -27.73 21.00 -13.92
C PRO F 135 -27.06 21.05 -15.28
N PHE F 136 -25.96 21.80 -15.41
CA PHE F 136 -25.37 22.04 -16.73
C PHE F 136 -24.60 20.83 -17.25
N GLY F 137 -23.90 20.11 -16.39
CA GLY F 137 -23.12 18.96 -16.78
C GLY F 137 -21.66 19.09 -16.40
N THR F 138 -20.96 17.96 -16.54
CA THR F 138 -19.57 17.86 -16.11
C THR F 138 -18.63 18.69 -16.99
N ILE F 139 -18.84 18.65 -18.30
CA ILE F 139 -17.94 19.32 -19.25
C ILE F 139 -18.01 20.83 -19.07
N LEU F 140 -19.22 21.38 -18.98
CA LEU F 140 -19.37 22.82 -18.78
C LEU F 140 -18.90 23.24 -17.39
N CYS F 141 -19.01 22.35 -16.40
CA CYS F 141 -18.43 22.58 -15.07
C CYS F 141 -16.91 22.74 -15.17
N LYS F 142 -16.26 21.84 -15.93
CA LYS F 142 -14.82 21.93 -16.16
C LYS F 142 -14.44 23.23 -16.85
N ILE F 143 -15.20 23.59 -17.89
CA ILE F 143 -14.91 24.79 -18.68
C ILE F 143 -15.06 26.05 -17.84
N VAL F 144 -16.13 26.15 -17.05
CA VAL F 144 -16.40 27.34 -16.26
C VAL F 144 -15.39 27.49 -15.12
N ILE F 145 -15.08 26.40 -14.41
CA ILE F 145 -14.08 26.46 -13.34
C ILE F 145 -12.69 26.79 -13.89
N SER F 146 -12.35 26.21 -15.05
CA SER F 146 -11.06 26.49 -15.68
C SER F 146 -10.94 27.94 -16.12
N ILE F 147 -12.01 28.49 -16.70
CA ILE F 147 -12.00 29.90 -17.11
C ILE F 147 -11.91 30.82 -15.89
N ASP F 148 -12.59 30.47 -14.80
CA ASP F 148 -12.57 31.29 -13.59
C ASP F 148 -11.17 31.35 -12.98
N TYR F 149 -10.58 30.19 -12.68
CA TYR F 149 -9.23 30.14 -12.12
C TYR F 149 -8.18 30.65 -13.08
N TYR F 150 -8.39 30.49 -14.38
CA TYR F 150 -7.44 30.97 -15.38
C TYR F 150 -7.43 32.49 -15.44
N ASN F 151 -8.61 33.10 -15.58
CA ASN F 151 -8.69 34.54 -15.78
C ASN F 151 -8.50 35.34 -14.50
N MET F 152 -8.71 34.75 -13.32
CA MET F 152 -8.33 35.44 -12.08
C MET F 152 -6.84 35.73 -12.03
N PHE F 153 -6.02 34.69 -12.24
CA PHE F 153 -4.57 34.85 -12.31
C PHE F 153 -4.15 35.69 -13.51
N THR F 154 -4.88 35.60 -14.63
CA THR F 154 -4.56 36.42 -15.80
C THR F 154 -4.73 37.91 -15.50
N SER F 155 -5.86 38.27 -14.89
CA SER F 155 -6.13 39.66 -14.50
C SER F 155 -5.10 40.17 -13.49
N ILE F 156 -4.81 39.37 -12.45
CA ILE F 156 -3.88 39.81 -11.40
C ILE F 156 -2.46 39.97 -11.95
N PHE F 157 -2.02 39.04 -12.80
CA PHE F 157 -0.68 39.15 -13.37
C PHE F 157 -0.60 40.23 -14.44
N THR F 158 -1.71 40.55 -15.10
CA THR F 158 -1.73 41.71 -15.99
C THR F 158 -1.61 43.01 -15.20
N LEU F 159 -2.25 43.08 -14.03
CA LEU F 159 -2.08 44.22 -13.13
C LEU F 159 -0.62 44.37 -12.68
N CYS F 160 0.01 43.25 -12.31
CA CYS F 160 1.42 43.27 -11.92
C CYS F 160 2.32 43.69 -13.07
N THR F 161 2.00 43.23 -14.29
CA THR F 161 2.81 43.58 -15.46
C THR F 161 2.68 45.06 -15.80
N MET F 162 1.47 45.63 -15.67
CA MET F 162 1.31 47.06 -15.88
C MET F 162 2.03 47.88 -14.81
N SER F 163 2.06 47.38 -13.56
CA SER F 163 2.82 48.04 -12.51
C SER F 163 4.32 48.03 -12.82
N VAL F 164 4.85 46.90 -13.28
CA VAL F 164 6.26 46.81 -13.66
C VAL F 164 6.55 47.71 -14.87
N ASP F 165 5.60 47.80 -15.80
CA ASP F 165 5.76 48.66 -16.98
C ASP F 165 5.83 50.13 -16.58
N ARG F 166 4.95 50.57 -15.68
CA ARG F 166 5.00 51.96 -15.22
C ARG F 166 6.26 52.25 -14.40
N TYR F 167 6.72 51.25 -13.62
CA TYR F 167 7.97 51.41 -12.87
C TYR F 167 9.17 51.60 -13.80
N ILE F 168 9.24 50.78 -14.85
CA ILE F 168 10.34 50.90 -15.82
C ILE F 168 10.22 52.19 -16.62
N ALA F 169 8.98 52.61 -16.92
CA ALA F 169 8.76 53.85 -17.65
C ALA F 169 9.20 55.08 -16.85
N VAL F 170 9.03 55.04 -15.53
CA VAL F 170 9.41 56.19 -14.72
C VAL F 170 10.88 56.14 -14.35
N CYS F 171 11.30 55.08 -13.65
CA CYS F 171 12.61 55.08 -13.00
C CYS F 171 13.77 54.86 -13.96
N HIS F 172 13.59 54.02 -15.00
CA HIS F 172 14.67 53.64 -15.90
C HIS F 172 14.29 53.98 -17.34
N PRO F 173 14.47 55.26 -17.75
CA PRO F 173 14.02 55.69 -19.09
C PRO F 173 14.75 55.04 -20.25
N VAL F 174 16.09 54.98 -20.15
CA VAL F 174 16.91 54.39 -21.21
C VAL F 174 16.58 52.92 -21.40
N LYS F 175 16.35 52.20 -20.29
CA LYS F 175 15.89 50.82 -20.39
C LYS F 175 14.45 50.73 -20.85
N ALA F 176 13.63 51.75 -20.54
CA ALA F 176 12.24 51.77 -21.00
C ALA F 176 12.15 51.96 -22.51
N LEU F 177 13.13 52.62 -23.12
CA LEU F 177 13.16 52.77 -24.58
C LEU F 177 13.25 51.41 -25.28
N ASP F 178 14.08 50.50 -24.75
CA ASP F 178 14.12 49.15 -25.27
C ASP F 178 12.90 48.35 -24.81
N PHE F 179 12.48 48.54 -23.56
CA PHE F 179 11.45 47.70 -22.96
C PHE F 179 10.06 47.98 -23.53
N ARG F 180 9.71 49.27 -23.65
CA ARG F 180 8.35 49.64 -24.04
C ARG F 180 8.26 49.70 -25.56
N THR F 181 7.84 48.59 -26.16
CA THR F 181 7.60 48.43 -27.57
C THR F 181 6.37 47.53 -27.69
N PRO F 182 5.69 47.55 -28.85
CA PRO F 182 4.60 46.58 -29.06
C PRO F 182 5.05 45.12 -29.03
N ARG F 183 6.17 44.81 -29.69
CA ARG F 183 6.68 43.44 -29.77
C ARG F 183 6.97 42.84 -28.39
N ASN F 184 7.68 43.59 -27.55
CA ASN F 184 8.01 43.12 -26.20
C ASN F 184 6.76 42.96 -25.35
N ALA F 185 5.81 43.89 -25.48
CA ALA F 185 4.56 43.79 -24.72
C ALA F 185 3.74 42.58 -25.14
N LYS F 186 3.75 42.26 -26.44
CA LYS F 186 3.07 41.05 -26.93
C LYS F 186 3.74 39.80 -26.38
N ILE F 187 5.09 39.78 -26.33
CA ILE F 187 5.81 38.63 -25.80
C ILE F 187 5.51 38.43 -24.31
N ILE F 188 5.52 39.52 -23.54
CA ILE F 188 5.27 39.42 -22.10
C ILE F 188 3.82 39.05 -21.82
N ASN F 189 2.87 39.55 -22.65
CA ASN F 189 1.48 39.15 -22.49
C ASN F 189 1.27 37.67 -22.81
N VAL F 190 1.91 37.16 -23.86
CA VAL F 190 1.83 35.73 -24.19
C VAL F 190 2.43 34.90 -23.06
N CYS F 191 3.52 35.37 -22.45
CA CYS F 191 4.09 34.69 -21.30
C CYS F 191 3.14 34.70 -20.10
N ASN F 192 2.41 35.81 -19.91
CA ASN F 192 1.42 35.90 -18.84
C ASN F 192 0.28 34.91 -19.04
N TRP F 193 -0.24 34.81 -20.27
CA TRP F 193 -1.31 33.85 -20.55
C TRP F 193 -0.82 32.40 -20.43
N ILE F 194 0.43 32.13 -20.79
CA ILE F 194 0.99 30.78 -20.61
C ILE F 194 1.17 30.43 -19.14
N LEU F 195 1.67 31.38 -18.34
CA LEU F 195 1.78 31.16 -16.90
C LEU F 195 0.41 31.00 -16.24
N SER F 196 -0.61 31.67 -16.78
CA SER F 196 -1.97 31.41 -16.33
C SER F 196 -2.46 30.04 -16.78
N SER F 197 -2.01 29.55 -17.93
CA SER F 197 -2.36 28.20 -18.37
C SER F 197 -1.78 27.14 -17.45
N ALA F 198 -0.59 27.42 -16.90
CA ALA F 198 0.04 26.55 -15.90
C ALA F 198 -0.90 26.23 -14.72
N ILE F 199 -1.57 27.24 -14.16
CA ILE F 199 -2.54 26.96 -13.11
C ILE F 199 -3.89 26.50 -13.70
N GLY F 200 -4.25 26.98 -14.91
CA GLY F 200 -5.57 26.69 -15.45
C GLY F 200 -5.80 25.25 -15.85
N LEU F 201 -4.80 24.61 -16.46
CA LEU F 201 -5.02 23.25 -17.01
C LEU F 201 -5.24 22.16 -15.95
N PRO F 202 -4.42 22.02 -14.89
CA PRO F 202 -4.75 20.96 -13.90
C PRO F 202 -6.05 21.19 -13.15
N VAL F 203 -6.44 22.44 -12.94
CA VAL F 203 -7.76 22.73 -12.38
C VAL F 203 -8.85 22.25 -13.34
N MET F 204 -8.62 22.40 -14.66
CA MET F 204 -9.55 21.89 -15.66
C MET F 204 -9.64 20.36 -15.60
N PHE F 205 -8.53 19.69 -15.30
CA PHE F 205 -8.57 18.24 -15.16
C PHE F 205 -9.32 17.82 -13.89
N MET F 206 -8.91 18.35 -12.73
CA MET F 206 -9.45 17.95 -11.44
C MET F 206 -10.95 18.21 -11.29
N ALA F 207 -11.47 19.28 -11.87
CA ALA F 207 -12.85 19.69 -11.66
C ALA F 207 -13.84 18.69 -12.24
N THR F 208 -14.81 18.29 -11.42
CA THR F 208 -15.85 17.33 -11.81
C THR F 208 -17.17 17.73 -11.14
N THR F 209 -18.14 16.82 -11.20
CA THR F 209 -19.43 16.95 -10.54
C THR F 209 -19.63 15.73 -9.64
N LYS F 210 -20.02 15.97 -8.40
CA LYS F 210 -20.19 14.93 -7.40
C LYS F 210 -21.63 14.90 -6.92
N TYR F 211 -22.17 13.69 -6.74
CA TYR F 211 -23.53 13.50 -6.27
C TYR F 211 -23.51 13.46 -4.74
N ARG F 212 -24.08 14.48 -4.10
CA ARG F 212 -24.11 14.59 -2.65
C ARG F 212 -25.53 14.95 -2.22
N GLN F 213 -26.13 14.04 -1.43
CA GLN F 213 -27.46 14.23 -0.83
C GLN F 213 -28.54 14.48 -1.89
N GLY F 214 -28.42 13.79 -3.02
CA GLY F 214 -29.35 13.99 -4.11
C GLY F 214 -29.13 15.23 -4.94
N SER F 215 -28.01 15.92 -4.75
CA SER F 215 -27.73 17.17 -5.44
C SER F 215 -26.39 17.07 -6.15
N ILE F 216 -26.37 17.49 -7.41
CA ILE F 216 -25.12 17.58 -8.17
C ILE F 216 -24.34 18.80 -7.71
N ASP F 217 -23.06 18.63 -7.43
CA ASP F 217 -22.20 19.72 -6.99
C ASP F 217 -21.03 19.83 -7.95
N CYS F 218 -20.77 21.05 -8.43
CA CYS F 218 -19.70 21.33 -9.39
C CYS F 218 -18.49 21.80 -8.60
N THR F 219 -17.47 20.94 -8.49
CA THR F 219 -16.40 21.22 -7.55
C THR F 219 -15.13 20.48 -7.94
N LEU F 220 -14.06 20.76 -7.20
CA LEU F 220 -12.76 20.13 -7.41
C LEU F 220 -12.64 18.87 -6.57
N THR F 221 -12.29 17.76 -7.20
CA THR F 221 -11.99 16.52 -6.51
C THR F 221 -10.48 16.27 -6.57
N PHE F 222 -9.88 16.02 -5.41
CA PHE F 222 -8.44 15.85 -5.28
C PHE F 222 -8.11 14.39 -5.04
N SER F 223 -6.99 13.95 -5.62
CA SER F 223 -6.51 12.59 -5.40
C SER F 223 -6.06 12.40 -3.95
N HIS F 224 -6.11 11.14 -3.49
CA HIS F 224 -5.77 10.82 -2.11
C HIS F 224 -4.28 11.07 -1.85
N PRO F 225 -3.92 11.76 -0.74
CA PRO F 225 -4.79 12.38 0.27
C PRO F 225 -5.42 13.70 -0.16
N THR F 226 -6.73 13.84 0.06
CA THR F 226 -7.47 15.01 -0.41
C THR F 226 -7.05 16.28 0.33
N TRP F 227 -6.81 16.16 1.64
CA TRP F 227 -6.50 17.31 2.48
C TRP F 227 -5.18 17.96 2.09
N TYR F 228 -4.17 17.14 1.77
CA TYR F 228 -2.84 17.66 1.43
C TYR F 228 -2.85 18.47 0.15
N TRP F 229 -3.36 17.88 -0.94
CA TRP F 229 -3.38 18.58 -2.22
C TRP F 229 -4.37 19.74 -2.22
N GLU F 230 -5.49 19.60 -1.50
CA GLU F 230 -6.48 20.68 -1.41
C GLU F 230 -5.91 21.90 -0.70
N ASN F 231 -5.33 21.70 0.48
CA ASN F 231 -4.77 22.83 1.21
C ASN F 231 -3.49 23.34 0.56
N LEU F 232 -2.76 22.48 -0.17
CA LEU F 232 -1.61 22.95 -0.93
C LEU F 232 -2.04 23.87 -2.07
N LEU F 233 -3.14 23.53 -2.74
CA LEU F 233 -3.71 24.42 -3.76
C LEU F 233 -4.19 25.72 -3.15
N LYS F 234 -4.82 25.65 -1.97
CA LYS F 234 -5.28 26.86 -1.29
C LYS F 234 -4.13 27.78 -0.91
N ILE F 235 -3.04 27.20 -0.37
CA ILE F 235 -1.86 27.98 0.01
C ILE F 235 -1.18 28.58 -1.21
N CYS F 236 -1.05 27.80 -2.30
CA CYS F 236 -0.42 28.33 -3.51
C CYS F 236 -1.23 29.44 -4.16
N VAL F 237 -2.57 29.28 -4.23
CA VAL F 237 -3.42 30.34 -4.78
C VAL F 237 -3.36 31.57 -3.89
N PHE F 238 -3.36 31.40 -2.57
CA PHE F 238 -3.27 32.52 -1.64
C PHE F 238 -1.97 33.29 -1.79
N ILE F 239 -0.83 32.57 -1.84
CA ILE F 239 0.47 33.22 -1.92
C ILE F 239 0.64 33.93 -3.27
N PHE F 240 0.47 33.18 -4.38
CA PHE F 240 0.73 33.75 -5.69
C PHE F 240 -0.31 34.78 -6.12
N ALA F 241 -1.52 34.76 -5.55
CA ALA F 241 -2.51 35.77 -5.91
C ALA F 241 -2.58 36.94 -4.93
N PHE F 242 -2.03 36.82 -3.72
CA PHE F 242 -2.12 37.91 -2.76
C PHE F 242 -0.77 38.42 -2.29
N ILE F 243 0.13 37.53 -1.85
CA ILE F 243 1.33 37.99 -1.14
C ILE F 243 2.32 38.64 -2.11
N MET F 244 2.66 37.93 -3.18
CA MET F 244 3.51 38.50 -4.23
C MET F 244 2.90 39.67 -5.01
N PRO F 245 1.61 39.66 -5.45
CA PRO F 245 1.12 40.84 -6.18
C PRO F 245 1.03 42.12 -5.36
N VAL F 246 0.59 42.04 -4.10
CA VAL F 246 0.52 43.23 -3.25
C VAL F 246 1.91 43.82 -3.02
N LEU F 247 2.91 42.95 -2.76
CA LEU F 247 4.27 43.42 -2.56
C LEU F 247 4.86 44.03 -3.83
N ILE F 248 4.65 43.40 -5.00
CA ILE F 248 5.18 43.92 -6.26
C ILE F 248 4.55 45.28 -6.59
N ILE F 249 3.22 45.37 -6.50
CA ILE F 249 2.51 46.61 -6.81
C ILE F 249 2.89 47.72 -5.82
N THR F 250 2.96 47.39 -4.53
CA THR F 250 3.27 48.38 -3.50
C THR F 250 4.69 48.91 -3.63
N VAL F 251 5.67 48.02 -3.82
CA VAL F 251 7.07 48.45 -3.93
C VAL F 251 7.30 49.22 -5.22
N CYS F 252 6.75 48.75 -6.34
CA CYS F 252 6.95 49.43 -7.62
C CYS F 252 6.29 50.81 -7.64
N TYR F 253 5.05 50.92 -7.16
CA TYR F 253 4.43 52.24 -7.11
C TYR F 253 5.01 53.15 -6.04
N GLY F 254 5.53 52.60 -4.94
CA GLY F 254 6.18 53.44 -3.94
C GLY F 254 7.47 54.05 -4.46
N LEU F 255 8.33 53.23 -5.08
CA LEU F 255 9.54 53.75 -5.69
C LEU F 255 9.22 54.66 -6.86
N MET F 256 8.10 54.41 -7.56
CA MET F 256 7.64 55.28 -8.63
C MET F 256 7.25 56.66 -8.09
N ILE F 257 6.51 56.71 -6.98
CA ILE F 257 6.13 57.98 -6.37
C ILE F 257 7.36 58.73 -5.87
N LEU F 258 8.33 58.00 -5.28
CA LEU F 258 9.57 58.63 -4.83
C LEU F 258 10.36 59.22 -6.00
N ARG F 259 10.45 58.51 -7.12
CA ARG F 259 11.12 59.03 -8.30
C ARG F 259 10.38 60.23 -8.89
N LEU F 260 9.04 60.19 -8.91
CA LEU F 260 8.26 61.34 -9.39
C LEU F 260 8.46 62.57 -8.50
N LYS F 261 8.58 62.36 -7.18
CA LYS F 261 8.93 63.46 -6.29
C LYS F 261 10.33 63.99 -6.60
N SER F 262 11.26 63.09 -6.94
CA SER F 262 12.61 63.51 -7.31
C SER F 262 12.64 64.35 -8.60
N VAL F 263 11.70 64.08 -9.53
CA VAL F 263 11.63 64.82 -10.79
C VAL F 263 11.36 66.30 -10.54
N ARG F 264 12.08 67.16 -11.27
CA ARG F 264 12.00 68.61 -11.11
C ARG F 264 10.79 69.19 -11.83
N MET F 265 10.43 68.61 -12.98
CA MET F 265 9.31 69.09 -13.81
C MET F 265 8.00 69.15 -13.01
N LEU F 266 7.71 68.09 -12.24
CA LEU F 266 6.46 68.02 -11.48
C LEU F 266 6.41 69.08 -10.37
N SER F 267 7.55 69.42 -9.78
CA SER F 267 7.58 70.38 -8.69
C SER F 267 7.88 71.79 -9.20
N GLY F 268 7.79 72.76 -8.31
CA GLY F 268 8.09 74.15 -8.61
C GLY F 268 6.95 74.98 -9.16
N SER F 269 5.77 74.40 -9.39
CA SER F 269 4.62 75.14 -9.87
C SER F 269 3.37 74.63 -9.16
N LYS F 270 2.43 75.54 -8.89
CA LYS F 270 1.20 75.19 -8.17
C LYS F 270 0.35 74.20 -8.97
N GLU F 271 0.13 74.48 -10.25
CA GLU F 271 -0.64 73.58 -11.11
C GLU F 271 0.08 72.24 -11.30
N LYS F 272 1.40 72.30 -11.48
CA LYS F 272 2.18 71.06 -11.64
C LYS F 272 2.20 70.25 -10.35
N ASP F 273 2.26 70.91 -9.19
CA ASP F 273 2.12 70.20 -7.91
C ASP F 273 0.73 69.59 -7.77
N ARG F 274 -0.30 70.29 -8.24
CA ARG F 274 -1.66 69.73 -8.23
C ARG F 274 -1.75 68.50 -9.13
N ASN F 275 -1.08 68.53 -10.27
CA ASN F 275 -1.01 67.37 -11.15
C ASN F 275 -0.27 66.21 -10.48
N LEU F 276 0.80 66.51 -9.75
CA LEU F 276 1.51 65.48 -8.97
C LEU F 276 0.62 64.87 -7.89
N ARG F 277 -0.18 65.71 -7.22
CA ARG F 277 -1.16 65.22 -6.25
C ARG F 277 -2.21 64.32 -6.92
N ARG F 278 -2.68 64.72 -8.11
CA ARG F 278 -3.61 63.90 -8.89
C ARG F 278 -3.01 62.53 -9.21
N ILE F 279 -1.76 62.49 -9.65
CA ILE F 279 -1.10 61.22 -9.99
C ILE F 279 -0.92 60.35 -8.74
N THR F 280 -0.49 60.95 -7.63
CA THR F 280 -0.30 60.21 -6.39
C THR F 280 -1.62 59.69 -5.85
N ARG F 281 -2.69 60.50 -5.94
CA ARG F 281 -4.02 60.08 -5.53
C ARG F 281 -4.53 58.92 -6.39
N MET F 282 -4.29 58.99 -7.70
CA MET F 282 -4.69 57.90 -8.60
C MET F 282 -3.98 56.60 -8.26
N VAL F 283 -2.68 56.68 -7.98
CA VAL F 283 -1.89 55.50 -7.59
C VAL F 283 -2.42 54.91 -6.29
N LEU F 284 -2.66 55.76 -5.29
CA LEU F 284 -3.18 55.28 -4.01
C LEU F 284 -4.57 54.70 -4.13
N VAL F 285 -5.42 55.26 -5.00
CA VAL F 285 -6.75 54.71 -5.25
C VAL F 285 -6.66 53.31 -5.86
N VAL F 286 -5.76 53.12 -6.85
CA VAL F 286 -5.60 51.81 -7.49
C VAL F 286 -5.10 50.77 -6.48
N VAL F 287 -4.07 51.12 -5.71
CA VAL F 287 -3.49 50.18 -4.73
C VAL F 287 -4.49 49.87 -3.62
N ALA F 288 -5.23 50.89 -3.16
CA ALA F 288 -6.21 50.69 -2.10
C ALA F 288 -7.38 49.84 -2.57
N VAL F 289 -7.86 50.04 -3.79
CA VAL F 289 -8.95 49.22 -4.34
C VAL F 289 -8.50 47.77 -4.46
N PHE F 290 -7.27 47.53 -4.94
CA PHE F 290 -6.73 46.18 -5.07
C PHE F 290 -6.64 45.47 -3.71
N ILE F 291 -6.06 46.15 -2.71
CA ILE F 291 -5.86 45.53 -1.40
C ILE F 291 -7.21 45.32 -0.69
N VAL F 292 -8.04 46.35 -0.63
CA VAL F 292 -9.32 46.30 0.08
C VAL F 292 -10.28 45.29 -0.58
N CYS F 293 -10.18 45.09 -1.89
CA CYS F 293 -11.04 44.09 -2.50
C CYS F 293 -10.52 42.67 -2.32
N TRP F 294 -9.22 42.41 -2.58
CA TRP F 294 -8.77 41.02 -2.53
C TRP F 294 -8.51 40.50 -1.12
N THR F 295 -8.27 41.39 -0.15
CA THR F 295 -7.93 40.95 1.22
C THR F 295 -9.02 40.14 1.94
N PRO F 296 -10.32 40.52 1.96
CA PRO F 296 -11.27 39.77 2.81
C PRO F 296 -11.56 38.36 2.33
N ILE F 297 -11.65 38.13 1.02
CA ILE F 297 -11.95 36.79 0.53
C ILE F 297 -10.80 35.83 0.82
N HIS F 298 -9.55 36.30 0.69
CA HIS F 298 -8.40 35.45 0.98
C HIS F 298 -8.29 35.16 2.48
N ILE F 299 -8.46 36.18 3.33
CA ILE F 299 -8.43 35.94 4.78
C ILE F 299 -9.59 35.05 5.22
N TYR F 300 -10.77 35.21 4.61
CA TYR F 300 -11.93 34.40 4.94
C TYR F 300 -11.72 32.94 4.54
N VAL F 301 -11.10 32.70 3.38
CA VAL F 301 -10.79 31.33 2.96
C VAL F 301 -9.76 30.69 3.88
N ILE F 302 -8.75 31.47 4.32
CA ILE F 302 -7.76 30.96 5.26
C ILE F 302 -8.39 30.60 6.60
N ILE F 303 -9.30 31.45 7.11
CA ILE F 303 -9.99 31.20 8.36
C ILE F 303 -10.91 29.98 8.25
N LYS F 304 -11.64 29.87 7.13
CA LYS F 304 -12.53 28.73 6.91
C LYS F 304 -11.74 27.41 6.80
N ALA F 305 -10.59 27.45 6.15
CA ALA F 305 -9.73 26.26 6.06
C ALA F 305 -9.17 25.88 7.43
N LEU F 306 -8.63 26.84 8.17
CA LEU F 306 -7.98 26.53 9.44
C LEU F 306 -9.00 26.19 10.52
N VAL F 307 -10.07 26.97 10.65
CA VAL F 307 -11.00 26.87 11.76
C VAL F 307 -12.38 26.54 11.20
N THR F 308 -12.96 25.43 11.66
CA THR F 308 -14.33 25.09 11.31
C THR F 308 -15.31 25.98 12.07
N ILE F 309 -16.24 26.59 11.36
CA ILE F 309 -17.21 27.51 11.95
C ILE F 309 -18.62 26.98 11.72
N PRO F 310 -19.53 27.12 12.69
CA PRO F 310 -20.89 26.58 12.51
C PRO F 310 -21.69 27.35 11.48
N GLU F 311 -22.55 26.62 10.77
CA GLU F 311 -23.32 27.16 9.67
C GLU F 311 -24.34 28.19 10.16
N THR F 312 -24.23 29.42 9.65
CA THR F 312 -25.10 30.52 10.02
C THR F 312 -25.47 31.26 8.75
N THR F 313 -26.61 31.96 8.77
CA THR F 313 -27.01 32.80 7.65
C THR F 313 -26.01 33.92 7.42
N PHE F 314 -25.48 34.49 8.52
CA PHE F 314 -24.45 35.52 8.45
C PHE F 314 -23.19 35.00 7.75
N GLN F 315 -22.84 33.74 7.98
CA GLN F 315 -21.70 33.12 7.29
C GLN F 315 -21.92 33.07 5.79
N THR F 316 -23.12 32.69 5.35
CA THR F 316 -23.45 32.64 3.93
C THR F 316 -23.42 34.03 3.29
N VAL F 317 -23.98 35.02 3.99
CA VAL F 317 -23.98 36.40 3.50
C VAL F 317 -22.55 36.94 3.40
N SER F 318 -21.71 36.67 4.40
CA SER F 318 -20.33 37.11 4.39
C SER F 318 -19.53 36.45 3.27
N TRP F 319 -19.71 35.13 3.08
CA TRP F 319 -19.03 34.39 2.03
C TRP F 319 -19.38 34.94 0.64
N HIS F 320 -20.67 35.06 0.34
CA HIS F 320 -21.09 35.60 -0.96
C HIS F 320 -20.69 37.07 -1.13
N PHE F 321 -20.72 37.85 -0.05
CA PHE F 321 -20.30 39.24 -0.12
C PHE F 321 -18.81 39.37 -0.44
N CYS F 322 -17.97 38.53 0.17
CA CYS F 322 -16.54 38.54 -0.12
C CYS F 322 -16.27 38.11 -1.57
N ILE F 323 -16.99 37.09 -2.06
CA ILE F 323 -16.86 36.67 -3.45
C ILE F 323 -17.30 37.79 -4.39
N ALA F 324 -18.37 38.51 -4.03
CA ALA F 324 -18.84 39.64 -4.80
C ALA F 324 -17.82 40.76 -4.84
N LEU F 325 -17.14 41.03 -3.72
CA LEU F 325 -16.07 42.04 -3.71
C LEU F 325 -14.90 41.63 -4.59
N GLY F 326 -14.55 40.33 -4.55
CA GLY F 326 -13.48 39.83 -5.41
C GLY F 326 -13.77 40.00 -6.88
N TYR F 327 -15.00 39.69 -7.31
CA TYR F 327 -15.39 39.99 -8.68
C TYR F 327 -15.55 41.48 -8.94
N THR F 328 -15.96 42.25 -7.91
CA THR F 328 -16.15 43.69 -8.03
C THR F 328 -14.85 44.40 -8.40
N ASN F 329 -13.72 43.90 -7.89
CA ASN F 329 -12.43 44.46 -8.32
C ASN F 329 -12.19 44.22 -9.81
N SER F 330 -12.51 43.02 -10.30
CA SER F 330 -12.40 42.72 -11.73
C SER F 330 -13.42 43.49 -12.57
N CYS F 331 -14.44 44.06 -11.93
CA CYS F 331 -15.40 44.90 -12.63
C CYS F 331 -14.98 46.36 -12.62
N LEU F 332 -14.34 46.82 -11.55
CA LEU F 332 -14.01 48.21 -11.34
C LEU F 332 -12.61 48.58 -11.85
N ASN F 333 -11.76 47.59 -12.10
CA ASN F 333 -10.47 47.87 -12.74
C ASN F 333 -10.54 48.46 -14.16
N PRO F 334 -11.45 48.04 -15.07
CA PRO F 334 -11.54 48.75 -16.36
C PRO F 334 -11.91 50.22 -16.25
N VAL F 335 -12.76 50.59 -15.28
CA VAL F 335 -13.13 52.00 -15.07
C VAL F 335 -11.89 52.84 -14.75
N LEU F 336 -11.17 52.44 -13.69
CA LEU F 336 -9.95 53.12 -13.24
C LEU F 336 -8.90 53.18 -14.34
N TYR F 337 -8.54 52.02 -14.90
CA TYR F 337 -7.46 51.98 -15.88
C TYR F 337 -7.82 52.66 -17.21
N ALA F 338 -9.07 52.57 -17.67
CA ALA F 338 -9.40 53.06 -18.99
C ALA F 338 -10.03 54.45 -19.00
N PHE F 339 -11.12 54.68 -18.24
CA PHE F 339 -11.84 55.94 -18.34
C PHE F 339 -11.03 57.09 -17.74
N LEU F 340 -10.36 56.85 -16.62
CA LEU F 340 -9.54 57.88 -15.99
C LEU F 340 -8.25 58.15 -16.77
N ASP F 341 -7.85 57.24 -17.65
CA ASP F 341 -6.69 57.44 -18.51
C ASP F 341 -6.91 58.63 -19.44
N GLU F 342 -5.84 59.43 -19.62
CA GLU F 342 -5.94 60.66 -20.40
C GLU F 342 -6.20 60.41 -21.87
N ASN F 343 -5.55 59.40 -22.45
CA ASN F 343 -5.67 59.12 -23.89
C ASN F 343 -7.09 58.72 -24.27
N PHE F 344 -7.70 57.83 -23.48
CA PHE F 344 -9.10 57.46 -23.71
C PHE F 344 -10.03 58.63 -23.47
N LYS F 345 -9.71 59.49 -22.49
CA LYS F 345 -10.51 60.69 -22.25
C LYS F 345 -10.45 61.64 -23.44
N ARG F 346 -9.28 61.77 -24.07
CA ARG F 346 -9.15 62.54 -25.30
C ARG F 346 -9.95 61.91 -26.44
N CYS F 347 -9.96 60.58 -26.50
CA CYS F 347 -10.76 59.88 -27.51
C CYS F 347 -12.26 60.12 -27.32
N PHE F 348 -12.72 60.11 -26.06
CA PHE F 348 -14.13 60.42 -25.78
C PHE F 348 -14.46 61.88 -26.09
N ARG F 349 -13.56 62.80 -25.77
CA ARG F 349 -13.80 64.21 -26.07
C ARG F 349 -13.84 64.47 -27.58
N GLU F 350 -12.90 63.88 -28.33
CA GLU F 350 -12.85 64.06 -29.78
C GLU F 350 -14.08 63.44 -30.45
N PHE F 351 -14.49 62.26 -30.00
CA PHE F 351 -15.64 61.59 -30.59
C PHE F 351 -16.89 61.74 -29.72
N VAL G 332 27.79 67.89 -20.25
CA VAL G 332 26.90 67.04 -21.01
C VAL G 332 25.93 66.42 -19.99
N GLN G 333 26.25 66.62 -18.71
CA GLN G 333 25.41 66.11 -17.63
C GLN G 333 24.06 66.83 -17.59
N PHE G 334 24.06 68.15 -17.77
CA PHE G 334 22.82 68.91 -17.80
C PHE G 334 21.95 68.54 -18.99
N VAL G 335 22.59 68.34 -20.16
CA VAL G 335 21.88 67.93 -21.37
C VAL G 335 21.29 66.53 -21.18
N PHE G 336 22.05 65.62 -20.58
CA PHE G 336 21.57 64.27 -20.32
C PHE G 336 20.42 64.26 -19.32
N ASP G 337 20.49 65.11 -18.29
CA ASP G 337 19.39 65.23 -17.34
C ASP G 337 18.14 65.79 -17.99
N ALA G 338 18.29 66.80 -18.85
CA ALA G 338 17.14 67.36 -19.56
C ALA G 338 16.50 66.34 -20.51
N VAL G 339 17.34 65.57 -21.21
CA VAL G 339 16.83 64.52 -22.10
C VAL G 339 16.12 63.42 -21.31
N THR G 340 16.71 63.02 -20.18
CA THR G 340 16.08 62.07 -19.26
C THR G 340 14.71 62.56 -18.78
N ASP G 341 14.61 63.84 -18.42
CA ASP G 341 13.34 64.41 -17.98
C ASP G 341 12.31 64.43 -19.12
N VAL G 342 12.76 64.74 -20.34
CA VAL G 342 11.86 64.72 -21.50
C VAL G 342 11.36 63.30 -21.78
N ILE G 343 12.24 62.30 -21.65
CA ILE G 343 11.83 60.91 -21.86
C ILE G 343 10.88 60.44 -20.76
N ILE G 344 11.09 60.88 -19.52
CA ILE G 344 10.16 60.57 -18.42
C ILE G 344 8.80 61.19 -18.68
N LYS G 345 8.77 62.45 -19.14
CA LYS G 345 7.52 63.11 -19.49
C LYS G 345 6.81 62.42 -20.64
N ASN G 346 7.56 62.00 -21.66
CA ASN G 346 6.98 61.29 -22.80
C ASN G 346 6.43 59.93 -22.39
N ASN G 347 7.14 59.21 -21.50
CA ASN G 347 6.65 57.92 -21.02
C ASN G 347 5.40 58.07 -20.18
N LEU G 348 5.34 59.10 -19.33
CA LEU G 348 4.14 59.33 -18.53
C LEU G 348 2.97 59.79 -19.39
N LYS G 349 3.23 60.57 -20.45
CA LYS G 349 2.18 60.96 -21.37
C LYS G 349 1.68 59.77 -22.19
N ASP G 350 2.60 58.89 -22.60
CA ASP G 350 2.22 57.70 -23.36
C ASP G 350 1.42 56.74 -22.50
N CYS G 351 1.81 56.58 -21.23
CA CYS G 351 0.97 55.86 -20.28
C CYS G 351 -0.32 56.63 -19.98
N GLY G 352 -0.26 57.95 -20.03
CA GLY G 352 -1.45 58.77 -19.87
C GLY G 352 -1.70 59.30 -18.46
N LEU G 353 -0.69 59.30 -17.59
CA LEU G 353 -0.90 59.84 -16.24
C LEU G 353 -1.05 61.35 -16.24
N PHE G 354 -0.32 62.04 -17.12
CA PHE G 354 -0.56 63.47 -17.35
C PHE G 354 -1.94 63.74 -17.93
#